data_1S4A
# 
_entry.id   1S4A 
# 
_audit_conform.dict_name       mmcif_pdbx.dic 
_audit_conform.dict_version    5.381 
_audit_conform.dict_location   http://mmcif.pdb.org/dictionaries/ascii/mmcif_pdbx.dic 
# 
loop_
_database_2.database_id 
_database_2.database_code 
_database_2.pdbx_database_accession 
_database_2.pdbx_DOI 
PDB   1S4A         pdb_00001s4a 10.2210/pdb1s4a/pdb 
RCSB  RCSB021348   ?            ?                   
WWPDB D_1000021348 ?            ?                   
# 
loop_
_pdbx_database_related.db_name 
_pdbx_database_related.db_id 
_pdbx_database_related.details 
_pdbx_database_related.content_type 
PDB 1R9V 'D,L-alternating dodecamer of norleucine with BOC as N-terminal group.'    unspecified 
PDB 1S1O 'D,L-alternating pentadecamer of norleucine with BOC as N-terminal group.' unspecified 
# 
_pdbx_database_status.status_code                     REL 
_pdbx_database_status.entry_id                        1S4A 
_pdbx_database_status.recvd_initial_deposition_date   2004-01-15 
_pdbx_database_status.deposit_site                    RCSB 
_pdbx_database_status.process_site                    RCSB 
_pdbx_database_status.status_code_mr                  REL 
_pdbx_database_status.SG_entry                        . 
_pdbx_database_status.status_code_sf                  ? 
_pdbx_database_status.status_code_cs                  ? 
_pdbx_database_status.methods_development_category    ? 
_pdbx_database_status.pdb_format_compatible           Y 
_pdbx_database_status.status_code_nmr_data            ? 
# 
loop_
_audit_author.name 
_audit_author.pdbx_ordinal 
'Navarro, E.' 1 
'Fenude, E.'  2 
'Celda, B.'   3 
# 
_citation.id                        primary 
_citation.title                     
;Conformational and structural analysis of the equilibrium between single- and double-strand beta-helix of a D,L-alternating oligonorleucine.
;
_citation.journal_abbrev            Biopolymers 
_citation.journal_volume            73 
_citation.page_first                229 
_citation.page_last                 241 
_citation.year                      2004 
_citation.journal_id_ASTM           BIPMAA 
_citation.country                   US 
_citation.journal_id_ISSN           0006-3525 
_citation.journal_id_CSD            0161 
_citation.book_publisher            ? 
_citation.pdbx_database_id_PubMed   14755580 
_citation.pdbx_database_id_DOI      10.1002/bip.10549 
# 
loop_
_citation_author.citation_id 
_citation_author.name 
_citation_author.ordinal 
_citation_author.identifier_ORCID 
primary 'Navarro, E.' 1 ? 
primary 'Fenude, E.'  2 ? 
primary 'Celda, B.'   3 ? 
# 
_cell.entry_id           1S4A 
_cell.length_a           1.000 
_cell.length_b           1.000 
_cell.length_c           1.000 
_cell.angle_alpha        90.00 
_cell.angle_beta         90.00 
_cell.angle_gamma        90.00 
_cell.Z_PDB              1 
_cell.pdbx_unique_axis   ? 
# 
_symmetry.entry_id                         1S4A 
_symmetry.space_group_name_H-M             'P 1' 
_symmetry.pdbx_full_space_group_name_H-M   ? 
_symmetry.cell_setting                     ? 
_symmetry.Int_Tables_number                1 
# 
_entity.id                         1 
_entity.type                       polymer 
_entity.src_method                 syn 
_entity.pdbx_description           'HCO-(D-Nle-L-Nle)3-D-MeNle-L-Nle-D-Nle-L-Nle-OMe' 
_entity.formula_weight             1205.655 
_entity.pdbx_number_of_molecules   2 
_entity.pdbx_ec                    ? 
_entity.pdbx_mutation              ? 
_entity.pdbx_fragment              ? 
_entity.details                    ? 
# 
_entity_poly.entity_id                      1 
_entity_poly.type                           'polypeptide(L)' 
_entity_poly.nstd_linkage                   no 
_entity_poly.nstd_monomer                   yes 
_entity_poly.pdbx_seq_one_letter_code       '(DNG)(NLE)(DNE)(NLE)(DNE)(NLE)(DNM)(NLE)(DNE)(NLO)' 
_entity_poly.pdbx_seq_one_letter_code_can   XLLLLLXLLL 
_entity_poly.pdbx_strand_id                 A,B 
_entity_poly.pdbx_target_identifier         ? 
# 
loop_
_entity_poly_seq.entity_id 
_entity_poly_seq.num 
_entity_poly_seq.mon_id 
_entity_poly_seq.hetero 
1 1  DNG n 
1 2  NLE n 
1 3  DNE n 
1 4  NLE n 
1 5  DNE n 
1 6  NLE n 
1 7  DNM n 
1 8  NLE n 
1 9  DNE n 
1 10 NLO n 
# 
_pdbx_entity_src_syn.entity_id              1 
_pdbx_entity_src_syn.pdbx_src_id            1 
_pdbx_entity_src_syn.pdbx_alt_source_flag   sample 
_pdbx_entity_src_syn.pdbx_beg_seq_num       ? 
_pdbx_entity_src_syn.pdbx_end_seq_num       ? 
_pdbx_entity_src_syn.organism_scientific    ? 
_pdbx_entity_src_syn.organism_common_name   ? 
_pdbx_entity_src_syn.ncbi_taxonomy_id       ? 
_pdbx_entity_src_syn.details                'The peptide was chemimcally synthesized.' 
# 
_struct_ref.id                         1 
_struct_ref.entity_id                  1 
_struct_ref.db_name                    PDB 
_struct_ref.db_code                    1S4A 
_struct_ref.pdbx_db_accession          1S4A 
_struct_ref.pdbx_align_begin           ? 
_struct_ref.pdbx_seq_one_letter_code   ? 
_struct_ref.pdbx_db_isoform            ? 
# 
loop_
_struct_ref_seq.align_id 
_struct_ref_seq.ref_id 
_struct_ref_seq.pdbx_PDB_id_code 
_struct_ref_seq.pdbx_strand_id 
_struct_ref_seq.seq_align_beg 
_struct_ref_seq.pdbx_seq_align_beg_ins_code 
_struct_ref_seq.seq_align_end 
_struct_ref_seq.pdbx_seq_align_end_ins_code 
_struct_ref_seq.pdbx_db_accession 
_struct_ref_seq.db_align_beg 
_struct_ref_seq.pdbx_db_align_beg_ins_code 
_struct_ref_seq.db_align_end 
_struct_ref_seq.pdbx_db_align_end_ins_code 
_struct_ref_seq.pdbx_auth_seq_align_beg 
_struct_ref_seq.pdbx_auth_seq_align_end 
1 1 1S4A A 1 ? 10 ? 1S4A 1 ? 10 ? 1 10 
2 1 1S4A B 1 ? 10 ? 1S4A 1 ? 10 ? 1 10 
# 
loop_
_chem_comp.id 
_chem_comp.type 
_chem_comp.mon_nstd_flag 
_chem_comp.name 
_chem_comp.pdbx_synonyms 
_chem_comp.formula 
_chem_comp.formula_weight 
DNE 'D-peptide linking' . D-NORLEUCINE          ? 'C6 H13 N O2' 131.173 
DNG 'D-peptide linking' . N-FORMYL-D-NORLEUCINE ? 'C7 H13 N O3' 159.183 
DNM 'D-peptide linking' . N-methyl-D-norleucine ? 'C7 H15 N O2' 145.199 
NLE 'L-peptide linking' n NORLEUCINE            ? 'C6 H13 N O2' 131.173 
NLO 'L-peptide linking' n O-METHYL-L-NORLEUCINE ? 'C7 H15 N O2' 145.199 
# 
loop_
_pdbx_nmr_exptl.experiment_id 
_pdbx_nmr_exptl.solution_id 
_pdbx_nmr_exptl.conditions_id 
_pdbx_nmr_exptl.type 
1 1 1 '2D TOCSY' 
2 1 1 ROESY      
3 1 1 HSQC       
# 
_pdbx_nmr_exptl_sample_conditions.conditions_id       1 
_pdbx_nmr_exptl_sample_conditions.temperature         298 
_pdbx_nmr_exptl_sample_conditions.pressure            ambient 
_pdbx_nmr_exptl_sample_conditions.pH                  ? 
_pdbx_nmr_exptl_sample_conditions.ionic_strength      ? 
_pdbx_nmr_exptl_sample_conditions.pressure_units      ? 
_pdbx_nmr_exptl_sample_conditions.temperature_units   K 
# 
_pdbx_nmr_sample_details.solution_id      1 
_pdbx_nmr_sample_details.contents         'HXMe 5mM' 
_pdbx_nmr_sample_details.solvent_system   d-chloroform 
# 
_pdbx_nmr_spectrometer.spectrometer_id   1 
_pdbx_nmr_spectrometer.type              ? 
_pdbx_nmr_spectrometer.manufacturer      Bruker 
_pdbx_nmr_spectrometer.model             AVANCE 
_pdbx_nmr_spectrometer.field_strength    500 
# 
_pdbx_nmr_refine.entry_id           1S4A 
_pdbx_nmr_refine.method             'molecular dynamics' 
_pdbx_nmr_refine.details            
'This structures are based on a total of 130 distance restraints, where 80 are between backbone protons.' 
_pdbx_nmr_refine.software_ordinal   1 
# 
_pdbx_nmr_details.entry_id   1S4A 
_pdbx_nmr_details.text       'This structure was determined using standard 2D homonuclear techniques' 
# 
_pdbx_nmr_ensemble.entry_id                                      1S4A 
_pdbx_nmr_ensemble.conformers_calculated_total_number            50 
_pdbx_nmr_ensemble.conformers_submitted_total_number             5 
_pdbx_nmr_ensemble.conformer_selection_criteria                  'structures with the lowest energy' 
_pdbx_nmr_ensemble.average_constraints_per_residue               ? 
_pdbx_nmr_ensemble.average_constraint_violations_per_residue     ? 
_pdbx_nmr_ensemble.maximum_distance_constraint_violation         ? 
_pdbx_nmr_ensemble.average_distance_constraint_violation         ? 
_pdbx_nmr_ensemble.maximum_upper_distance_constraint_violation   ? 
_pdbx_nmr_ensemble.maximum_lower_distance_constraint_violation   ? 
_pdbx_nmr_ensemble.distance_constraint_violation_method          ? 
_pdbx_nmr_ensemble.maximum_torsion_angle_constraint_violation    ? 
_pdbx_nmr_ensemble.average_torsion_angle_constraint_violation    ? 
_pdbx_nmr_ensemble.torsion_angle_constraint_violation_method     ? 
# 
_pdbx_nmr_representative.entry_id             1S4A 
_pdbx_nmr_representative.conformer_id         1 
_pdbx_nmr_representative.selection_criteria   'lowest energy' 
# 
loop_
_pdbx_nmr_software.name 
_pdbx_nmr_software.version 
_pdbx_nmr_software.classification 
_pdbx_nmr_software.authors 
_pdbx_nmr_software.ordinal 
Discover 2.9.7 'structure solution' BIOSYM 1 
XwinNMR  ?     collection           Bruker 2 
Discover 2.9.7 refinement           BIOSYM 3 
# 
_exptl.entry_id          1S4A 
_exptl.method            'SOLUTION NMR' 
_exptl.crystals_number   ? 
# 
_exptl_crystal.id                    1 
_exptl_crystal.density_meas          ? 
_exptl_crystal.density_percent_sol   ? 
_exptl_crystal.description           ? 
_exptl_crystal.density_Matthews      ? 
# 
_diffrn.id                     1 
_diffrn.ambient_temp           ? 
_diffrn.ambient_temp_details   ? 
_diffrn.crystal_id             1 
# 
_diffrn_radiation.diffrn_id                        1 
_diffrn_radiation.wavelength_id                    1 
_diffrn_radiation.pdbx_monochromatic_or_laue_m_l   M 
_diffrn_radiation.monochromator                    ? 
_diffrn_radiation.pdbx_diffrn_protocol             'SINGLE WAVELENGTH' 
_diffrn_radiation.pdbx_scattering_type             x-ray 
# 
_diffrn_radiation_wavelength.id           1 
_diffrn_radiation_wavelength.wavelength   . 
_diffrn_radiation_wavelength.wt           1.0 
# 
_struct.entry_id                  1S4A 
_struct.title                     'NMR Structure of a D,L alternating decamer of norleucine: double antiparallel beta-helix' 
_struct.pdbx_model_details        ? 
_struct.pdbx_CASP_flag            ? 
_struct.pdbx_model_type_details   ? 
# 
_struct_keywords.entry_id        1S4A 
_struct_keywords.pdbx_keywords   'DE NOVO PROTEIN' 
_struct_keywords.text            'D, L-alternating, norleucine, Beta-helix, Gramicidin, DE NOVO PROTEIN' 
# 
loop_
_struct_asym.id 
_struct_asym.pdbx_blank_PDB_chainid_flag 
_struct_asym.pdbx_modified 
_struct_asym.entity_id 
_struct_asym.details 
A N N 1 ? 
B N N 1 ? 
# 
_struct_biol.id        1 
_struct_biol.details   ? 
# 
loop_
_struct_conn.id 
_struct_conn.conn_type_id 
_struct_conn.pdbx_leaving_atom_flag 
_struct_conn.pdbx_PDB_id 
_struct_conn.ptnr1_label_asym_id 
_struct_conn.ptnr1_label_comp_id 
_struct_conn.ptnr1_label_seq_id 
_struct_conn.ptnr1_label_atom_id 
_struct_conn.pdbx_ptnr1_label_alt_id 
_struct_conn.pdbx_ptnr1_PDB_ins_code 
_struct_conn.pdbx_ptnr1_standard_comp_id 
_struct_conn.ptnr1_symmetry 
_struct_conn.ptnr2_label_asym_id 
_struct_conn.ptnr2_label_comp_id 
_struct_conn.ptnr2_label_seq_id 
_struct_conn.ptnr2_label_atom_id 
_struct_conn.pdbx_ptnr2_label_alt_id 
_struct_conn.pdbx_ptnr2_PDB_ins_code 
_struct_conn.ptnr1_auth_asym_id 
_struct_conn.ptnr1_auth_comp_id 
_struct_conn.ptnr1_auth_seq_id 
_struct_conn.ptnr2_auth_asym_id 
_struct_conn.ptnr2_auth_comp_id 
_struct_conn.ptnr2_auth_seq_id 
_struct_conn.ptnr2_symmetry 
_struct_conn.pdbx_ptnr3_label_atom_id 
_struct_conn.pdbx_ptnr3_label_seq_id 
_struct_conn.pdbx_ptnr3_label_comp_id 
_struct_conn.pdbx_ptnr3_label_asym_id 
_struct_conn.pdbx_ptnr3_label_alt_id 
_struct_conn.pdbx_ptnr3_PDB_ins_code 
_struct_conn.details 
_struct_conn.pdbx_dist_value 
_struct_conn.pdbx_value_order 
_struct_conn.pdbx_role 
covale1  covale both ? A DNG 1 C ? ? ? 1_555 A NLE 2  N ? ? A DNG 1 A NLE 2  1_555 ? ? ? ? ? ? ? 1.333 ? ? 
covale2  covale both ? A NLE 2 C ? ? ? 1_555 A DNE 3  N ? ? A NLE 2 A DNE 3  1_555 ? ? ? ? ? ? ? 1.332 ? ? 
covale3  covale both ? A DNE 3 C ? ? ? 1_555 A NLE 4  N ? ? A DNE 3 A NLE 4  1_555 ? ? ? ? ? ? ? 1.331 ? ? 
covale4  covale both ? A NLE 4 C ? ? ? 1_555 A DNE 5  N ? ? A NLE 4 A DNE 5  1_555 ? ? ? ? ? ? ? 1.330 ? ? 
covale5  covale both ? A DNE 5 C ? ? ? 1_555 A NLE 6  N ? ? A DNE 5 A NLE 6  1_555 ? ? ? ? ? ? ? 1.336 ? ? 
covale6  covale both ? A NLE 6 C ? ? ? 1_555 A DNM 7  N ? ? A NLE 6 A DNM 7  1_555 ? ? ? ? ? ? ? 1.349 ? ? 
covale7  covale both ? A DNM 7 C ? ? ? 1_555 A NLE 8  N ? ? A DNM 7 A NLE 8  1_555 ? ? ? ? ? ? ? 1.333 ? ? 
covale8  covale both ? A NLE 8 C ? ? ? 1_555 A DNE 9  N ? ? A NLE 8 A DNE 9  1_555 ? ? ? ? ? ? ? 1.333 ? ? 
covale9  covale both ? A DNE 9 C ? ? ? 1_555 A NLO 10 N ? ? A DNE 9 A NLO 10 1_555 ? ? ? ? ? ? ? 1.335 ? ? 
covale10 covale both ? B DNG 1 C ? ? ? 1_555 B NLE 2  N ? ? B DNG 1 B NLE 2  1_555 ? ? ? ? ? ? ? 1.332 ? ? 
covale11 covale both ? B NLE 2 C ? ? ? 1_555 B DNE 3  N ? ? B NLE 2 B DNE 3  1_555 ? ? ? ? ? ? ? 1.335 ? ? 
covale12 covale both ? B DNE 3 C ? ? ? 1_555 B NLE 4  N ? ? B DNE 3 B NLE 4  1_555 ? ? ? ? ? ? ? 1.330 ? ? 
covale13 covale both ? B NLE 4 C ? ? ? 1_555 B DNE 5  N ? ? B NLE 4 B DNE 5  1_555 ? ? ? ? ? ? ? 1.331 ? ? 
covale14 covale both ? B DNE 5 C ? ? ? 1_555 B NLE 6  N ? ? B DNE 5 B NLE 6  1_555 ? ? ? ? ? ? ? 1.335 ? ? 
covale15 covale both ? B NLE 6 C ? ? ? 1_555 B DNM 7  N ? ? B NLE 6 B DNM 7  1_555 ? ? ? ? ? ? ? 1.347 ? ? 
covale16 covale both ? B DNM 7 C ? ? ? 1_555 B NLE 8  N ? ? B DNM 7 B NLE 8  1_555 ? ? ? ? ? ? ? 1.335 ? ? 
covale17 covale both ? B NLE 8 C ? ? ? 1_555 B DNE 9  N ? ? B NLE 8 B DNE 9  1_555 ? ? ? ? ? ? ? 1.333 ? ? 
covale18 covale both ? B DNE 9 C ? ? ? 1_555 B NLO 10 N ? ? B DNE 9 B NLO 10 1_555 ? ? ? ? ? ? ? 1.329 ? ? 
# 
_struct_conn_type.id          covale 
_struct_conn_type.criteria    ? 
_struct_conn_type.reference   ? 
# 
_struct_sheet.id               A 
_struct_sheet.type             ? 
_struct_sheet.number_strands   2 
_struct_sheet.details          ? 
# 
_struct_sheet_order.sheet_id     A 
_struct_sheet_order.range_id_1   1 
_struct_sheet_order.range_id_2   2 
_struct_sheet_order.offset       ? 
_struct_sheet_order.sense        anti-parallel 
# 
loop_
_struct_sheet_range.sheet_id 
_struct_sheet_range.id 
_struct_sheet_range.beg_label_comp_id 
_struct_sheet_range.beg_label_asym_id 
_struct_sheet_range.beg_label_seq_id 
_struct_sheet_range.pdbx_beg_PDB_ins_code 
_struct_sheet_range.end_label_comp_id 
_struct_sheet_range.end_label_asym_id 
_struct_sheet_range.end_label_seq_id 
_struct_sheet_range.pdbx_end_PDB_ins_code 
_struct_sheet_range.beg_auth_comp_id 
_struct_sheet_range.beg_auth_asym_id 
_struct_sheet_range.beg_auth_seq_id 
_struct_sheet_range.end_auth_comp_id 
_struct_sheet_range.end_auth_asym_id 
_struct_sheet_range.end_auth_seq_id 
A 1 NLE A 2 ? DNM A 7 ? NLE A 2 DNM A 7 
A 2 NLE B 2 ? NLE B 8 ? NLE B 2 NLE B 8 
# 
_pdbx_struct_sheet_hbond.sheet_id                A 
_pdbx_struct_sheet_hbond.range_id_1              1 
_pdbx_struct_sheet_hbond.range_id_2              2 
_pdbx_struct_sheet_hbond.range_1_label_atom_id   N 
_pdbx_struct_sheet_hbond.range_1_label_comp_id   NLE 
_pdbx_struct_sheet_hbond.range_1_label_asym_id   A 
_pdbx_struct_sheet_hbond.range_1_label_seq_id    2 
_pdbx_struct_sheet_hbond.range_1_PDB_ins_code    ? 
_pdbx_struct_sheet_hbond.range_1_auth_atom_id    N 
_pdbx_struct_sheet_hbond.range_1_auth_comp_id    NLE 
_pdbx_struct_sheet_hbond.range_1_auth_asym_id    A 
_pdbx_struct_sheet_hbond.range_1_auth_seq_id     2 
_pdbx_struct_sheet_hbond.range_2_label_atom_id   O 
_pdbx_struct_sheet_hbond.range_2_label_comp_id   NLE 
_pdbx_struct_sheet_hbond.range_2_label_asym_id   B 
_pdbx_struct_sheet_hbond.range_2_label_seq_id    8 
_pdbx_struct_sheet_hbond.range_2_PDB_ins_code    ? 
_pdbx_struct_sheet_hbond.range_2_auth_atom_id    O 
_pdbx_struct_sheet_hbond.range_2_auth_comp_id    NLE 
_pdbx_struct_sheet_hbond.range_2_auth_asym_id    B 
_pdbx_struct_sheet_hbond.range_2_auth_seq_id     8 
# 
_atom_sites.entry_id                    1S4A 
_atom_sites.fract_transf_matrix[1][1]   1.000000 
_atom_sites.fract_transf_matrix[1][2]   0.000000 
_atom_sites.fract_transf_matrix[1][3]   0.000000 
_atom_sites.fract_transf_matrix[2][1]   0.000000 
_atom_sites.fract_transf_matrix[2][2]   1.000000 
_atom_sites.fract_transf_matrix[2][3]   0.000000 
_atom_sites.fract_transf_matrix[3][1]   0.000000 
_atom_sites.fract_transf_matrix[3][2]   0.000000 
_atom_sites.fract_transf_matrix[3][3]   1.000000 
_atom_sites.fract_transf_vector[1]      0.00000 
_atom_sites.fract_transf_vector[2]      0.00000 
_atom_sites.fract_transf_vector[3]      0.00000 
# 
loop_
_atom_type.symbol 
C 
H 
N 
O 
# 
loop_
_atom_site.group_PDB 
_atom_site.id 
_atom_site.type_symbol 
_atom_site.label_atom_id 
_atom_site.label_alt_id 
_atom_site.label_comp_id 
_atom_site.label_asym_id 
_atom_site.label_entity_id 
_atom_site.label_seq_id 
_atom_site.pdbx_PDB_ins_code 
_atom_site.Cartn_x 
_atom_site.Cartn_y 
_atom_site.Cartn_z 
_atom_site.occupancy 
_atom_site.B_iso_or_equiv 
_atom_site.pdbx_formal_charge 
_atom_site.auth_seq_id 
_atom_site.auth_comp_id 
_atom_site.auth_asym_id 
_atom_site.auth_atom_id 
_atom_site.pdbx_PDB_model_num 
HETATM 1    C C   . DNG A 1 1  ? -5.017  0.889   -1.976  1.00 1.00 ? 1  DNG A C   1 
HETATM 2    N N   . DNG A 1 1  ? -5.625  -0.137  -4.090  1.00 1.00 ? 1  DNG A N   1 
HETATM 3    O O   . DNG A 1 1  ? -4.572  1.931   -1.494  1.00 1.00 ? 1  DNG A O   1 
HETATM 4    C C1  . DNG A 1 1  ? -6.393  -1.153  -4.470  1.00 1.00 ? 1  DNG A C1  1 
HETATM 5    O O1  . DNG A 1 1  ? -7.561  -1.296  -4.117  1.00 1.00 ? 1  DNG A O1  1 
HETATM 6    C CA  . DNG A 1 1  ? -6.002  0.907   -3.150  1.00 1.00 ? 1  DNG A CA  1 
HETATM 7    C CB  . DNG A 1 1  ? -6.022  2.267   -3.862  1.00 1.00 ? 1  DNG A CB  1 
HETATM 8    C CD  . DNG A 1 1  ? -7.261  3.678   -5.584  1.00 1.00 ? 1  DNG A CD  1 
HETATM 9    C CE  . DNG A 1 1  ? -5.986  4.323   -6.134  1.00 1.00 ? 1  DNG A CE  1 
HETATM 10   C CG  . DNG A 1 1  ? -7.010  2.267   -5.036  1.00 1.00 ? 1  DNG A CG  1 
HETATM 11   H H   . DNG A 1 1  ? -4.683  -0.075  -4.459  1.00 1.00 ? 1  DNG A H   1 
HETATM 12   H HC1 . DNG A 1 1  ? -5.845  -1.828  -5.128  1.00 1.00 ? 1  DNG A HC1 1 
HETATM 13   H HA  . DNG A 1 1  ? -6.995  0.712   -2.743  1.00 1.00 ? 1  DNG A HA  1 
HETATM 14   H HB  . DNG A 1 1  ? -6.325  3.030   -3.144  1.00 1.00 ? 1  DNG A HB  1 
HETATM 15   H HBA . DNG A 1 1  ? -5.019  2.498   -4.220  1.00 1.00 ? 1  DNG A HBA 1 
HETATM 16   H HD  . DNG A 1 1  ? -7.675  4.309   -4.796  1.00 1.00 ? 1  DNG A HD  1 
HETATM 17   H HDA . DNG A 1 1  ? -7.991  3.608   -6.391  1.00 1.00 ? 1  DNG A HDA 1 
HETATM 18   H HE  . DNG A 1 1  ? -5.280  4.517   -5.327  1.00 1.00 ? 1  DNG A HE  1 
HETATM 19   H HEA . DNG A 1 1  ? -6.239  5.272   -6.609  1.00 1.00 ? 1  DNG A HEA 1 
HETATM 20   H HEB . DNG A 1 1  ? -5.525  3.668   -6.874  1.00 1.00 ? 1  DNG A HEB 1 
HETATM 21   H HG  . DNG A 1 1  ? -7.964  1.859   -4.697  1.00 1.00 ? 1  DNG A HG  1 
HETATM 22   H HGA . DNG A 1 1  ? -6.630  1.633   -5.839  1.00 1.00 ? 1  DNG A HGA 1 
HETATM 23   N N   . NLE A 1 2  ? -4.671  -0.307  -1.501  1.00 1.00 ? 2  NLE A N   1 
HETATM 24   C CA  . NLE A 1 2  ? -3.949  -0.507  -0.259  1.00 1.00 ? 2  NLE A CA  1 
HETATM 25   C C   . NLE A 1 2  ? -3.201  -1.834  -0.235  1.00 1.00 ? 2  NLE A C   1 
HETATM 26   O O   . NLE A 1 2  ? -3.350  -2.659  -1.132  1.00 1.00 ? 2  NLE A O   1 
HETATM 27   C CB  . NLE A 1 2  ? -4.911  -0.349  0.930   1.00 1.00 ? 2  NLE A CB  1 
HETATM 28   C CG  . NLE A 1 2  ? -6.080  -1.345  0.878   1.00 1.00 ? 2  NLE A CG  1 
HETATM 29   C CD  . NLE A 1 2  ? -7.112  -1.078  1.980   1.00 1.00 ? 2  NLE A CD  1 
HETATM 30   C CE  . NLE A 1 2  ? -6.562  -1.321  3.389   1.00 1.00 ? 2  NLE A CE  1 
HETATM 31   H H   . NLE A 1 2  ? -4.937  -1.131  -2.017  1.00 1.00 ? 2  NLE A H   1 
HETATM 32   H HA  . NLE A 1 2  ? -3.182  0.244   -0.183  1.00 1.00 ? 2  NLE A HA  1 
HETATM 33   H HB2 . NLE A 1 2  ? -4.353  -0.481  1.857   1.00 1.00 ? 2  NLE A HB2 1 
HETATM 34   H HB3 . NLE A 1 2  ? -5.313  0.665   0.923   1.00 1.00 ? 2  NLE A HB3 1 
HETATM 35   H HG2 . NLE A 1 2  ? -6.590  -1.260  -0.083  1.00 1.00 ? 2  NLE A HG2 1 
HETATM 36   H HG3 . NLE A 1 2  ? -5.706  -2.363  0.972   1.00 1.00 ? 2  NLE A HG3 1 
HETATM 37   H HD2 . NLE A 1 2  ? -7.474  -0.051  1.904   1.00 1.00 ? 2  NLE A HD2 1 
HETATM 38   H HD3 . NLE A 1 2  ? -7.955  -1.751  1.830   1.00 1.00 ? 2  NLE A HD3 1 
HETATM 39   H HE1 . NLE A 1 2  ? -5.769  -0.611  3.622   1.00 1.00 ? 2  NLE A HE1 1 
HETATM 40   H HE2 . NLE A 1 2  ? -7.365  -1.191  4.114   1.00 1.00 ? 2  NLE A HE2 1 
HETATM 41   H HE3 . NLE A 1 2  ? -6.179  -2.337  3.468   1.00 1.00 ? 2  NLE A HE3 1 
HETATM 42   N N   . DNE A 1 3  ? -2.403  -2.023  0.816   1.00 1.00 ? 3  DNE A N   1 
HETATM 43   C CA  . DNE A 1 3  ? -1.667  -3.238  1.108   1.00 1.00 ? 3  DNE A CA  1 
HETATM 44   C C   . DNE A 1 3  ? -0.191  -2.957  0.853   1.00 1.00 ? 3  DNE A C   1 
HETATM 45   O O   . DNE A 1 3  ? 0.524   -2.514  1.753   1.00 1.00 ? 3  DNE A O   1 
HETATM 46   C CB  . DNE A 1 3  ? -1.913  -3.622  2.571   1.00 1.00 ? 3  DNE A CB  1 
HETATM 47   C CG  . DNE A 1 3  ? -3.404  -3.850  2.842   1.00 1.00 ? 3  DNE A CG  1 
HETATM 48   C CD  . DNE A 1 3  ? -3.688  -4.206  4.306   1.00 1.00 ? 3  DNE A CD  1 
HETATM 49   C CE  . DNE A 1 3  ? -3.363  -3.057  5.268   1.00 1.00 ? 3  DNE A CE  1 
HETATM 50   H H   . DNE A 1 3  ? -2.292  -1.259  1.478   1.00 1.00 ? 3  DNE A H   1 
HETATM 51   H HA  . DNE A 1 3  ? -1.996  -4.062  0.471   1.00 1.00 ? 3  DNE A HA  1 
HETATM 52   H HB2 . DNE A 1 3  ? -1.369  -4.542  2.781   1.00 1.00 ? 3  DNE A HB2 1 
HETATM 53   H HB3 . DNE A 1 3  ? -1.539  -2.826  3.214   1.00 1.00 ? 3  DNE A HB3 1 
HETATM 54   H HG2 . DNE A 1 3  ? -3.981  -2.966  2.564   1.00 1.00 ? 3  DNE A HG2 1 
HETATM 55   H HG3 . DNE A 1 3  ? -3.723  -4.681  2.218   1.00 1.00 ? 3  DNE A HG3 1 
HETATM 56   H HD2 . DNE A 1 3  ? -4.749  -4.438  4.402   1.00 1.00 ? 3  DNE A HD2 1 
HETATM 57   H HD3 . DNE A 1 3  ? -3.115  -5.089  4.589   1.00 1.00 ? 3  DNE A HD3 1 
HETATM 58   H HE1 . DNE A 1 3  ? -3.726  -3.311  6.264   1.00 1.00 ? 3  DNE A HE1 1 
HETATM 59   H HE2 . DNE A 1 3  ? -2.288  -2.893  5.325   1.00 1.00 ? 3  DNE A HE2 1 
HETATM 60   H HE3 . DNE A 1 3  ? -3.853  -2.141  4.936   1.00 1.00 ? 3  DNE A HE3 1 
HETATM 61   N N   . NLE A 1 4  ? 0.263   -3.183  -0.378  1.00 1.00 ? 4  NLE A N   1 
HETATM 62   C CA  . NLE A 1 4  ? 1.629   -2.867  -0.774  1.00 1.00 ? 4  NLE A CA  1 
HETATM 63   C C   . NLE A 1 4  ? 1.605   -1.477  -1.415  1.00 1.00 ? 4  NLE A C   1 
HETATM 64   O O   . NLE A 1 4  ? 0.545   -1.003  -1.810  1.00 1.00 ? 4  NLE A O   1 
HETATM 65   C CB  . NLE A 1 4  ? 2.202   -3.920  -1.730  1.00 1.00 ? 4  NLE A CB  1 
HETATM 66   C CG  . NLE A 1 4  ? 2.157   -5.323  -1.108  1.00 1.00 ? 4  NLE A CG  1 
HETATM 67   C CD  . NLE A 1 4  ? 2.869   -6.372  -1.973  1.00 1.00 ? 4  NLE A CD  1 
HETATM 68   C CE  . NLE A 1 4  ? 4.391   -6.197  -1.977  1.00 1.00 ? 4  NLE A CE  1 
HETATM 69   H H   . NLE A 1 4  ? -0.372  -3.526  -1.099  1.00 1.00 ? 4  NLE A H   1 
HETATM 70   H HA  . NLE A 1 4  ? 2.280   -2.873  0.097   1.00 1.00 ? 4  NLE A HA  1 
HETATM 71   H HB2 . NLE A 1 4  ? 1.661   -3.917  -2.676  1.00 1.00 ? 4  NLE A HB2 1 
HETATM 72   H HB3 . NLE A 1 4  ? 3.237   -3.645  -1.932  1.00 1.00 ? 4  NLE A HB3 1 
HETATM 73   H HG2 . NLE A 1 4  ? 2.615   -5.302  -0.118  1.00 1.00 ? 4  NLE A HG2 1 
HETATM 74   H HG3 . NLE A 1 4  ? 1.114   -5.624  -0.999  1.00 1.00 ? 4  NLE A HG3 1 
HETATM 75   H HD2 . NLE A 1 4  ? 2.643   -7.358  -1.566  1.00 1.00 ? 4  NLE A HD2 1 
HETATM 76   H HD3 . NLE A 1 4  ? 2.497   -6.325  -2.997  1.00 1.00 ? 4  NLE A HD3 1 
HETATM 77   H HE1 . NLE A 1 4  ? 4.769   -6.184  -0.954  1.00 1.00 ? 4  NLE A HE1 1 
HETATM 78   H HE2 . NLE A 1 4  ? 4.846   -7.032  -2.511  1.00 1.00 ? 4  NLE A HE2 1 
HETATM 79   H HE3 . NLE A 1 4  ? 4.675   -5.272  -2.479  1.00 1.00 ? 4  NLE A HE3 1 
HETATM 80   N N   . DNE A 1 5  ? 2.758   -0.827  -1.549  1.00 1.00 ? 5  DNE A N   1 
HETATM 81   C CA  . DNE A 1 5  ? 2.910   0.404   -2.312  1.00 1.00 ? 5  DNE A CA  1 
HETATM 82   C C   . DNE A 1 5  ? 3.632   1.483   -1.502  1.00 1.00 ? 5  DNE A C   1 
HETATM 83   O O   . DNE A 1 5  ? 4.857   1.454   -1.423  1.00 1.00 ? 5  DNE A O   1 
HETATM 84   C CB  . DNE A 1 5  ? 3.703   0.002   -3.554  1.00 1.00 ? 5  DNE A CB  1 
HETATM 85   C CG  . DNE A 1 5  ? 4.087   1.138   -4.512  1.00 1.00 ? 5  DNE A CG  1 
HETATM 86   C CD  . DNE A 1 5  ? 2.853   1.871   -5.047  1.00 1.00 ? 5  DNE A CD  1 
HETATM 87   C CE  . DNE A 1 5  ? 3.251   2.897   -6.108  1.00 1.00 ? 5  DNE A CE  1 
HETATM 88   H H   . DNE A 1 5  ? 3.593   -1.226  -1.132  1.00 1.00 ? 5  DNE A H   1 
HETATM 89   H HA  . DNE A 1 5  ? 1.951   0.798   -2.629  1.00 1.00 ? 5  DNE A HA  1 
HETATM 90   H HB2 . DNE A 1 5  ? 4.596   -0.475  -3.156  1.00 1.00 ? 5  DNE A HB2 1 
HETATM 91   H HB3 . DNE A 1 5  ? 3.135   -0.743  -4.112  1.00 1.00 ? 5  DNE A HB3 1 
HETATM 92   H HG2 . DNE A 1 5  ? 4.757   1.842   -4.021  1.00 1.00 ? 5  DNE A HG2 1 
HETATM 93   H HG3 . DNE A 1 5  ? 4.624   0.696   -5.352  1.00 1.00 ? 5  DNE A HG3 1 
HETATM 94   H HD2 . DNE A 1 5  ? 2.172   1.145   -5.493  1.00 1.00 ? 5  DNE A HD2 1 
HETATM 95   H HD3 . DNE A 1 5  ? 2.344   2.394   -4.236  1.00 1.00 ? 5  DNE A HD3 1 
HETATM 96   H HE1 . DNE A 1 5  ? 3.924   3.637   -5.675  1.00 1.00 ? 5  DNE A HE1 1 
HETATM 97   H HE2 . DNE A 1 5  ? 3.748   2.400   -6.941  1.00 1.00 ? 5  DNE A HE2 1 
HETATM 98   H HE3 . DNE A 1 5  ? 2.359   3.403   -6.478  1.00 1.00 ? 5  DNE A HE3 1 
HETATM 99   N N   . NLE A 1 6  ? 2.909   2.443   -0.919  1.00 1.00 ? 6  NLE A N   1 
HETATM 100  C CA  . NLE A 1 6  ? 3.504   3.537   -0.148  1.00 1.00 ? 6  NLE A CA  1 
HETATM 101  C C   . NLE A 1 6  ? 2.618   3.902   1.049   1.00 1.00 ? 6  NLE A C   1 
HETATM 102  O O   . NLE A 1 6  ? 1.414   3.694   0.964   1.00 1.00 ? 6  NLE A O   1 
HETATM 103  C CB  . NLE A 1 6  ? 3.685   4.771   -1.048  1.00 1.00 ? 6  NLE A CB  1 
HETATM 104  C CG  . NLE A 1 6  ? 4.748   4.561   -2.132  1.00 1.00 ? 6  NLE A CG  1 
HETATM 105  C CD  . NLE A 1 6  ? 5.020   5.873   -2.875  1.00 1.00 ? 6  NLE A CD  1 
HETATM 106  C CE  . NLE A 1 6  ? 6.117   5.674   -3.924  1.00 1.00 ? 6  NLE A CE  1 
HETATM 107  H H   . NLE A 1 6  ? 1.890   2.416   -0.999  1.00 1.00 ? 6  NLE A H   1 
HETATM 108  H HA  . NLE A 1 6  ? 4.467   3.203   0.230   1.00 1.00 ? 6  NLE A HA  1 
HETATM 109  H HB2 . NLE A 1 6  ? 2.731   5.018   -1.516  1.00 1.00 ? 6  NLE A HB2 1 
HETATM 110  H HB3 . NLE A 1 6  ? 3.986   5.619   -0.433  1.00 1.00 ? 6  NLE A HB3 1 
HETATM 111  H HG2 . NLE A 1 6  ? 5.672   4.209   -1.672  1.00 1.00 ? 6  NLE A HG2 1 
HETATM 112  H HG3 . NLE A 1 6  ? 4.396   3.820   -2.847  1.00 1.00 ? 6  NLE A HG3 1 
HETATM 113  H HD2 . NLE A 1 6  ? 4.107   6.208   -3.369  1.00 1.00 ? 6  NLE A HD2 1 
HETATM 114  H HD3 . NLE A 1 6  ? 5.344   6.639   -2.169  1.00 1.00 ? 6  NLE A HD3 1 
HETATM 115  H HE1 . NLE A 1 6  ? 6.289   6.613   -4.451  1.00 1.00 ? 6  NLE A HE1 1 
HETATM 116  H HE2 . NLE A 1 6  ? 7.044   5.364   -3.440  1.00 1.00 ? 6  NLE A HE2 1 
HETATM 117  H HE3 . NLE A 1 6  ? 5.816   4.913   -4.642  1.00 1.00 ? 6  NLE A HE3 1 
HETATM 118  C C   . DNM A 1 7  ? 2.941   4.533   4.616   1.00 1.00 ? 7  DNM A C   1 
HETATM 119  N N   . DNM A 1 7  ? 3.161   4.463   2.149   1.00 1.00 ? 7  DNM A N   1 
HETATM 120  O O   . DNM A 1 7  ? 2.885   5.314   5.565   1.00 1.00 ? 7  DNM A O   1 
HETATM 121  C C1  . DNM A 1 7  ? 4.608   4.636   2.333   1.00 1.00 ? 7  DNM A C1  1 
HETATM 122  C CA  . DNM A 1 7  ? 2.294   4.874   3.271   1.00 1.00 ? 7  DNM A CA  1 
HETATM 123  C CB  . DNM A 1 7  ? 1.982   6.379   3.178   1.00 1.00 ? 7  DNM A CB  1 
HETATM 124  C CD  . DNM A 1 7  ? 0.926   8.251   1.869   1.00 1.00 ? 7  DNM A CD  1 
HETATM 125  C CE  . DNM A 1 7  ? 0.388   8.681   0.502   1.00 1.00 ? 7  DNM A CE  1 
HETATM 126  C CG  . DNM A 1 7  ? 1.356   6.782   1.836   1.00 1.00 ? 7  DNM A CG  1 
HETATM 127  H HA  . DNM A 1 7  ? 1.347   4.334   3.256   1.00 1.00 ? 7  DNM A HA  1 
HETATM 128  H HB  . DNM A 1 7  ? 1.282   6.633   3.975   1.00 1.00 ? 7  DNM A HB  1 
HETATM 129  H HBA . DNM A 1 7  ? 2.898   6.951   3.332   1.00 1.00 ? 7  DNM A HBA 1 
HETATM 130  H H1  . DNM A 1 7  ? 5.117   4.917   1.413   1.00 1.00 ? 7  DNM A H1  1 
HETATM 131  H H1A . DNM A 1 7  ? 5.035   3.706   2.726   1.00 1.00 ? 7  DNM A H1A 1 
HETATM 132  H H1B . DNM A 1 7  ? 4.806   5.429   3.052   1.00 1.00 ? 7  DNM A H1B 1 
HETATM 133  H HD  . DNM A 1 7  ? 1.779   8.879   2.128   1.00 1.00 ? 7  DNM A HD  1 
HETATM 134  H HDA . DNM A 1 7  ? 0.145   8.386   2.619   1.00 1.00 ? 7  DNM A HDA 1 
HETATM 135  H HE  . DNM A 1 7  ? 1.166   8.574   -0.255  1.00 1.00 ? 7  DNM A HE  1 
HETATM 136  H HEA . DNM A 1 7  ? -0.469  8.066   0.225   1.00 1.00 ? 7  DNM A HEA 1 
HETATM 137  H HEB . DNM A 1 7  ? 0.077   9.725   0.546   1.00 1.00 ? 7  DNM A HEB 1 
HETATM 138  H HG  . DNM A 1 7  ? 0.486   6.155   1.639   1.00 1.00 ? 7  DNM A HG  1 
HETATM 139  H HGA . DNM A 1 7  ? 2.082   6.647   1.035   1.00 1.00 ? 7  DNM A HGA 1 
HETATM 140  N N   . NLE A 1 8  ? 3.618   3.386   4.677   1.00 1.00 ? 8  NLE A N   1 
HETATM 141  C CA  . NLE A 1 8  ? 4.541   3.063   5.742   1.00 1.00 ? 8  NLE A CA  1 
HETATM 142  C C   . NLE A 1 8  ? 5.758   3.999   5.699   1.00 1.00 ? 8  NLE A C   1 
HETATM 143  O O   . NLE A 1 8  ? 6.855   3.611   5.304   1.00 1.00 ? 8  NLE A O   1 
HETATM 144  C CB  . NLE A 1 8  ? 4.913   1.574   5.687   1.00 1.00 ? 8  NLE A CB  1 
HETATM 145  C CG  . NLE A 1 8  ? 5.661   1.146   6.958   1.00 1.00 ? 8  NLE A CG  1 
HETATM 146  C CD  . NLE A 1 8  ? 5.942   -0.358  6.933   1.00 1.00 ? 8  NLE A CD  1 
HETATM 147  C CE  . NLE A 1 8  ? 6.717   -0.781  8.183   1.00 1.00 ? 8  NLE A CE  1 
HETATM 148  H H   . NLE A 1 8  ? 3.523   2.733   3.904   1.00 1.00 ? 8  NLE A H   1 
HETATM 149  H HA  . NLE A 1 8  ? 4.016   3.246   6.666   1.00 1.00 ? 8  NLE A HA  1 
HETATM 150  H HB2 . NLE A 1 8  ? 3.996   0.992   5.614   1.00 1.00 ? 8  NLE A HB2 1 
HETATM 151  H HB3 . NLE A 1 8  ? 5.527   1.378   4.806   1.00 1.00 ? 8  NLE A HB3 1 
HETATM 152  H HG2 . NLE A 1 8  ? 6.610   1.679   7.031   1.00 1.00 ? 8  NLE A HG2 1 
HETATM 153  H HG3 . NLE A 1 8  ? 5.054   1.379   7.834   1.00 1.00 ? 8  NLE A HG3 1 
HETATM 154  H HD2 . NLE A 1 8  ? 4.999   -0.903  6.899   1.00 1.00 ? 8  NLE A HD2 1 
HETATM 155  H HD3 . NLE A 1 8  ? 6.533   -0.600  6.048   1.00 1.00 ? 8  NLE A HD3 1 
HETATM 156  H HE1 . NLE A 1 8  ? 6.906   -1.855  8.147   1.00 1.00 ? 8  NLE A HE1 1 
HETATM 157  H HE2 . NLE A 1 8  ? 7.671   -0.254  8.227   1.00 1.00 ? 8  NLE A HE2 1 
HETATM 158  H HE3 . NLE A 1 8  ? 6.136   -0.551  9.077   1.00 1.00 ? 8  NLE A HE3 1 
HETATM 159  N N   . DNE A 1 9  ? 5.566   5.250   6.119   1.00 1.00 ? 9  DNE A N   1 
HETATM 160  C CA  . DNE A 1 9  ? 6.632   6.214   6.368   1.00 1.00 ? 9  DNE A CA  1 
HETATM 161  C C   . DNE A 1 9  ? 7.182   6.853   5.084   1.00 1.00 ? 9  DNE A C   1 
HETATM 162  O O   . DNE A 1 9  ? 7.300   8.074   5.003   1.00 1.00 ? 9  DNE A O   1 
HETATM 163  C CB  . DNE A 1 9  ? 6.127   7.274   7.359   1.00 1.00 ? 9  DNE A CB  1 
HETATM 164  C CG  . DNE A 1 9  ? 5.654   6.649   8.679   1.00 1.00 ? 9  DNE A CG  1 
HETATM 165  C CD  . DNE A 1 9  ? 5.247   7.746   9.668   1.00 1.00 ? 9  DNE A CD  1 
HETATM 166  C CE  . DNE A 1 9  ? 4.769   7.129   10.984  1.00 1.00 ? 9  DNE A CE  1 
HETATM 167  H H   . DNE A 1 9  ? 4.607   5.531   6.299   1.00 1.00 ? 9  DNE A H   1 
HETATM 168  H HA  . DNE A 1 9  ? 7.466   5.694   6.843   1.00 1.00 ? 9  DNE A HA  1 
HETATM 169  H HB2 . DNE A 1 9  ? 6.943   7.967   7.575   1.00 1.00 ? 9  DNE A HB2 1 
HETATM 170  H HB3 . DNE A 1 9  ? 5.307   7.834   6.906   1.00 1.00 ? 9  DNE A HB3 1 
HETATM 171  H HG2 . DNE A 1 9  ? 4.796   6.000   8.502   1.00 1.00 ? 9  DNE A HG2 1 
HETATM 172  H HG3 . DNE A 1 9  ? 6.464   6.058   9.110   1.00 1.00 ? 9  DNE A HG3 1 
HETATM 173  H HD2 . DNE A 1 9  ? 6.101   8.396   9.868   1.00 1.00 ? 9  DNE A HD2 1 
HETATM 174  H HD3 . DNE A 1 9  ? 4.440   8.342   9.240   1.00 1.00 ? 9  DNE A HD3 1 
HETATM 175  H HE1 . DNE A 1 9  ? 4.482   7.922   11.675  1.00 1.00 ? 9  DNE A HE1 1 
HETATM 176  H HE2 . DNE A 1 9  ? 3.906   6.486   10.804  1.00 1.00 ? 9  DNE A HE2 1 
HETATM 177  H HE3 . DNE A 1 9  ? 5.569   6.540   11.433  1.00 1.00 ? 9  DNE A HE3 1 
HETATM 178  N N   . NLO A 1 10 ? 7.545   6.041   4.089   1.00 1.00 ? 10 NLO A N   1 
HETATM 179  C CA  . NLO A 1 10 ? 8.210   6.520   2.882   1.00 1.00 ? 10 NLO A CA  1 
HETATM 180  C C   . NLO A 1 10 ? 7.375   7.563   2.132   1.00 1.00 ? 10 NLO A C   1 
HETATM 181  O O   . NLO A 1 10 ? 7.953   8.387   1.425   1.00 1.00 ? 10 NLO A O   1 
HETATM 182  C CB  . NLO A 1 10 ? 8.564   5.351   1.953   1.00 1.00 ? 10 NLO A CB  1 
HETATM 183  C CG  . NLO A 1 10 ? 9.245   4.192   2.692   1.00 1.00 ? 10 NLO A CG  1 
HETATM 184  C CD  . NLO A 1 10 ? 10.064  3.336   1.719   1.00 1.00 ? 10 NLO A CD  1 
HETATM 185  C CE  . NLO A 1 10 ? 10.551  2.061   2.411   1.00 1.00 ? 10 NLO A CE  1 
HETATM 186  O OXT . NLO A 1 10 ? 6.018   7.476   2.297   1.00 1.00 ? 10 NLO A OXT 1 
HETATM 187  C C1  . NLO A 1 10 ? 5.303   8.149   1.280   1.00 1.00 ? 10 NLO A C1  1 
HETATM 188  H H   . NLO A 1 10 ? 7.368   5.050   4.192   1.00 1.00 ? 10 NLO A H   1 
HETATM 189  H HA  . NLO A 1 10 ? 9.142   7.001   3.185   1.00 1.00 ? 10 NLO A HA  1 
HETATM 190  H HB2 . NLO A 1 10 ? 7.660   4.983   1.469   1.00 1.00 ? 10 NLO A HB2 1 
HETATM 191  H HB3 . NLO A 1 10 ? 9.235   5.736   1.184   1.00 1.00 ? 10 NLO A HB3 1 
HETATM 192  H HG2 . NLO A 1 10 ? 9.911   4.583   3.460   1.00 1.00 ? 10 NLO A HG2 1 
HETATM 193  H HG3 . NLO A 1 10 ? 8.484   3.571   3.169   1.00 1.00 ? 10 NLO A HG3 1 
HETATM 194  H HD2 . NLO A 1 10 ? 9.458   3.059   0.857   1.00 1.00 ? 10 NLO A HD2 1 
HETATM 195  H HD3 . NLO A 1 10 ? 10.926  3.907   1.371   1.00 1.00 ? 10 NLO A HD3 1 
HETATM 196  H HE1 . NLO A 1 10 ? 11.144  1.470   1.714   1.00 1.00 ? 10 NLO A HE1 1 
HETATM 197  H HE2 . NLO A 1 10 ? 11.167  2.319   3.273   1.00 1.00 ? 10 NLO A HE2 1 
HETATM 198  H HE3 . NLO A 1 10 ? 9.698   1.469   2.744   1.00 1.00 ? 10 NLO A HE3 1 
HETATM 199  H H11 . NLO A 1 10 ? 5.560   7.703   0.319   1.00 1.00 ? 10 NLO A H11 1 
HETATM 200  H H12 . NLO A 1 10 ? 5.536   9.215   1.274   1.00 1.00 ? 10 NLO A H12 1 
HETATM 201  H H13 . NLO A 1 10 ? 4.234   8.024   1.454   1.00 1.00 ? 10 NLO A H13 1 
HETATM 202  C C   . DNG B 1 1  ? 5.573   -0.893  0.438   1.00 1.00 ? 1  DNG B C   1 
HETATM 203  N N   . DNG B 1 1  ? 7.142   0.958   0.016   1.00 1.00 ? 1  DNG B N   1 
HETATM 204  O O   . DNG B 1 1  ? 5.125   -1.780  -0.291  1.00 1.00 ? 1  DNG B O   1 
HETATM 205  C C1  . DNG B 1 1  ? 6.887   1.950   0.867   1.00 1.00 ? 1  DNG B C1  1 
HETATM 206  O O1  . DNG B 1 1  ? 6.528   1.759   2.026   1.00 1.00 ? 1  DNG B O1  1 
HETATM 207  C CA  . DNG B 1 1  ? 7.043   -0.453  0.357   1.00 1.00 ? 1  DNG B CA  1 
HETATM 208  C CB  . DNG B 1 1  ? 7.866   -1.274  -0.651  1.00 1.00 ? 1  DNG B CB  1 
HETATM 209  C CD  . DNG B 1 1  ? 8.954   -3.477  -1.187  1.00 1.00 ? 1  DNG B CD  1 
HETATM 210  C CE  . DNG B 1 1  ? 9.204   -4.908  -0.707  1.00 1.00 ? 1  DNG B CE  1 
HETATM 211  C CG  . DNG B 1 1  ? 8.122   -2.705  -0.159  1.00 1.00 ? 1  DNG B CG  1 
HETATM 212  H H   . DNG B 1 1  ? 7.389   1.202   -0.930  1.00 1.00 ? 1  DNG B H   1 
HETATM 213  H HC1 . DNG B 1 1  ? 7.027   2.923   0.397   1.00 1.00 ? 1  DNG B HC1 1 
HETATM 214  H HA  . DNG B 1 1  ? 7.489   -0.596  1.343   1.00 1.00 ? 1  DNG B HA  1 
HETATM 215  H HB  . DNG B 1 1  ? 7.349   -1.297  -1.612  1.00 1.00 ? 1  DNG B HB  1 
HETATM 216  H HBA . DNG B 1 1  ? 8.835   -0.791  -0.789  1.00 1.00 ? 1  DNG B HBA 1 
HETATM 217  H HD  . DNG B 1 1  ? 9.912   -2.977  -1.336  1.00 1.00 ? 1  DNG B HD  1 
HETATM 218  H HDA . DNG B 1 1  ? 8.419   -3.510  -2.139  1.00 1.00 ? 1  DNG B HDA 1 
HETATM 219  H HE  . DNG B 1 1  ? 8.255   -5.428  -0.572  1.00 1.00 ? 1  DNG B HE  1 
HETATM 220  H HEA . DNG B 1 1  ? 9.746   -4.894  0.240   1.00 1.00 ? 1  DNG B HEA 1 
HETATM 221  H HEB . DNG B 1 1  ? 9.799   -5.442  -1.449  1.00 1.00 ? 1  DNG B HEB 1 
HETATM 222  H HG  . DNG B 1 1  ? 7.178   -3.228  -0.008  1.00 1.00 ? 1  DNG B HG  1 
HETATM 223  H HGA . DNG B 1 1  ? 8.663   -2.671  0.788   1.00 1.00 ? 1  DNG B HGA 1 
HETATM 224  N N   . NLE B 1 2  ? 4.812   -0.294  1.352   1.00 1.00 ? 2  NLE B N   1 
HETATM 225  C CA  . NLE B 1 2  ? 3.521   -0.789  1.804   1.00 1.00 ? 2  NLE B CA  1 
HETATM 226  C C   . NLE B 1 2  ? 2.696   0.275   2.522   1.00 1.00 ? 2  NLE B C   1 
HETATM 227  O O   . NLE B 1 2  ? 3.162   1.391   2.744   1.00 1.00 ? 2  NLE B O   1 
HETATM 228  C CB  . NLE B 1 2  ? 3.744   -2.052  2.654   1.00 1.00 ? 2  NLE B CB  1 
HETATM 229  C CG  . NLE B 1 2  ? 4.654   -1.782  3.861   1.00 1.00 ? 2  NLE B CG  1 
HETATM 230  C CD  . NLE B 1 2  ? 5.089   -3.081  4.549   1.00 1.00 ? 2  NLE B CD  1 
HETATM 231  C CE  . NLE B 1 2  ? 6.086   -3.891  3.713   1.00 1.00 ? 2  NLE B CE  1 
HETATM 232  H H   . NLE B 1 2  ? 5.185   0.541   1.785   1.00 1.00 ? 2  NLE B H   1 
HETATM 233  H HA  . NLE B 1 2  ? 2.929   -1.051  0.941   1.00 1.00 ? 2  NLE B HA  1 
HETATM 234  H HB2 . NLE B 1 2  ? 2.793   -2.447  3.010   1.00 1.00 ? 2  NLE B HB2 1 
HETATM 235  H HB3 . NLE B 1 2  ? 4.194   -2.807  2.013   1.00 1.00 ? 2  NLE B HB3 1 
HETATM 236  H HG2 . NLE B 1 2  ? 5.542   -1.215  3.574   1.00 1.00 ? 2  NLE B HG2 1 
HETATM 237  H HG3 . NLE B 1 2  ? 4.097   -1.184  4.580   1.00 1.00 ? 2  NLE B HG3 1 
HETATM 238  H HD2 . NLE B 1 2  ? 5.583   -2.817  5.485   1.00 1.00 ? 2  NLE B HD2 1 
HETATM 239  H HD3 . NLE B 1 2  ? 4.215   -3.692  4.780   1.00 1.00 ? 2  NLE B HD3 1 
HETATM 240  H HE1 . NLE B 1 2  ? 5.610   -4.297  2.822   1.00 1.00 ? 2  NLE B HE1 1 
HETATM 241  H HE2 . NLE B 1 2  ? 6.926   -3.262  3.420   1.00 1.00 ? 2  NLE B HE2 1 
HETATM 242  H HE3 . NLE B 1 2  ? 6.460   -4.722  4.311   1.00 1.00 ? 2  NLE B HE3 1 
HETATM 243  N N   . DNE B 1 3  ? 1.461   -0.093  2.871   1.00 1.00 ? 3  DNE B N   1 
HETATM 244  C CA  . DNE B 1 3  ? 0.470   0.744   3.529   1.00 1.00 ? 3  DNE B CA  1 
HETATM 245  C C   . DNE B 1 3  ? -0.671  0.953   2.536   1.00 1.00 ? 3  DNE B C   1 
HETATM 246  O O   . DNE B 1 3  ? -1.595  0.142   2.454   1.00 1.00 ? 3  DNE B O   1 
HETATM 247  C CB  . DNE B 1 3  ? -0.022  0.062   4.814   1.00 1.00 ? 3  DNE B CB  1 
HETATM 248  C CG  . DNE B 1 3  ? 1.103   -0.052  5.851   1.00 1.00 ? 3  DNE B CG  1 
HETATM 249  C CD  . DNE B 1 3  ? 0.662   -0.811  7.109   1.00 1.00 ? 3  DNE B CD  1 
HETATM 250  C CE  . DNE B 1 3  ? -0.444  -0.083  7.879   1.00 1.00 ? 3  DNE B CE  1 
HETATM 251  H H   . DNE B 1 3  ? 1.169   -1.037  2.635   1.00 1.00 ? 3  DNE B H   1 
HETATM 252  H HA  . DNE B 1 3  ? 0.892   1.714   3.797   1.00 1.00 ? 3  DNE B HA  1 
HETATM 253  H HB2 . DNE B 1 3  ? -0.834  0.662   5.223   1.00 1.00 ? 3  DNE B HB2 1 
HETATM 254  H HB3 . DNE B 1 3  ? -0.404  -0.933  4.578   1.00 1.00 ? 3  DNE B HB3 1 
HETATM 255  H HG2 . DNE B 1 3  ? 1.937   -0.600  5.413   1.00 1.00 ? 3  DNE B HG2 1 
HETATM 256  H HG3 . DNE B 1 3  ? 1.448   0.944   6.129   1.00 1.00 ? 3  DNE B HG3 1 
HETATM 257  H HD2 . DNE B 1 3  ? 0.315   -1.809  6.834   1.00 1.00 ? 3  DNE B HD2 1 
HETATM 258  H HD3 . DNE B 1 3  ? 1.527   -0.915  7.765   1.00 1.00 ? 3  DNE B HD3 1 
HETATM 259  H HE1 . DNE B 1 3  ? -1.371  -0.075  7.306   1.00 1.00 ? 3  DNE B HE1 1 
HETATM 260  H HE2 . DNE B 1 3  ? -0.627  -0.602  8.821   1.00 1.00 ? 3  DNE B HE2 1 
HETATM 261  H HE3 . DNE B 1 3  ? -0.139  0.942   8.093   1.00 1.00 ? 3  DNE B HE3 1 
HETATM 262  N N   . NLE B 1 4  ? -0.589  2.030   1.759   1.00 1.00 ? 4  NLE B N   1 
HETATM 263  C CA  . NLE B 1 4  ? -1.525  2.331   0.688   1.00 1.00 ? 4  NLE B CA  1 
HETATM 264  C C   . NLE B 1 4  ? -0.901  1.826   -0.620  1.00 1.00 ? 4  NLE B C   1 
HETATM 265  O O   . NLE B 1 4  ? 0.307   1.612   -0.677  1.00 1.00 ? 4  NLE B O   1 
HETATM 266  C CB  . NLE B 1 4  ? -1.810  3.838   0.618   1.00 1.00 ? 4  NLE B CB  1 
HETATM 267  C CG  . NLE B 1 4  ? -2.305  4.379   1.966   1.00 1.00 ? 4  NLE B CG  1 
HETATM 268  C CD  . NLE B 1 4  ? -2.760  5.834   1.821   1.00 1.00 ? 4  NLE B CD  1 
HETATM 269  C CE  . NLE B 1 4  ? -3.194  6.395   3.178   1.00 1.00 ? 4  NLE B CE  1 
HETATM 270  H H   . NLE B 1 4  ? 0.199   2.661   1.858   1.00 1.00 ? 4  NLE B H   1 
HETATM 271  H HA  . NLE B 1 4  ? -2.478  1.853   0.893   1.00 1.00 ? 4  NLE B HA  1 
HETATM 272  H HB2 . NLE B 1 4  ? -0.914  4.378   0.313   1.00 1.00 ? 4  NLE B HB2 1 
HETATM 273  H HB3 . NLE B 1 4  ? -2.581  4.003   -0.136  1.00 1.00 ? 4  NLE B HB3 1 
HETATM 274  H HG2 . NLE B 1 4  ? -3.143  3.775   2.314   1.00 1.00 ? 4  NLE B HG2 1 
HETATM 275  H HG3 . NLE B 1 4  ? -1.499  4.327   2.699   1.00 1.00 ? 4  NLE B HG3 1 
HETATM 276  H HD2 . NLE B 1 4  ? -1.941  6.439   1.433   1.00 1.00 ? 4  NLE B HD2 1 
HETATM 277  H HD3 . NLE B 1 4  ? -3.600  5.888   1.126   1.00 1.00 ? 4  NLE B HD3 1 
HETATM 278  H HE1 . NLE B 1 4  ? -2.358  6.366   3.877   1.00 1.00 ? 4  NLE B HE1 1 
HETATM 279  H HE2 . NLE B 1 4  ? -3.520  7.429   3.056   1.00 1.00 ? 4  NLE B HE2 1 
HETATM 280  H HE3 . NLE B 1 4  ? -4.019  5.806   3.577   1.00 1.00 ? 4  NLE B HE3 1 
HETATM 281  N N   . DNE B 1 5  ? -1.691  1.664   -1.679  1.00 1.00 ? 5  DNE B N   1 
HETATM 282  C CA  . DNE B 1 5  ? -1.177  1.405   -3.020  1.00 1.00 ? 5  DNE B CA  1 
HETATM 283  C C   . DNE B 1 5  ? -1.915  0.259   -3.713  1.00 1.00 ? 5  DNE B C   1 
HETATM 284  O O   . DNE B 1 5  ? -3.006  0.478   -4.229  1.00 1.00 ? 5  DNE B O   1 
HETATM 285  C CB  . DNE B 1 5  ? -1.349  2.719   -3.775  1.00 1.00 ? 5  DNE B CB  1 
HETATM 286  C CG  . DNE B 1 5  ? -0.953  2.653   -5.256  1.00 1.00 ? 5  DNE B CG  1 
HETATM 287  C CD  . DNE B 1 5  ? -0.852  4.049   -5.883  1.00 1.00 ? 5  DNE B CD  1 
HETATM 288  C CE  . DNE B 1 5  ? -2.204  4.768   -5.900  1.00 1.00 ? 5  DNE B CE  1 
HETATM 289  H H   . DNE B 1 5  ? -2.695  1.775   -1.569  1.00 1.00 ? 5  DNE B H   1 
HETATM 290  H HA  . DNE B 1 5  ? -0.119  1.169   -3.015  1.00 1.00 ? 5  DNE B HA  1 
HETATM 291  H HB2 . DNE B 1 5  ? -2.403  2.959   -3.656  1.00 1.00 ? 5  DNE B HB2 1 
HETATM 292  H HB3 . DNE B 1 5  ? -0.752  3.486   -3.280  1.00 1.00 ? 5  DNE B HB3 1 
HETATM 293  H HG2 . DNE B 1 5  ? 0.022   2.174   -5.341  1.00 1.00 ? 5  DNE B HG2 1 
HETATM 294  H HG3 . DNE B 1 5  ? -1.681  2.068   -5.818  1.00 1.00 ? 5  DNE B HG3 1 
HETATM 295  H HD2 . DNE B 1 5  ? -0.127  4.651   -5.332  1.00 1.00 ? 5  DNE B HD2 1 
HETATM 296  H HD3 . DNE B 1 5  ? -0.503  3.943   -6.911  1.00 1.00 ? 5  DNE B HD3 1 
HETATM 297  H HE1 . DNE B 1 5  ? -2.940  4.155   -6.422  1.00 1.00 ? 5  DNE B HE1 1 
HETATM 298  H HE2 . DNE B 1 5  ? -2.547  4.962   -4.884  1.00 1.00 ? 5  DNE B HE2 1 
HETATM 299  H HE3 . DNE B 1 5  ? -2.101  5.718   -6.422  1.00 1.00 ? 5  DNE B HE3 1 
HETATM 300  N N   . NLE B 1 6  ? -1.340  -0.945  -3.766  1.00 1.00 ? 6  NLE B N   1 
HETATM 301  C CA  . NLE B 1 6  ? -1.924  -2.098  -4.450  1.00 1.00 ? 6  NLE B CA  1 
HETATM 302  C C   . NLE B 1 6  ? -1.737  -3.368  -3.605  1.00 1.00 ? 6  NLE B C   1 
HETATM 303  O O   . NLE B 1 6  ? -0.758  -3.434  -2.873  1.00 1.00 ? 6  NLE B O   1 
HETATM 304  C CB  . NLE B 1 6  ? -1.237  -2.276  -5.813  1.00 1.00 ? 6  NLE B CB  1 
HETATM 305  C CG  . NLE B 1 6  ? -1.438  -1.059  -6.727  1.00 1.00 ? 6  NLE B CG  1 
HETATM 306  C CD  . NLE B 1 6  ? -0.964  -1.327  -8.161  1.00 1.00 ? 6  NLE B CD  1 
HETATM 307  C CE  . NLE B 1 6  ? 0.543   -1.589  -8.236  1.00 1.00 ? 6  NLE B CE  1 
HETATM 308  H H   . NLE B 1 6  ? -0.441  -1.078  -3.300  1.00 1.00 ? 6  NLE B H   1 
HETATM 309  H HA  . NLE B 1 6  ? -2.988  -1.919  -4.592  1.00 1.00 ? 6  NLE B HA  1 
HETATM 310  H HB2 . NLE B 1 6  ? -0.171  -2.434  -5.645  1.00 1.00 ? 6  NLE B HB2 1 
HETATM 311  H HB3 . NLE B 1 6  ? -1.639  -3.159  -6.308  1.00 1.00 ? 6  NLE B HB3 1 
HETATM 312  H HG2 . NLE B 1 6  ? -2.500  -0.809  -6.758  1.00 1.00 ? 6  NLE B HG2 1 
HETATM 313  H HG3 . NLE B 1 6  ? -0.888  -0.206  -6.330  1.00 1.00 ? 6  NLE B HG3 1 
HETATM 314  H HD2 . NLE B 1 6  ? -1.502  -2.181  -8.575  1.00 1.00 ? 6  NLE B HD2 1 
HETATM 315  H HD3 . NLE B 1 6  ? -1.192  -0.449  -8.766  1.00 1.00 ? 6  NLE B HD3 1 
HETATM 316  H HE1 . NLE B 1 6  ? 0.843   -1.663  -9.281  1.00 1.00 ? 6  NLE B HE1 1 
HETATM 317  H HE2 . NLE B 1 6  ? 1.089   -0.768  -7.769  1.00 1.00 ? 6  NLE B HE2 1 
HETATM 318  H HE3 . NLE B 1 6  ? 0.796   -2.523  -7.736  1.00 1.00 ? 6  NLE B HE3 1 
HETATM 319  C C   . DNM B 1 7  ? -3.763  -6.092  -2.291  1.00 1.00 ? 7  DNM B C   1 
HETATM 320  N N   . DNM B 1 7  ? -2.619  -4.383  -3.692  1.00 1.00 ? 7  DNM B N   1 
HETATM 321  O O   . DNM B 1 7  ? -4.143  -7.247  -2.468  1.00 1.00 ? 7  DNM B O   1 
HETATM 322  C C1  . DNM B 1 7  ? -3.832  -4.309  -4.505  1.00 1.00 ? 7  DNM B C1  1 
HETATM 323  C CA  . DNM B 1 7  ? -2.436  -5.611  -2.896  1.00 1.00 ? 7  DNM B CA  1 
HETATM 324  C CB  . DNM B 1 7  ? -1.787  -6.706  -3.762  1.00 1.00 ? 7  DNM B CB  1 
HETATM 325  C CD  . DNM B 1 7  ? 0.329   -7.440  -4.977  1.00 1.00 ? 7  DNM B CD  1 
HETATM 326  C CE  . DNM B 1 7  ? -0.413  -8.040  -6.176  1.00 1.00 ? 7  DNM B CE  1 
HETATM 327  C CG  . DNM B 1 7  ? -0.435  -6.271  -4.344  1.00 1.00 ? 7  DNM B CG  1 
HETATM 328  H HA  . DNM B 1 7  ? -1.780  -5.429  -2.045  1.00 1.00 ? 7  DNM B HA  1 
HETATM 329  H HB  . DNM B 1 7  ? -1.630  -7.588  -3.138  1.00 1.00 ? 7  DNM B HB  1 
HETATM 330  H HBA . DNM B 1 7  ? -2.465  -6.971  -4.573  1.00 1.00 ? 7  DNM B HBA 1 
HETATM 331  H H1  . DNM B 1 7  ? -3.657  -3.831  -5.468  1.00 1.00 ? 7  DNM B H1  1 
HETATM 332  H H1A . DNM B 1 7  ? -4.569  -3.743  -3.935  1.00 1.00 ? 7  DNM B H1A 1 
HETATM 333  H H1B . DNM B 1 7  ? -4.227  -5.301  -4.717  1.00 1.00 ? 7  DNM B H1B 1 
HETATM 334  H HD  . DNM B 1 7  ? 0.499   -8.218  -4.232  1.00 1.00 ? 7  DNM B HD  1 
HETATM 335  H HDA . DNM B 1 7  ? 1.297   -7.072  -5.320  1.00 1.00 ? 7  DNM B HDA 1 
HETATM 336  H HE  . DNM B 1 7  ? -0.644  -7.260  -6.902  1.00 1.00 ? 7  DNM B HE  1 
HETATM 337  H HEA . DNM B 1 7  ? 0.221   -8.789  -6.651  1.00 1.00 ? 7  DNM B HEA 1 
HETATM 338  H HEB . DNM B 1 7  ? -1.336  -8.522  -5.853  1.00 1.00 ? 7  DNM B HEB 1 
HETATM 339  H HG  . DNM B 1 7  ? 0.177   -5.863  -3.539  1.00 1.00 ? 7  DNM B HG  1 
HETATM 340  H HGA . DNM B 1 7  ? -0.584  -5.496  -5.097  1.00 1.00 ? 7  DNM B HGA 1 
HETATM 341  N N   . NLE B 1 8  ? -4.476  -5.194  -1.608  1.00 1.00 ? 8  NLE B N   1 
HETATM 342  C CA  . NLE B 1 8  ? -5.839  -5.419  -1.145  1.00 1.00 ? 8  NLE B CA  1 
HETATM 343  C C   . NLE B 1 8  ? -6.739  -4.264  -1.593  1.00 1.00 ? 8  NLE B C   1 
HETATM 344  O O   . NLE B 1 8  ? -6.267  -3.225  -2.058  1.00 1.00 ? 8  NLE B O   1 
HETATM 345  C CB  . NLE B 1 8  ? -5.886  -5.639  0.373   1.00 1.00 ? 8  NLE B CB  1 
HETATM 346  C CG  . NLE B 1 8  ? -5.024  -6.839  0.786   1.00 1.00 ? 8  NLE B CG  1 
HETATM 347  C CD  . NLE B 1 8  ? -5.318  -7.245  2.235   1.00 1.00 ? 8  NLE B CD  1 
HETATM 348  C CE  . NLE B 1 8  ? -4.373  -8.364  2.677   1.00 1.00 ? 8  NLE B CE  1 
HETATM 349  H H   . NLE B 1 8  ? -4.070  -4.279  -1.443  1.00 1.00 ? 8  NLE B H   1 
HETATM 350  H HA  . NLE B 1 8  ? -6.238  -6.314  -1.624  1.00 1.00 ? 8  NLE B HA  1 
HETATM 351  H HB2 . NLE B 1 8  ? -5.551  -4.738  0.884   1.00 1.00 ? 8  NLE B HB2 1 
HETATM 352  H HB3 . NLE B 1 8  ? -6.918  -5.836  0.665   1.00 1.00 ? 8  NLE B HB3 1 
HETATM 353  H HG2 . NLE B 1 8  ? -5.245  -7.687  0.136   1.00 1.00 ? 8  NLE B HG2 1 
HETATM 354  H HG3 . NLE B 1 8  ? -3.968  -6.583  0.681   1.00 1.00 ? 8  NLE B HG3 1 
HETATM 355  H HD2 . NLE B 1 8  ? -5.190  -6.389  2.897   1.00 1.00 ? 8  NLE B HD2 1 
HETATM 356  H HD3 . NLE B 1 8  ? -6.348  -7.597  2.312   1.00 1.00 ? 8  NLE B HD3 1 
HETATM 357  H HE1 . NLE B 1 8  ? -4.603  -8.649  3.704   1.00 1.00 ? 8  NLE B HE1 1 
HETATM 358  H HE2 . NLE B 1 8  ? -4.495  -9.232  2.029   1.00 1.00 ? 8  NLE B HE2 1 
HETATM 359  H HE3 . NLE B 1 8  ? -3.339  -8.020  2.627   1.00 1.00 ? 8  NLE B HE3 1 
HETATM 360  N N   . DNE B 1 9  ? -8.047  -4.487  -1.461  1.00 1.00 ? 9  DNE B N   1 
HETATM 361  C CA  . DNE B 1 9  ? -9.108  -3.665  -2.024  1.00 1.00 ? 9  DNE B CA  1 
HETATM 362  C C   . DNE B 1 9  ? -9.386  -4.297  -3.386  1.00 1.00 ? 9  DNE B C   1 
HETATM 363  O O   . DNE B 1 9  ? -10.179 -5.228  -3.500  1.00 1.00 ? 9  DNE B O   1 
HETATM 364  C CB  . DNE B 1 9  ? -10.340 -3.691  -1.111  1.00 1.00 ? 9  DNE B CB  1 
HETATM 365  C CG  . DNE B 1 9  ? -10.031 -3.040  0.242   1.00 1.00 ? 9  DNE B CG  1 
HETATM 366  C CD  . DNE B 1 9  ? -11.280 -3.027  1.129   1.00 1.00 ? 9  DNE B CD  1 
HETATM 367  C CE  . DNE B 1 9  ? -10.970 -2.376  2.480   1.00 1.00 ? 9  DNE B CE  1 
HETATM 368  H H   . DNE B 1 9  ? -8.323  -5.332  -0.992  1.00 1.00 ? 9  DNE B H   1 
HETATM 369  H HA  . DNE B 1 9  ? -8.779  -2.632  -2.150  1.00 1.00 ? 9  DNE B HA  1 
HETATM 370  H HB2 . DNE B 1 9  ? -11.145 -3.139  -1.598  1.00 1.00 ? 9  DNE B HB2 1 
HETATM 371  H HB3 . DNE B 1 9  ? -10.667 -4.721  -0.955  1.00 1.00 ? 9  DNE B HB3 1 
HETATM 372  H HG2 . DNE B 1 9  ? -9.242  -3.598  0.747   1.00 1.00 ? 9  DNE B HG2 1 
HETATM 373  H HG3 . DNE B 1 9  ? -9.696  -2.016  0.077   1.00 1.00 ? 9  DNE B HG3 1 
HETATM 374  H HD2 . DNE B 1 9  ? -12.074 -2.463  0.635   1.00 1.00 ? 9  DNE B HD2 1 
HETATM 375  H HD3 . DNE B 1 9  ? -11.622 -4.050  1.295   1.00 1.00 ? 9  DNE B HD3 1 
HETATM 376  H HE1 . DNE B 1 9  ? -10.187 -2.936  2.992   1.00 1.00 ? 9  DNE B HE1 1 
HETATM 377  H HE2 . DNE B 1 9  ? -10.641 -1.348  2.331   1.00 1.00 ? 9  DNE B HE2 1 
HETATM 378  H HE3 . DNE B 1 9  ? -11.869 -2.376  3.097   1.00 1.00 ? 9  DNE B HE3 1 
HETATM 379  N N   . NLO B 1 10 ? -8.664  -3.836  -4.403  1.00 1.00 ? 10 NLO B N   1 
HETATM 380  C CA  . NLO B 1 10 ? -8.497  -4.553  -5.654  1.00 1.00 ? 10 NLO B CA  1 
HETATM 381  C C   . NLO B 1 10 ? -7.538  -5.716  -5.371  1.00 1.00 ? 10 NLO B C   1 
HETATM 382  O O   . NLO B 1 10 ? -6.798  -5.660  -4.385  1.00 1.00 ? 10 NLO B O   1 
HETATM 383  C CB  . NLO B 1 10 ? -7.922  -3.578  -6.693  1.00 1.00 ? 10 NLO B CB  1 
HETATM 384  C CG  . NLO B 1 10 ? -7.765  -4.171  -8.097  1.00 1.00 ? 10 NLO B CG  1 
HETATM 385  C CD  . NLO B 1 10 ? -7.074  -3.185  -9.048  1.00 1.00 ? 10 NLO B CD  1 
HETATM 386  C CE  . NLO B 1 10 ? -7.913  -1.932  -9.319  1.00 1.00 ? 10 NLO B CE  1 
HETATM 387  O OXT . NLO B 1 10 ? -7.556  -6.750  -6.266  1.00 1.00 ? 10 NLO B OXT 1 
HETATM 388  C C1  . NLO B 1 10 ? -6.302  -7.408  -6.300  1.00 1.00 ? 10 NLO B C1  1 
HETATM 389  H H   . NLO B 1 10 ? -8.148  -2.977  -4.264  1.00 1.00 ? 10 NLO B H   1 
HETATM 390  H HA  . NLO B 1 10 ? -9.458  -4.939  -6.000  1.00 1.00 ? 10 NLO B HA  1 
HETATM 391  H HB2 . NLO B 1 10 ? -8.579  -2.710  -6.738  1.00 1.00 ? 10 NLO B HB2 1 
HETATM 392  H HB3 . NLO B 1 10 ? -6.937  -3.266  -6.359  1.00 1.00 ? 10 NLO B HB3 1 
HETATM 393  H HG2 . NLO B 1 10 ? -7.128  -5.053  -8.045  1.00 1.00 ? 10 NLO B HG2 1 
HETATM 394  H HG3 . NLO B 1 10 ? -8.740  -4.457  -8.495  1.00 1.00 ? 10 NLO B HG3 1 
HETATM 395  H HD2 . NLO B 1 10 ? -6.110  -2.893  -8.628  1.00 1.00 ? 10 NLO B HD2 1 
HETATM 396  H HD3 . NLO B 1 10 ? -6.899  -3.692  -9.999  1.00 1.00 ? 10 NLO B HD3 1 
HETATM 397  H HE1 . NLO B 1 10 ? -7.427  -1.337  -10.094 1.00 1.00 ? 10 NLO B HE1 1 
HETATM 398  H HE2 . NLO B 1 10 ? -8.908  -2.216  -9.665  1.00 1.00 ? 10 NLO B HE2 1 
HETATM 399  H HE3 . NLO B 1 10 ? -8.000  -1.322  -8.421  1.00 1.00 ? 10 NLO B HE3 1 
HETATM 400  H H11 . NLO B 1 10 ? -5.509  -6.665  -6.426  1.00 1.00 ? 10 NLO B H11 1 
HETATM 401  H H12 . NLO B 1 10 ? -6.284  -8.101  -7.140  1.00 1.00 ? 10 NLO B H12 1 
HETATM 402  H H13 . NLO B 1 10 ? -6.138  -7.966  -5.376  1.00 1.00 ? 10 NLO B H13 1 
HETATM 403  C C   . DNG A 1 1  ? -4.030  1.849   -3.359  1.00 1.00 ? 1  DNG A C   2 
HETATM 404  N N   . DNG A 1 1  ? -4.606  0.302   -5.103  1.00 1.00 ? 1  DNG A N   2 
HETATM 405  O O   . DNG A 1 1  ? -3.208  2.724   -3.086  1.00 1.00 ? 1  DNG A O   2 
HETATM 406  C C1  . DNG A 1 1  ? -5.678  -0.456  -5.299  1.00 1.00 ? 1  DNG A C1  2 
HETATM 407  O O1  . DNG A 1 1  ? -6.825  -0.017  -5.336  1.00 1.00 ? 1  DNG A O1  2 
HETATM 408  C CA  . DNG A 1 1  ? -4.629  1.714   -4.762  1.00 1.00 ? 1  DNG A CA  2 
HETATM 409  C CB  . DNG A 1 1  ? -3.863  2.530   -5.816  1.00 1.00 ? 1  DNG A CB  2 
HETATM 410  C CD  . DNG A 1 1  ? -5.837  2.824   -7.408  1.00 1.00 ? 1  DNG A CD  2 
HETATM 411  C CE  . DNG A 1 1  ? -6.265  2.735   -8.876  1.00 1.00 ? 1  DNG A CE  2 
HETATM 412  C CG  . DNG A 1 1  ? -4.390  2.344   -7.247  1.00 1.00 ? 1  DNG A CG  2 
HETATM 413  H H   . DNG A 1 1  ? -3.684  -0.118  -5.151  1.00 1.00 ? 1  DNG A H   2 
HETATM 414  H HC1 . DNG A 1 1  ? -5.398  -1.502  -5.409  1.00 1.00 ? 1  DNG A HC1 2 
HETATM 415  H HA  . DNG A 1 1  ? -5.654  2.083   -4.703  1.00 1.00 ? 1  DNG A HA  2 
HETATM 416  H HB  . DNG A 1 1  ? -3.913  3.587   -5.552  1.00 1.00 ? 1  DNG A HB  2 
HETATM 417  H HBA . DNG A 1 1  ? -2.815  2.227   -5.806  1.00 1.00 ? 1  DNG A HBA 2 
HETATM 418  H HD  . DNG A 1 1  ? -5.921  3.859   -7.074  1.00 1.00 ? 1  DNG A HD  2 
HETATM 419  H HDA . DNG A 1 1  ? -6.509  2.201   -6.817  1.00 1.00 ? 1  DNG A HDA 2 
HETATM 420  H HE  . DNG A 1 1  ? -5.624  3.367   -9.491  1.00 1.00 ? 1  DNG A HE  2 
HETATM 421  H HEA . DNG A 1 1  ? -7.297  3.075   -8.973  1.00 1.00 ? 1  DNG A HEA 2 
HETATM 422  H HEB . DNG A 1 1  ? -6.196  1.703   -9.220  1.00 1.00 ? 1  DNG A HEB 2 
HETATM 423  H HG  . DNG A 1 1  ? -4.318  1.295   -7.537  1.00 1.00 ? 1  DNG A HG  2 
HETATM 424  H HGA . DNG A 1 1  ? -3.754  2.926   -7.914  1.00 1.00 ? 1  DNG A HGA 2 
HETATM 425  N N   . NLE A 1 2  ? -4.448  0.957   -2.457  1.00 1.00 ? 2  NLE A N   2 
HETATM 426  C CA  . NLE A 1 2  ? -4.154  1.023   -1.038  1.00 1.00 ? 2  NLE A CA  2 
HETATM 427  C C   . NLE A 1 2  ? -3.790  -0.349  -0.461  1.00 1.00 ? 2  NLE A C   2 
HETATM 428  O O   . NLE A 1 2  ? -4.034  -1.377  -1.096  1.00 1.00 ? 2  NLE A O   2 
HETATM 429  C CB  . NLE A 1 2  ? -5.334  1.678   -0.308  1.00 1.00 ? 2  NLE A CB  2 
HETATM 430  C CG  . NLE A 1 2  ? -6.638  0.886   -0.484  1.00 1.00 ? 2  NLE A CG  2 
HETATM 431  C CD  . NLE A 1 2  ? -7.786  1.488   0.335   1.00 1.00 ? 2  NLE A CD  2 
HETATM 432  C CE  . NLE A 1 2  ? -8.195  2.879   -0.159  1.00 1.00 ? 2  NLE A CE  2 
HETATM 433  H H   . NLE A 1 2  ? -5.023  0.189   -2.771  1.00 1.00 ? 2  NLE A H   2 
HETATM 434  H HA  . NLE A 1 2  ? -3.310  1.684   -0.914  1.00 1.00 ? 2  NLE A HA  2 
HETATM 435  H HB2 . NLE A 1 2  ? -5.099  1.765   0.753   1.00 1.00 ? 2  NLE A HB2 2 
HETATM 436  H HB3 . NLE A 1 2  ? -5.464  2.681   -0.713  1.00 1.00 ? 2  NLE A HB3 2 
HETATM 437  H HG2 . NLE A 1 2  ? -6.918  0.843   -1.538  1.00 1.00 ? 2  NLE A HG2 2 
HETATM 438  H HG3 . NLE A 1 2  ? -6.479  -0.132  -0.134  1.00 1.00 ? 2  NLE A HG3 2 
HETATM 439  H HD2 . NLE A 1 2  ? -8.648  0.825   0.256   1.00 1.00 ? 2  NLE A HD2 2 
HETATM 440  H HD3 . NLE A 1 2  ? -7.496  1.549   1.385   1.00 1.00 ? 2  NLE A HD3 2 
HETATM 441  H HE1 . NLE A 1 2  ? -8.427  2.845   -1.223  1.00 1.00 ? 2  NLE A HE1 2 
HETATM 442  H HE2 . NLE A 1 2  ? -9.079  3.207   0.388   1.00 1.00 ? 2  NLE A HE2 2 
HETATM 443  H HE3 . NLE A 1 2  ? -7.396  3.599   0.016   1.00 1.00 ? 2  NLE A HE3 2 
HETATM 444  N N   . DNE A 1 3  ? -3.231  -0.361  0.754   1.00 1.00 ? 3  DNE A N   2 
HETATM 445  C CA  . DNE A 1 3  ? -2.954  -1.562  1.530   1.00 1.00 ? 3  DNE A CA  2 
HETATM 446  C C   . DNE A 1 3  ? -1.441  -1.732  1.689   1.00 1.00 ? 3  DNE A C   2 
HETATM 447  O O   . DNE A 1 3  ? -0.894  -1.530  2.776   1.00 1.00 ? 3  DNE A O   2 
HETATM 448  C CB  . DNE A 1 3  ? -3.641  -1.427  2.900   1.00 1.00 ? 3  DNE A CB  2 
HETATM 449  C CG  . DNE A 1 3  ? -5.125  -1.057  2.789   1.00 1.00 ? 3  DNE A CG  2 
HETATM 450  C CD  . DNE A 1 3  ? -5.718  -0.864  4.186   1.00 1.00 ? 3  DNE A CD  2 
HETATM 451  C CE  . DNE A 1 3  ? -7.121  -0.256  4.111   1.00 1.00 ? 3  DNE A CE  2 
HETATM 452  H H   . DNE A 1 3  ? -2.990  0.507   1.222   1.00 1.00 ? 3  DNE A H   2 
HETATM 453  H HA  . DNE A 1 3  ? -3.354  -2.449  1.035   1.00 1.00 ? 3  DNE A HA  2 
HETATM 454  H HB2 . DNE A 1 3  ? -3.542  -2.372  3.434   1.00 1.00 ? 3  DNE A HB2 2 
HETATM 455  H HB3 . DNE A 1 3  ? -3.143  -0.648  3.479   1.00 1.00 ? 3  DNE A HB3 2 
HETATM 456  H HG2 . DNE A 1 3  ? -5.248  -0.130  2.229   1.00 1.00 ? 3  DNE A HG2 2 
HETATM 457  H HG3 . DNE A 1 3  ? -5.651  -1.857  2.273   1.00 1.00 ? 3  DNE A HG3 2 
HETATM 458  H HD2 . DNE A 1 3  ? -5.757  -1.829  4.691   1.00 1.00 ? 3  DNE A HD2 2 
HETATM 459  H HD3 . DNE A 1 3  ? -5.085  -0.190  4.766   1.00 1.00 ? 3  DNE A HD3 2 
HETATM 460  H HE1 . DNE A 1 3  ? -7.769  -0.861  3.478   1.00 1.00 ? 3  DNE A HE1 2 
HETATM 461  H HE2 . DNE A 1 3  ? -7.548  -0.205  5.113   1.00 1.00 ? 3  DNE A HE2 2 
HETATM 462  H HE3 . DNE A 1 3  ? -7.062  0.753   3.701   1.00 1.00 ? 3  DNE A HE3 2 
HETATM 463  N N   . NLE A 1 4  ? -0.744  -2.102  0.614   1.00 1.00 ? 4  NLE A N   2 
HETATM 464  C CA  . NLE A 1 4  ? 0.701   -2.283  0.692   1.00 1.00 ? 4  NLE A CA  2 
HETATM 465  C C   . NLE A 1 4  ? 1.420   -2.098  -0.641  1.00 1.00 ? 4  NLE A C   2 
HETATM 466  O O   . NLE A 1 4  ? 0.965   -2.557  -1.680  1.00 1.00 ? 4  NLE A O   2 
HETATM 467  C CB  . NLE A 1 4  ? 1.052   -3.631  1.344   1.00 1.00 ? 4  NLE A CB  2 
HETATM 468  C CG  . NLE A 1 4  ? 0.389   -4.824  0.639   1.00 1.00 ? 4  NLE A CG  2 
HETATM 469  C CD  . NLE A 1 4  ? 0.738   -6.159  1.308   1.00 1.00 ? 4  NLE A CD  2 
HETATM 470  C CE  . NLE A 1 4  ? 2.217   -6.526  1.154   1.00 1.00 ? 4  NLE A CE  2 
HETATM 471  H H   . NLE A 1 4  ? -1.222  -2.277  -0.272  1.00 1.00 ? 4  NLE A H   2 
HETATM 472  H HA  . NLE A 1 4  ? 1.064   -1.474  1.316   1.00 1.00 ? 4  NLE A HA  2 
HETATM 473  H HB2 . NLE A 1 4  ? 2.135   -3.748  1.314   1.00 1.00 ? 4  NLE A HB2 2 
HETATM 474  H HB3 . NLE A 1 4  ? 0.737   -3.620  2.387   1.00 1.00 ? 4  NLE A HB3 2 
HETATM 475  H HG2 . NLE A 1 4  ? -0.693  -4.705  0.680   1.00 1.00 ? 4  NLE A HG2 2 
HETATM 476  H HG3 . NLE A 1 4  ? 0.693   -4.858  -0.408  1.00 1.00 ? 4  NLE A HG3 2 
HETATM 477  H HD2 . NLE A 1 4  ? 0.479   -6.121  2.367   1.00 1.00 ? 4  NLE A HD2 2 
HETATM 478  H HD3 . NLE A 1 4  ? 0.141   -6.943  0.837   1.00 1.00 ? 4  NLE A HD3 2 
HETATM 479  H HE1 . NLE A 1 4  ? 2.502   -6.499  0.102   1.00 1.00 ? 4  NLE A HE1 2 
HETATM 480  H HE2 . NLE A 1 4  ? 2.847   -5.838  1.718   1.00 1.00 ? 4  NLE A HE2 2 
HETATM 481  H HE3 . NLE A 1 4  ? 2.379   -7.534  1.537   1.00 1.00 ? 4  NLE A HE3 2 
HETATM 482  N N   . DNE A 1 5  ? 2.562   -1.414  -0.619  1.00 1.00 ? 5  DNE A N   2 
HETATM 483  C CA  . DNE A 1 5  ? 3.312   -1.078  -1.816  1.00 1.00 ? 5  DNE A CA  2 
HETATM 484  C C   . DNE A 1 5  ? 4.229   0.093   -1.461  1.00 1.00 ? 5  DNE A C   2 
HETATM 485  O O   . DNE A 1 5  ? 5.452   -0.013  -1.502  1.00 1.00 ? 5  DNE A O   2 
HETATM 486  C CB  . DNE A 1 5  ? 4.031   -2.341  -2.306  1.00 1.00 ? 5  DNE A CB  2 
HETATM 487  C CG  . DNE A 1 5  ? 4.885   -2.182  -3.574  1.00 1.00 ? 5  DNE A CG  2 
HETATM 488  C CD  . DNE A 1 5  ? 4.069   -1.632  -4.750  1.00 1.00 ? 5  DNE A CD  2 
HETATM 489  C CE  . DNE A 1 5  ? 4.890   -1.676  -6.040  1.00 1.00 ? 5  DNE A CE  2 
HETATM 490  H H   . DNE A 1 5  ? 2.923   -1.092  0.266   1.00 1.00 ? 5  DNE A H   2 
HETATM 491  H HA  . DNE A 1 5  ? 2.627   -0.749  -2.592  1.00 1.00 ? 5  DNE A HA  2 
HETATM 492  H HB2 . DNE A 1 5  ? 4.624   -2.695  -1.471  1.00 1.00 ? 5  DNE A HB2 2 
HETATM 493  H HB3 . DNE A 1 5  ? 3.288   -3.109  -2.524  1.00 1.00 ? 5  DNE A HB3 2 
HETATM 494  H HG2 . DNE A 1 5  ? 5.742   -1.535  -3.392  1.00 1.00 ? 5  DNE A HG2 2 
HETATM 495  H HG3 . DNE A 1 5  ? 5.265   -3.169  -3.841  1.00 1.00 ? 5  DNE A HG3 2 
HETATM 496  H HD2 . DNE A 1 5  ? 3.165   -2.230  -4.883  1.00 1.00 ? 5  DNE A HD2 2 
HETATM 497  H HD3 . DNE A 1 5  ? 3.789   -0.596  -4.558  1.00 1.00 ? 5  DNE A HD3 2 
HETATM 498  H HE1 . DNE A 1 5  ? 5.796   -1.082  -5.925  1.00 1.00 ? 5  DNE A HE1 2 
HETATM 499  H HE2 . DNE A 1 5  ? 5.162   -2.706  -6.274  1.00 1.00 ? 5  DNE A HE2 2 
HETATM 500  H HE3 . DNE A 1 5  ? 4.300   -1.270  -6.862  1.00 1.00 ? 5  DNE A HE3 2 
HETATM 501  N N   . NLE A 1 6  ? 3.630   1.218   -1.071  1.00 1.00 ? 6  NLE A N   2 
HETATM 502  C CA  . NLE A 1 6  ? 4.351   2.416   -0.654  1.00 1.00 ? 6  NLE A CA  2 
HETATM 503  C C   . NLE A 1 6  ? 3.489   3.199   0.346   1.00 1.00 ? 6  NLE A C   2 
HETATM 504  O O   . NLE A 1 6  ? 2.273   3.082   0.264   1.00 1.00 ? 6  NLE A O   2 
HETATM 505  C CB  . NLE A 1 6  ? 4.709   3.252   -1.895  1.00 1.00 ? 6  NLE A CB  2 
HETATM 506  C CG  . NLE A 1 6  ? 3.492   3.540   -2.790  1.00 1.00 ? 6  NLE A CG  2 
HETATM 507  C CD  . NLE A 1 6  ? 3.838   4.478   -3.953  1.00 1.00 ? 6  NLE A CD  2 
HETATM 508  C CE  . NLE A 1 6  ? 4.780   3.825   -4.969  1.00 1.00 ? 6  NLE A CE  2 
HETATM 509  H H   . NLE A 1 6  ? 2.610   1.257   -1.051  1.00 1.00 ? 6  NLE A H   2 
HETATM 510  H HA  . NLE A 1 6  ? 5.263   2.100   -0.153  1.00 1.00 ? 6  NLE A HA  2 
HETATM 511  H HB2 . NLE A 1 6  ? 5.146   4.201   -1.586  1.00 1.00 ? 6  NLE A HB2 2 
HETATM 512  H HB3 . NLE A 1 6  ? 5.452   2.700   -2.470  1.00 1.00 ? 6  NLE A HB3 2 
HETATM 513  H HG2 . NLE A 1 6  ? 3.097   2.609   -3.196  1.00 1.00 ? 6  NLE A HG2 2 
HETATM 514  H HG3 . NLE A 1 6  ? 2.712   4.020   -2.197  1.00 1.00 ? 6  NLE A HG3 2 
HETATM 515  H HD2 . NLE A 1 6  ? 2.912   4.743   -4.465  1.00 1.00 ? 6  NLE A HD2 2 
HETATM 516  H HD3 . NLE A 1 6  ? 4.291   5.394   -3.570  1.00 1.00 ? 6  NLE A HD3 2 
HETATM 517  H HE1 . NLE A 1 6  ? 4.362   2.878   -5.314  1.00 1.00 ? 6  NLE A HE1 2 
HETATM 518  H HE2 . NLE A 1 6  ? 4.903   4.490   -5.824  1.00 1.00 ? 6  NLE A HE2 2 
HETATM 519  H HE3 . NLE A 1 6  ? 5.759   3.647   -4.524  1.00 1.00 ? 6  NLE A HE3 2 
HETATM 520  C C   . DNM A 1 7  ? 3.856   4.847   3.603   1.00 1.00 ? 7  DNM A C   2 
HETATM 521  N N   . DNM A 1 7  ? 4.055   3.990   1.278   1.00 1.00 ? 7  DNM A N   2 
HETATM 522  O O   . DNM A 1 7  ? 4.183   5.945   4.049   1.00 1.00 ? 7  DNM A O   2 
HETATM 523  C C1  . DNM A 1 7  ? 5.502   4.142   1.434   1.00 1.00 ? 7  DNM A C1  2 
HETATM 524  C CA  . DNM A 1 7  ? 3.194   4.720   2.226   1.00 1.00 ? 7  DNM A CA  2 
HETATM 525  C CB  . DNM A 1 7  ? 2.799   6.074   1.611   1.00 1.00 ? 7  DNM A CB  2 
HETATM 526  C CD  . DNM A 1 7  ? 1.098   7.969   1.631   1.00 1.00 ? 7  DNM A CD  2 
HETATM 527  C CE  . DNM A 1 7  ? 2.135   9.083   1.459   1.00 1.00 ? 7  DNM A CE  2 
HETATM 528  C CG  . DNM A 1 7  ? 1.662   6.759   2.385   1.00 1.00 ? 7  DNM A CG  2 
HETATM 529  H HA  . DNM A 1 7  ? 2.276   4.157   2.400   1.00 1.00 ? 7  DNM A HA  2 
HETATM 530  H HB  . DNM A 1 7  ? 3.675   6.722   1.576   1.00 1.00 ? 7  DNM A HB  2 
HETATM 531  H HBA . DNM A 1 7  ? 2.452   5.904   0.591   1.00 1.00 ? 7  DNM A HBA 2 
HETATM 532  H H1  . DNM A 1 7  ? 6.037   4.058   0.490   1.00 1.00 ? 7  DNM A H1  2 
HETATM 533  H H1A . DNM A 1 7  ? 5.859   3.375   2.123   1.00 1.00 ? 7  DNM A H1A 2 
HETATM 534  H H1B . DNM A 1 7  ? 5.741   5.126   1.833   1.00 1.00 ? 7  DNM A H1B 2 
HETATM 535  H HD  . DNM A 1 7  ? 0.257   8.367   2.202   1.00 1.00 ? 7  DNM A HD  2 
HETATM 536  H HDA . DNM A 1 7  ? 0.733   7.658   0.651   1.00 1.00 ? 7  DNM A HDA 2 
HETATM 537  H HE  . DNM A 1 7  ? 2.937   8.761   0.796   1.00 1.00 ? 7  DNM A HE  2 
HETATM 538  H HEA . DNM A 1 7  ? 1.652   9.957   1.020   1.00 1.00 ? 7  DNM A HEA 2 
HETATM 539  H HEB . DNM A 1 7  ? 2.552   9.358   2.427   1.00 1.00 ? 7  DNM A HEB 2 
HETATM 540  H HG  . DNM A 1 7  ? 2.012   7.084   3.366   1.00 1.00 ? 7  DNM A HG  2 
HETATM 541  H HGA . DNM A 1 7  ? 0.850   6.046   2.529   1.00 1.00 ? 7  DNM A HGA 2 
HETATM 542  N N   . NLE A 1 8  ? 4.088   3.709   4.257   1.00 1.00 ? 8  NLE A N   2 
HETATM 543  C CA  . NLE A 1 8  ? 4.853   3.613   5.492   1.00 1.00 ? 8  NLE A CA  2 
HETATM 544  C C   . NLE A 1 8  ? 5.963   2.577   5.308   1.00 1.00 ? 8  NLE A C   2 
HETATM 545  O O   . NLE A 1 8  ? 5.967   1.832   4.329   1.00 1.00 ? 8  NLE A O   2 
HETATM 546  C CB  . NLE A 1 8  ? 3.941   3.286   6.682   1.00 1.00 ? 8  NLE A CB  2 
HETATM 547  C CG  . NLE A 1 8  ? 2.894   4.388   6.893   1.00 1.00 ? 8  NLE A CG  2 
HETATM 548  C CD  . NLE A 1 8  ? 2.180   4.203   8.235   1.00 1.00 ? 8  NLE A CD  2 
HETATM 549  C CE  . NLE A 1 8  ? 1.083   5.257   8.403   1.00 1.00 ? 8  NLE A CE  2 
HETATM 550  H H   . NLE A 1 8  ? 3.756   2.841   3.844   1.00 1.00 ? 8  NLE A H   2 
HETATM 551  H HA  . NLE A 1 8  ? 5.349   4.564   5.697   1.00 1.00 ? 8  NLE A HA  2 
HETATM 552  H HB2 . NLE A 1 8  ? 3.444   2.331   6.519   1.00 1.00 ? 8  NLE A HB2 2 
HETATM 553  H HB3 . NLE A 1 8  ? 4.552   3.210   7.582   1.00 1.00 ? 8  NLE A HB3 2 
HETATM 554  H HG2 . NLE A 1 8  ? 3.385   5.362   6.887   1.00 1.00 ? 8  NLE A HG2 2 
HETATM 555  H HG3 . NLE A 1 8  ? 2.165   4.358   6.082   1.00 1.00 ? 8  NLE A HG3 2 
HETATM 556  H HD2 . NLE A 1 8  ? 1.734   3.210   8.289   1.00 1.00 ? 8  NLE A HD2 2 
HETATM 557  H HD3 . NLE A 1 8  ? 2.899   4.307   9.048   1.00 1.00 ? 8  NLE A HD3 2 
HETATM 558  H HE1 . NLE A 1 8  ? 0.350   5.164   7.602   1.00 1.00 ? 8  NLE A HE1 2 
HETATM 559  H HE2 . NLE A 1 8  ? 0.583   5.112   9.361   1.00 1.00 ? 8  NLE A HE2 2 
HETATM 560  H HE3 . NLE A 1 8  ? 1.520   6.255   8.377   1.00 1.00 ? 8  NLE A HE3 2 
HETATM 561  N N   . DNE A 1 9  ? 6.910   2.559   6.247   1.00 1.00 ? 9  DNE A N   2 
HETATM 562  C CA  . DNE A 1 9  ? 8.131   1.769   6.178   1.00 1.00 ? 9  DNE A CA  2 
HETATM 563  C C   . DNE A 1 9  ? 9.178   2.650   5.501   1.00 1.00 ? 9  DNE A C   2 
HETATM 564  O O   . DNE A 1 9  ? 9.899   3.390   6.165   1.00 1.00 ? 9  DNE A O   2 
HETATM 565  C CB  . DNE A 1 9  ? 8.569   1.355   7.591   1.00 1.00 ? 9  DNE A CB  2 
HETATM 566  C CG  . DNE A 1 9  ? 7.548   0.407   8.229   1.00 1.00 ? 9  DNE A CG  2 
HETATM 567  C CD  . DNE A 1 9  ? 8.009   -0.021  9.626   1.00 1.00 ? 9  DNE A CD  2 
HETATM 568  C CE  . DNE A 1 9  ? 6.986   -0.969  10.255  1.00 1.00 ? 9  DNE A CE  2 
HETATM 569  H H   . DNE A 1 9  ? 6.798   3.168   7.043   1.00 1.00 ? 9  DNE A H   2 
HETATM 570  H HA  . DNE A 1 9  ? 7.977   0.867   5.582   1.00 1.00 ? 9  DNE A HA  2 
HETATM 571  H HB2 . DNE A 1 9  ? 9.530   0.845   7.521   1.00 1.00 ? 9  DNE A HB2 2 
HETATM 572  H HB3 . DNE A 1 9  ? 8.689   2.241   8.217   1.00 1.00 ? 9  DNE A HB3 2 
HETATM 573  H HG2 . DNE A 1 9  ? 6.583   0.909   8.311   1.00 1.00 ? 9  DNE A HG2 2 
HETATM 574  H HG3 . DNE A 1 9  ? 7.444   -0.476  7.599   1.00 1.00 ? 9  DNE A HG3 2 
HETATM 575  H HD2 . DNE A 1 9  ? 8.972   -0.530  9.554   1.00 1.00 ? 9  DNE A HD2 2 
HETATM 576  H HD3 . DNE A 1 9  ? 8.119   0.859   10.261  1.00 1.00 ? 9  DNE A HD3 2 
HETATM 577  H HE1 . DNE A 1 9  ? 7.329   -1.267  11.247  1.00 1.00 ? 9  DNE A HE1 2 
HETATM 578  H HE2 . DNE A 1 9  ? 6.021   -0.469  10.348  1.00 1.00 ? 9  DNE A HE2 2 
HETATM 579  H HE3 . DNE A 1 9  ? 6.873   -1.859  9.637   1.00 1.00 ? 9  DNE A HE3 2 
HETATM 580  N N   . NLO A 1 10 ? 9.231   2.604   4.172   1.00 1.00 ? 10 NLO A N   2 
HETATM 581  C CA  . NLO A 1 10 ? 10.036  3.518   3.376   1.00 1.00 ? 10 NLO A CA  2 
HETATM 582  C C   . NLO A 1 10 ? 9.553   4.952   3.606   1.00 1.00 ? 10 NLO A C   2 
HETATM 583  O O   . NLO A 1 10 ? 10.372  5.870   3.597   1.00 1.00 ? 10 NLO A O   2 
HETATM 584  C CB  . NLO A 1 10 ? 9.915   3.122   1.899   1.00 1.00 ? 10 NLO A CB  2 
HETATM 585  C CG  . NLO A 1 10 ? 10.791  3.972   0.973   1.00 1.00 ? 10 NLO A CG  2 
HETATM 586  C CD  . NLO A 1 10 ? 10.640  3.570   -0.501  1.00 1.00 ? 10 NLO A CD  2 
HETATM 587  C CE  . NLO A 1 10 ? 11.138  2.149   -0.785  1.00 1.00 ? 10 NLO A CE  2 
HETATM 588  O OXT . NLO A 1 10 ? 8.202   5.098   3.795   1.00 1.00 ? 10 NLO A OXT 2 
HETATM 589  C C1  . NLO A 1 10 ? 7.736   6.383   3.428   1.00 1.00 ? 10 NLO A C1  2 
HETATM 590  H H   . NLO A 1 10 ? 8.656   1.913   3.695   1.00 1.00 ? 10 NLO A H   2 
HETATM 591  H HA  . NLO A 1 10 ? 11.080  3.438   3.685   1.00 1.00 ? 10 NLO A HA  2 
HETATM 592  H HB2 . NLO A 1 10 ? 10.201  2.075   1.808   1.00 1.00 ? 10 NLO A HB2 2 
HETATM 593  H HB3 . NLO A 1 10 ? 8.879   3.251   1.593   1.00 1.00 ? 10 NLO A HB3 2 
HETATM 594  H HG2 . NLO A 1 10 ? 10.480  5.015   1.058   1.00 1.00 ? 10 NLO A HG2 2 
HETATM 595  H HG3 . NLO A 1 10 ? 11.837  3.890   1.272   1.00 1.00 ? 10 NLO A HG3 2 
HETATM 596  H HD2 . NLO A 1 10 ? 9.595   3.654   -0.802  1.00 1.00 ? 10 NLO A HD2 2 
HETATM 597  H HD3 . NLO A 1 10 ? 11.229  4.264   -1.103  1.00 1.00 ? 10 NLO A HD3 2 
HETATM 598  H HE1 . NLO A 1 10 ? 11.133  1.977   -1.862  1.00 1.00 ? 10 NLO A HE1 2 
HETATM 599  H HE2 . NLO A 1 10 ? 12.156  2.028   -0.413  1.00 1.00 ? 10 NLO A HE2 2 
HETATM 600  H HE3 . NLO A 1 10 ? 10.490  1.409   -0.317  1.00 1.00 ? 10 NLO A HE3 2 
HETATM 601  H H11 . NLO A 1 10 ? 7.849   6.502   2.349   1.00 1.00 ? 10 NLO A H11 2 
HETATM 602  H H12 . NLO A 1 10 ? 8.278   7.172   3.953   1.00 1.00 ? 10 NLO A H12 2 
HETATM 603  H H13 . NLO A 1 10 ? 6.682   6.465   3.686   1.00 1.00 ? 10 NLO A H13 2 
HETATM 604  C C   . DNG B 1 1  ? 5.214   -1.819  1.845   1.00 1.00 ? 1  DNG B C   2 
HETATM 605  N N   . DNG B 1 1  ? 6.822   -0.230  0.928   1.00 1.00 ? 1  DNG B N   2 
HETATM 606  O O   . DNG B 1 1  ? 4.638   -2.840  1.477   1.00 1.00 ? 1  DNG B O   2 
HETATM 607  C C1  . DNG B 1 1  ? 7.454   0.766   1.544   1.00 1.00 ? 1  DNG B C1  2 
HETATM 608  O O1  . DNG B 1 1  ? 8.013   0.636   2.630   1.00 1.00 ? 1  DNG B O1  2 
HETATM 609  C CA  . DNG B 1 1  ? 6.679   -1.569  1.478   1.00 1.00 ? 1  DNG B CA  2 
HETATM 610  C CB  . DNG B 1 1  ? 7.224   -2.596  0.474   1.00 1.00 ? 1  DNG B CB  2 
HETATM 611  C CD  . DNG B 1 1  ? 9.247   -3.447  -0.756  1.00 1.00 ? 1  DNG B CD  2 
HETATM 612  C CE  . DNG B 1 1  ? 10.732  -3.215  -1.049  1.00 1.00 ? 1  DNG B CE  2 
HETATM 613  C CG  . DNG B 1 1  ? 8.713   -2.366  0.190   1.00 1.00 ? 1  DNG B CG  2 
HETATM 614  H H   . DNG B 1 1  ? 6.410   -0.059  0.018   1.00 1.00 ? 1  DNG B H   2 
HETATM 615  H HC1 . DNG B 1 1  ? 7.407   1.689   0.966   1.00 1.00 ? 1  DNG B HC1 2 
HETATM 616  H HA  . DNG B 1 1  ? 7.256   -1.673  2.399   1.00 1.00 ? 1  DNG B HA  2 
HETATM 617  H HB  . DNG B 1 1  ? 7.092   -3.598  0.886   1.00 1.00 ? 1  DNG B HB  2 
HETATM 618  H HBA . DNG B 1 1  ? 6.667   -2.526  -0.460  1.00 1.00 ? 1  DNG B HBA 2 
HETATM 619  H HD  . DNG B 1 1  ? 8.690   -3.419  -1.693  1.00 1.00 ? 1  DNG B HD  2 
HETATM 620  H HDA . DNG B 1 1  ? 9.123   -4.428  -0.297  1.00 1.00 ? 1  DNG B HDA 2 
HETATM 621  H HE  . DNG B 1 1  ? 11.095  -3.993  -1.720  1.00 1.00 ? 1  DNG B HE  2 
HETATM 622  H HEA . DNG B 1 1  ? 11.304  -3.250  -0.120  1.00 1.00 ? 1  DNG B HEA 2 
HETATM 623  H HEB . DNG B 1 1  ? 10.871  -2.242  -1.520  1.00 1.00 ? 1  DNG B HEB 2 
HETATM 624  H HG  . DNG B 1 1  ? 9.269   -2.397  1.128   1.00 1.00 ? 1  DNG B HG  2 
HETATM 625  H HGA . DNG B 1 1  ? 8.855   -1.390  -0.274  1.00 1.00 ? 1  DNG B HGA 2 
HETATM 626  N N   . NLE B 1 2  ? 4.608   -0.883  2.580   1.00 1.00 ? 2  NLE B N   2 
HETATM 627  C CA  . NLE B 1 2  ? 3.279   -1.030  3.160   1.00 1.00 ? 2  NLE B CA  2 
HETATM 628  C C   . NLE B 1 2  ? 2.529   0.308   3.182   1.00 1.00 ? 2  NLE B C   2 
HETATM 629  O O   . NLE B 1 2  ? 3.135   1.360   2.985   1.00 1.00 ? 2  NLE B O   2 
HETATM 630  C CB  . NLE B 1 2  ? 3.394   -1.644  4.563   1.00 1.00 ? 2  NLE B CB  2 
HETATM 631  C CG  . NLE B 1 2  ? 4.235   -0.791  5.523   1.00 1.00 ? 2  NLE B CG  2 
HETATM 632  C CD  . NLE B 1 2  ? 4.433   -1.482  6.878   1.00 1.00 ? 2  NLE B CD  2 
HETATM 633  C CE  . NLE B 1 2  ? 3.128   -1.655  7.662   1.00 1.00 ? 2  NLE B CE  2 
HETATM 634  H H   . NLE B 1 2  ? 5.101   -0.022  2.771   1.00 1.00 ? 2  NLE B H   2 
HETATM 635  H HA  . NLE B 1 2  ? 2.714   -1.740  2.568   1.00 1.00 ? 2  NLE B HA  2 
HETATM 636  H HB2 . NLE B 1 2  ? 2.389   -1.769  4.964   1.00 1.00 ? 2  NLE B HB2 2 
HETATM 637  H HB3 . NLE B 1 2  ? 3.851   -2.630  4.474   1.00 1.00 ? 2  NLE B HB3 2 
HETATM 638  H HG2 . NLE B 1 2  ? 5.221   -0.617  5.088   1.00 1.00 ? 2  NLE B HG2 2 
HETATM 639  H HG3 . NLE B 1 2  ? 3.757   0.175   5.679   1.00 1.00 ? 2  NLE B HG3 2 
HETATM 640  H HD2 . NLE B 1 2  ? 4.900   -2.456  6.729   1.00 1.00 ? 2  NLE B HD2 2 
HETATM 641  H HD3 . NLE B 1 2  ? 5.101   -0.868  7.479   1.00 1.00 ? 2  NLE B HD3 2 
HETATM 642  H HE1 . NLE B 1 2  ? 3.356   -2.069  8.645   1.00 1.00 ? 2  NLE B HE1 2 
HETATM 643  H HE2 . NLE B 1 2  ? 2.643   -0.688  7.792   1.00 1.00 ? 2  NLE B HE2 2 
HETATM 644  H HE3 . NLE B 1 2  ? 2.454   -2.339  7.148   1.00 1.00 ? 2  NLE B HE3 2 
HETATM 645  N N   . DNE B 1 3  ? 1.218   0.269   3.442   1.00 1.00 ? 3  DNE B N   2 
HETATM 646  C CA  . DNE B 1 3  ? 0.390   1.443   3.687   1.00 1.00 ? 3  DNE B CA  2 
HETATM 647  C C   . DNE B 1 3  ? -0.554  1.654   2.506   1.00 1.00 ? 3  DNE B C   2 
HETATM 648  O O   . DNE B 1 3  ? -1.746  1.352   2.578   1.00 1.00 ? 3  DNE B O   2 
HETATM 649  C CB  . DNE B 1 3  ? -0.390  1.248   4.993   1.00 1.00 ? 3  DNE B CB  2 
HETATM 650  C CG  . DNE B 1 3  ? 0.551   1.139   6.198   1.00 1.00 ? 3  DNE B CG  2 
HETATM 651  C CD  . DNE B 1 3  ? -0.196  0.775   7.487   1.00 1.00 ? 3  DNE B CD  2 
HETATM 652  C CE  . DNE B 1 3  ? -1.253  1.815   7.873   1.00 1.00 ? 3  DNE B CE  2 
HETATM 653  H H   . DNE B 1 3  ? 0.736   -0.625  3.488   1.00 1.00 ? 3  DNE B H   2 
HETATM 654  H HA  . DNE B 1 3  ? 1.002   2.339   3.798   1.00 1.00 ? 3  DNE B HA  2 
HETATM 655  H HB2 . DNE B 1 3  ? -1.036  2.115   5.124   1.00 1.00 ? 3  DNE B HB2 2 
HETATM 656  H HB3 . DNE B 1 3  ? -1.005  0.350   4.923   1.00 1.00 ? 3  DNE B HB3 2 
HETATM 657  H HG2 . DNE B 1 3  ? 1.297   0.367   6.012   1.00 1.00 ? 3  DNE B HG2 2 
HETATM 658  H HG3 . DNE B 1 3  ? 1.062   2.091   6.328   1.00 1.00 ? 3  DNE B HG3 2 
HETATM 659  H HD2 . DNE B 1 3  ? -0.676  -0.198  7.368   1.00 1.00 ? 3  DNE B HD2 2 
HETATM 660  H HD3 . DNE B 1 3  ? 0.530   0.704   8.298   1.00 1.00 ? 3  DNE B HD3 2 
HETATM 661  H HE1 . DNE B 1 3  ? -0.805  2.807   7.916   1.00 1.00 ? 3  DNE B HE1 2 
HETATM 662  H HE2 . DNE B 1 3  ? -2.070  1.815   7.152   1.00 1.00 ? 3  DNE B HE2 2 
HETATM 663  H HE3 . DNE B 1 3  ? -1.658  1.566   8.854   1.00 1.00 ? 3  DNE B HE3 2 
HETATM 664  N N   . NLE B 1 4  ? -0.017  2.169   1.402   1.00 1.00 ? 4  NLE B N   2 
HETATM 665  C CA  . NLE B 1 4  ? -0.763  2.368   0.170   1.00 1.00 ? 4  NLE B CA  2 
HETATM 666  C C   . NLE B 1 4  ? -0.147  1.497   -0.925  1.00 1.00 ? 4  NLE B C   2 
HETATM 667  O O   . NLE B 1 4  ? 0.856   0.829   -0.689  1.00 1.00 ? 4  NLE B O   2 
HETATM 668  C CB  . NLE B 1 4  ? -0.819  3.855   -0.216  1.00 1.00 ? 4  NLE B CB  2 
HETATM 669  C CG  . NLE B 1 4  ? -1.477  4.735   0.858   1.00 1.00 ? 4  NLE B CG  2 
HETATM 670  C CD  . NLE B 1 4  ? -2.968  4.425   1.037   1.00 1.00 ? 4  NLE B CD  2 
HETATM 671  C CE  . NLE B 1 4  ? -3.610  5.433   1.992   1.00 1.00 ? 4  NLE B CE  2 
HETATM 672  H H   . NLE B 1 4  ? 0.972   2.411   1.377   1.00 1.00 ? 4  NLE B H   2 
HETATM 673  H HA  . NLE B 1 4  ? -1.770  2.022   0.324   1.00 1.00 ? 4  NLE B HA  2 
HETATM 674  H HB2 . NLE B 1 4  ? 0.190   4.225   -0.394  1.00 1.00 ? 4  NLE B HB2 2 
HETATM 675  H HB3 . NLE B 1 4  ? -1.382  3.969   -1.143  1.00 1.00 ? 4  NLE B HB3 2 
HETATM 676  H HG2 . NLE B 1 4  ? -0.962  4.612   1.810   1.00 1.00 ? 4  NLE B HG2 2 
HETATM 677  H HG3 . NLE B 1 4  ? -1.374  5.775   0.544   1.00 1.00 ? 4  NLE B HG3 2 
HETATM 678  H HD2 . NLE B 1 4  ? -3.474  4.479   0.071   1.00 1.00 ? 4  NLE B HD2 2 
HETATM 679  H HD3 . NLE B 1 4  ? -3.101  3.428   1.455   1.00 1.00 ? 4  NLE B HD3 2 
HETATM 680  H HE1 . NLE B 1 4  ? -3.120  5.385   2.965   1.00 1.00 ? 4  NLE B HE1 2 
HETATM 681  H HE2 . NLE B 1 4  ? -3.517  6.442   1.589   1.00 1.00 ? 4  NLE B HE2 2 
HETATM 682  H HE3 . NLE B 1 4  ? -4.667  5.196   2.114   1.00 1.00 ? 4  NLE B HE3 2 
HETATM 683  N N   . DNE B 1 5  ? -0.724  1.501   -2.127  1.00 1.00 ? 5  DNE B N   2 
HETATM 684  C CA  . DNE B 1 5  ? -0.151  0.824   -3.282  1.00 1.00 ? 5  DNE B CA  2 
HETATM 685  C C   . DNE B 1 5  ? -1.096  -0.257  -3.806  1.00 1.00 ? 5  DNE B C   2 
HETATM 686  O O   . DNE B 1 5  ? -1.969  0.038   -4.615  1.00 1.00 ? 5  DNE B O   2 
HETATM 687  C CB  . DNE B 1 5  ? 0.128   1.898   -4.332  1.00 1.00 ? 5  DNE B CB  2 
HETATM 688  C CG  . DNE B 1 5  ? 0.819   1.339   -5.584  1.00 1.00 ? 5  DNE B CG  2 
HETATM 689  C CD  . DNE B 1 5  ? 1.113   2.468   -6.576  1.00 1.00 ? 5  DNE B CD  2 
HETATM 690  C CE  . DNE B 1 5  ? 1.823   1.916   -7.815  1.00 1.00 ? 5  DNE B CE  2 
HETATM 691  H H   . DNE B 1 5  ? -1.586  2.019   -2.279  1.00 1.00 ? 5  DNE B H   2 
HETATM 692  H HA  . DNE B 1 5  ? 0.800   0.356   -3.039  1.00 1.00 ? 5  DNE B HA  2 
HETATM 693  H HB2 . DNE B 1 5  ? -0.830  2.349   -4.579  1.00 1.00 ? 5  DNE B HB2 2 
HETATM 694  H HB3 . DNE B 1 5  ? 0.767   2.665   -3.894  1.00 1.00 ? 5  DNE B HB3 2 
HETATM 695  H HG2 . DNE B 1 5  ? 1.757   0.863   -5.296  1.00 1.00 ? 5  DNE B HG2 2 
HETATM 696  H HG3 . DNE B 1 5  ? 0.180   0.604   -6.072  1.00 1.00 ? 5  DNE B HG3 2 
HETATM 697  H HD2 . DNE B 1 5  ? 0.177   2.939   -6.879  1.00 1.00 ? 5  DNE B HD2 2 
HETATM 698  H HD3 . DNE B 1 5  ? 1.751   3.216   -6.105  1.00 1.00 ? 5  DNE B HD3 2 
HETATM 699  H HE1 . DNE B 1 5  ? 2.768   1.453   -7.527  1.00 1.00 ? 5  DNE B HE1 2 
HETATM 700  H HE2 . DNE B 1 5  ? 1.191   1.175   -8.306  1.00 1.00 ? 5  DNE B HE2 2 
HETATM 701  H HE3 . DNE B 1 5  ? 2.023   2.730   -8.511  1.00 1.00 ? 5  DNE B HE3 2 
HETATM 702  N N   . NLE B 1 6  ? -0.927  -1.507  -3.379  1.00 1.00 ? 6  NLE B N   2 
HETATM 703  C CA  . NLE B 1 6  ? -1.735  -2.638  -3.832  1.00 1.00 ? 6  NLE B CA  2 
HETATM 704  C C   . NLE B 1 6  ? -2.254  -3.440  -2.630  1.00 1.00 ? 6  NLE B C   2 
HETATM 705  O O   . NLE B 1 6  ? -1.615  -3.416  -1.587  1.00 1.00 ? 6  NLE B O   2 
HETATM 706  C CB  . NLE B 1 6  ? -0.862  -3.531  -4.729  1.00 1.00 ? 6  NLE B CB  2 
HETATM 707  C CG  . NLE B 1 6  ? -0.316  -2.767  -5.942  1.00 1.00 ? 6  NLE B CG  2 
HETATM 708  C CD  . NLE B 1 6  ? 0.466   -3.712  -6.860  1.00 1.00 ? 6  NLE B CD  2 
HETATM 709  C CE  . NLE B 1 6  ? 1.044   -2.939  -8.048  1.00 1.00 ? 6  NLE B CE  2 
HETATM 710  H H   . NLE B 1 6  ? -0.191  -1.716  -2.710  1.00 1.00 ? 6  NLE B H   2 
HETATM 711  H HA  . NLE B 1 6  ? -2.579  -2.265  -4.411  1.00 1.00 ? 6  NLE B HA  2 
HETATM 712  H HB2 . NLE B 1 6  ? -0.026  -3.912  -4.141  1.00 1.00 ? 6  NLE B HB2 2 
HETATM 713  H HB3 . NLE B 1 6  ? -1.450  -4.379  -5.077  1.00 1.00 ? 6  NLE B HB3 2 
HETATM 714  H HG2 . NLE B 1 6  ? -1.143  -2.323  -6.496  1.00 1.00 ? 6  NLE B HG2 2 
HETATM 715  H HG3 . NLE B 1 6  ? 0.357   -1.976  -5.609  1.00 1.00 ? 6  NLE B HG3 2 
HETATM 716  H HD2 . NLE B 1 6  ? 1.283   -4.169  -6.302  1.00 1.00 ? 6  NLE B HD2 2 
HETATM 717  H HD3 . NLE B 1 6  ? -0.196  -4.496  -7.230  1.00 1.00 ? 6  NLE B HD3 2 
HETATM 718  H HE1 . NLE B 1 6  ? 1.596   -3.624  -8.693  1.00 1.00 ? 6  NLE B HE1 2 
HETATM 719  H HE2 . NLE B 1 6  ? 0.237   -2.482  -8.623  1.00 1.00 ? 6  NLE B HE2 2 
HETATM 720  H HE3 . NLE B 1 6  ? 1.721   -2.161  -7.694  1.00 1.00 ? 6  NLE B HE3 2 
HETATM 721  C C   . DNM B 1 7  ? -5.295  -4.899  -1.337  1.00 1.00 ? 7  DNM B C   2 
HETATM 722  N N   . DNM B 1 7  ? -3.380  -4.168  -2.733  1.00 1.00 ? 7  DNM B N   2 
HETATM 723  O O   . DNM B 1 7  ? -6.001  -5.900  -1.231  1.00 1.00 ? 7  DNM B O   2 
HETATM 724  C C1  . DNM B 1 7  ? -4.273  -4.065  -3.883  1.00 1.00 ? 7  DNM B C1  2 
HETATM 725  C CA  . DNM B 1 7  ? -3.798  -5.037  -1.619  1.00 1.00 ? 7  DNM B CA  2 
HETATM 726  C CB  . DNM B 1 7  ? -3.407  -6.496  -1.916  1.00 1.00 ? 7  DNM B CB  2 
HETATM 727  C CD  . DNM B 1 7  ? -1.528  -8.141  -2.256  1.00 1.00 ? 7  DNM B CD  2 
HETATM 728  C CE  . DNM B 1 7  ? -0.024  -8.297  -2.490  1.00 1.00 ? 7  DNM B CE  2 
HETATM 729  C CG  . DNM B 1 7  ? -1.897  -6.659  -2.136  1.00 1.00 ? 7  DNM B CG  2 
HETATM 730  H HA  . DNM B 1 7  ? -3.312  -4.755  -0.684  1.00 1.00 ? 7  DNM B HA  2 
HETATM 731  H HB  . DNM B 1 7  ? -3.700  -7.110  -1.063  1.00 1.00 ? 7  DNM B HB  2 
HETATM 732  H HBA . DNM B 1 7  ? -3.940  -6.850  -2.798  1.00 1.00 ? 7  DNM B HBA 2 
HETATM 733  H H1  . DNM B 1 7  ? -3.731  -4.092  -4.828  1.00 1.00 ? 7  DNM B H1  2 
HETATM 734  H H1A . DNM B 1 7  ? -4.811  -3.120  -3.783  1.00 1.00 ? 7  DNM B H1A 2 
HETATM 735  H H1B . DNM B 1 7  ? -4.987  -4.886  -3.912  1.00 1.00 ? 7  DNM B H1B 2 
HETATM 736  H HD  . DNM B 1 7  ? -2.069  -8.586  -3.094  1.00 1.00 ? 7  DNM B HD  2 
HETATM 737  H HDA . DNM B 1 7  ? -1.803  -8.663  -1.338  1.00 1.00 ? 7  DNM B HDA 2 
HETATM 738  H HE  . DNM B 1 7  ? 0.529   -7.863  -1.657  1.00 1.00 ? 7  DNM B HE  2 
HETATM 739  H HEA . DNM B 1 7  ? 0.224   -9.356  -2.570  1.00 1.00 ? 7  DNM B HEA 2 
HETATM 740  H HEB . DNM B 1 7  ? 0.264   -7.794  -3.413  1.00 1.00 ? 7  DNM B HEB 2 
HETATM 741  H HG  . DNM B 1 7  ? -1.359  -6.223  -1.295  1.00 1.00 ? 7  DNM B HG  2 
HETATM 742  H HGA . DNM B 1 7  ? -1.600  -6.150  -3.054  1.00 1.00 ? 7  DNM B HGA 2 
HETATM 743  N N   . NLE B 1 8  ? -5.788  -3.661  -1.251  1.00 1.00 ? 8  NLE B N   2 
HETATM 744  C CA  . NLE B 1 8  ? -7.213  -3.374  -1.182  1.00 1.00 ? 8  NLE B CA  2 
HETATM 745  C C   . NLE B 1 8  ? -7.564  -2.278  -2.190  1.00 1.00 ? 8  NLE B C   2 
HETATM 746  O O   . NLE B 1 8  ? -6.688  -1.575  -2.696  1.00 1.00 ? 8  NLE B O   2 
HETATM 747  C CB  . NLE B 1 8  ? -7.652  -3.045  0.251   1.00 1.00 ? 8  NLE B CB  2 
HETATM 748  C CG  . NLE B 1 8  ? -7.385  -4.230  1.191   1.00 1.00 ? 8  NLE B CG  2 
HETATM 749  C CD  . NLE B 1 8  ? -8.018  -4.003  2.566   1.00 1.00 ? 8  NLE B CD  2 
HETATM 750  C CE  . NLE B 1 8  ? -7.753  -5.204  3.478   1.00 1.00 ? 8  NLE B CE  2 
HETATM 751  H H   . NLE B 1 8  ? -5.146  -2.869  -1.282  1.00 1.00 ? 8  NLE B H   2 
HETATM 752  H HA  . NLE B 1 8  ? -7.774  -4.256  -1.499  1.00 1.00 ? 8  NLE B HA  2 
HETATM 753  H HB2 . NLE B 1 8  ? -7.128  -2.162  0.606   1.00 1.00 ? 8  NLE B HB2 2 
HETATM 754  H HB3 . NLE B 1 8  ? -8.722  -2.834  0.250   1.00 1.00 ? 8  NLE B HB3 2 
HETATM 755  H HG2 . NLE B 1 8  ? -7.809  -5.136  0.755   1.00 1.00 ? 8  NLE B HG2 2 
HETATM 756  H HG3 . NLE B 1 8  ? -6.310  -4.366  1.312   1.00 1.00 ? 8  NLE B HG3 2 
HETATM 757  H HD2 . NLE B 1 8  ? -7.590  -3.115  3.025   1.00 1.00 ? 8  NLE B HD2 2 
HETATM 758  H HD3 . NLE B 1 8  ? -9.096  -3.867  2.459   1.00 1.00 ? 8  NLE B HD3 2 
HETATM 759  H HE1 . NLE B 1 8  ? -8.185  -6.106  3.042   1.00 1.00 ? 8  NLE B HE1 2 
HETATM 760  H HE2 . NLE B 1 8  ? -6.679  -5.345  3.606   1.00 1.00 ? 8  NLE B HE2 2 
HETATM 761  H HE3 . NLE B 1 8  ? -8.207  -5.027  4.454   1.00 1.00 ? 8  NLE B HE3 2 
HETATM 762  N N   . DNE B 1 9  ? -8.859  -2.176  -2.486  1.00 1.00 ? 9  DNE B N   2 
HETATM 763  C CA  . DNE B 1 9  ? -9.429  -1.343  -3.534  1.00 1.00 ? 9  DNE B CA  2 
HETATM 764  C C   . DNE B 1 9  ? -9.549  -2.248  -4.760  1.00 1.00 ? 9  DNE B C   2 
HETATM 765  O O   . DNE B 1 9  ? -10.453 -3.078  -4.824  1.00 1.00 ? 9  DNE B O   2 
HETATM 766  C CB  . DNE B 1 9  ? -10.800 -0.811  -3.094  1.00 1.00 ? 9  DNE B CB  2 
HETATM 767  C CG  . DNE B 1 9  ? -10.682 0.098   -1.866  1.00 1.00 ? 9  DNE B CG  2 
HETATM 768  C CD  . DNE B 1 9  ? -12.058 0.654   -1.485  1.00 1.00 ? 9  DNE B CD  2 
HETATM 769  C CE  . DNE B 1 9  ? -11.947 1.579   -0.273  1.00 1.00 ? 9  DNE B CE  2 
HETATM 770  H H   . DNE B 1 9  ? -9.494  -2.766  -1.976  1.00 1.00 ? 9  DNE B H   2 
HETATM 771  H HA  . DNE B 1 9  ? -8.780  -0.493  -3.750  1.00 1.00 ? 9  DNE B HA  2 
HETATM 772  H HB2 . DNE B 1 9  ? -11.230 -0.241  -3.920  1.00 1.00 ? 9  DNE B HB2 2 
HETATM 773  H HB3 . DNE B 1 9  ? -11.466 -1.644  -2.866  1.00 1.00 ? 9  DNE B HB3 2 
HETATM 774  H HG2 . DNE B 1 9  ? -10.283 -0.471  -1.025  1.00 1.00 ? 9  DNE B HG2 2 
HETATM 775  H HG3 . DNE B 1 9  ? -10.006 0.924   -2.092  1.00 1.00 ? 9  DNE B HG3 2 
HETATM 776  H HD2 . DNE B 1 9  ? -12.472 1.215   -2.324  1.00 1.00 ? 9  DNE B HD2 2 
HETATM 777  H HD3 . DNE B 1 9  ? -12.731 -0.172  -1.244  1.00 1.00 ? 9  DNE B HD3 2 
HETATM 778  H HE1 . DNE B 1 9  ? -12.938 1.948   -0.004  1.00 1.00 ? 9  DNE B HE1 2 
HETATM 779  H HE2 . DNE B 1 9  ? -11.528 1.036   0.576   1.00 1.00 ? 9  DNE B HE2 2 
HETATM 780  H HE3 . DNE B 1 9  ? -11.306 2.427   -0.512  1.00 1.00 ? 9  DNE B HE3 2 
HETATM 781  N N   . NLO B 1 10 ? -8.613  -2.130  -5.700  1.00 1.00 ? 10 NLO B N   2 
HETATM 782  C CA  . NLO B 1 10 ? -8.436  -3.084  -6.789  1.00 1.00 ? 10 NLO B CA  2 
HETATM 783  C C   . NLO B 1 10 ? -8.365  -4.498  -6.208  1.00 1.00 ? 10 NLO B C   2 
HETATM 784  O O   . NLO B 1 10 ? -8.999  -5.407  -6.741  1.00 1.00 ? 10 NLO B O   2 
HETATM 785  C CB  . NLO B 1 10 ? -7.146  -2.735  -7.546  1.00 1.00 ? 10 NLO B CB  2 
HETATM 786  C CG  . NLO B 1 10 ? -6.826  -3.723  -8.671  1.00 1.00 ? 10 NLO B CG  2 
HETATM 787  C CD  . NLO B 1 10 ? -5.575  -3.320  -9.464  1.00 1.00 ? 10 NLO B CD  2 
HETATM 788  C CE  . NLO B 1 10 ? -5.770  -2.034  -10.273 1.00 1.00 ? 10 NLO B CE  2 
HETATM 789  O OXT . NLO B 1 10 ? -7.562  -4.625  -5.104  1.00 1.00 ? 10 NLO B OXT 2 
HETATM 790  C C1  . NLO B 1 10 ? -7.774  -5.837  -4.410  1.00 1.00 ? 10 NLO B C1  2 
HETATM 791  H H   . NLO B 1 10 ? -7.974  -1.348  -5.621  1.00 1.00 ? 10 NLO B H   2 
HETATM 792  H HA  . NLO B 1 10 ? -9.287  -3.017  -7.469  1.00 1.00 ? 10 NLO B HA  2 
HETATM 793  H HB2 . NLO B 1 10 ? -7.239  -1.723  -7.935  1.00 1.00 ? 10 NLO B HB2 2 
HETATM 794  H HB3 . NLO B 1 10 ? -6.310  -2.782  -6.854  1.00 1.00 ? 10 NLO B HB3 2 
HETATM 795  H HG2 . NLO B 1 10 ? -6.619  -4.691  -8.211  1.00 1.00 ? 10 NLO B HG2 2 
HETATM 796  H HG3 . NLO B 1 10 ? -7.679  -3.818  -9.345  1.00 1.00 ? 10 NLO B HG3 2 
HETATM 797  H HD2 . NLO B 1 10 ? -4.731  -3.197  -8.783  1.00 1.00 ? 10 NLO B HD2 2 
HETATM 798  H HD3 . NLO B 1 10 ? -5.340  -4.127  -10.159 1.00 1.00 ? 10 NLO B HD3 2 
HETATM 799  H HE1 . NLO B 1 10 ? -5.871  -1.172  -9.615  1.00 1.00 ? 10 NLO B HE1 2 
HETATM 800  H HE2 . NLO B 1 10 ? -4.901  -1.879  -10.913 1.00 1.00 ? 10 NLO B HE2 2 
HETATM 801  H HE3 . NLO B 1 10 ? -6.658  -2.119  -10.900 1.00 1.00 ? 10 NLO B HE3 2 
HETATM 802  H H11 . NLO B 1 10 ? -7.149  -5.817  -3.522  1.00 1.00 ? 10 NLO B H11 2 
HETATM 803  H H12 . NLO B 1 10 ? -7.492  -6.692  -5.026  1.00 1.00 ? 10 NLO B H12 2 
HETATM 804  H H13 . NLO B 1 10 ? -8.819  -5.930  -4.104  1.00 1.00 ? 10 NLO B H13 2 
HETATM 805  C C   . DNG A 1 1  ? -4.376  1.465   -2.970  1.00 1.00 ? 1  DNG A C   3 
HETATM 806  N N   . DNG A 1 1  ? -4.917  0.062   -4.879  1.00 1.00 ? 1  DNG A N   3 
HETATM 807  O O   . DNG A 1 1  ? -3.837  2.515   -2.618  1.00 1.00 ? 1  DNG A O   3 
HETATM 808  C C1  . DNG A 1 1  ? -5.832  -0.890  -5.036  1.00 1.00 ? 1  DNG A C1  3 
HETATM 809  O O1  . DNG A 1 1  ? -7.019  -0.748  -4.753  1.00 1.00 ? 1  DNG A O1  3 
HETATM 810  C CA  . DNG A 1 1  ? -5.152  1.370   -4.288  1.00 1.00 ? 1  DNG A CA  3 
HETATM 811  C CB  . DNG A 1 1  ? -4.733  2.471   -5.277  1.00 1.00 ? 1  DNG A CB  3 
HETATM 812  C CD  . DNG A 1 1  ? -6.927  2.474   -6.581  1.00 1.00 ? 1  DNG A CD  3 
HETATM 813  C CE  . DNG A 1 1  ? -7.528  2.475   -7.989  1.00 1.00 ? 1  DNG A CE  3 
HETATM 814  C CG  . DNG A 1 1  ? -5.399  2.356   -6.656  1.00 1.00 ? 1  DNG A CG  3 
HETATM 815  H H   . DNG A 1 1  ? -3.963  -0.125  -5.166  1.00 1.00 ? 1  DNG A H   3 
HETATM 816  H HC1 . DNG A 1 1  ? -5.383  -1.797  -5.439  1.00 1.00 ? 1  DNG A HC1 3 
HETATM 817  H HA  . DNG A 1 1  ? -6.206  1.497   -4.043  1.00 1.00 ? 1  DNG A HA  3 
HETATM 818  H HB  . DNG A 1 1  ? -4.975  3.444   -4.847  1.00 1.00 ? 1  DNG A HB  3 
HETATM 819  H HBA . DNG A 1 1  ? -3.652  2.423   -5.419  1.00 1.00 ? 1  DNG A HBA 3 
HETATM 820  H HD  . DNG A 1 1  ? -7.200  3.400   -6.076  1.00 1.00 ? 1  DNG A HD  3 
HETATM 821  H HDA . DNG A 1 1  ? -7.343  1.630   -6.031  1.00 1.00 ? 1  DNG A HDA 3 
HETATM 822  H HE  . DNG A 1 1  ? -7.147  3.323   -8.558  1.00 1.00 ? 1  DNG A HE  3 
HETATM 823  H HEA . DNG A 1 1  ? -8.614  2.553   -7.919  1.00 1.00 ? 1  DNG A HEA 3 
HETATM 824  H HEB . DNG A 1 1  ? -7.271  1.548   -8.504  1.00 1.00 ? 1  DNG A HEB 3 
HETATM 825  H HG  . DNG A 1 1  ? -5.128  1.410   -7.124  1.00 1.00 ? 1  DNG A HG  3 
HETATM 826  H HGA . DNG A 1 1  ? -5.017  3.164   -7.280  1.00 1.00 ? 1  DNG A HGA 3 
HETATM 827  N N   . NLE A 1 2  ? -4.311  0.360   -2.225  1.00 1.00 ? 2  NLE A N   3 
HETATM 828  C CA  . NLE A 1 2  ? -3.832  0.328   -0.853  1.00 1.00 ? 2  NLE A CA  3 
HETATM 829  C C   . NLE A 1 2  ? -3.382  -1.067  -0.430  1.00 1.00 ? 2  NLE A C   3 
HETATM 830  O O   . NLE A 1 2  ? -3.602  -2.044  -1.145  1.00 1.00 ? 2  NLE A O   3 
HETATM 831  C CB  . NLE A 1 2  ? -4.907  0.897   0.089   1.00 1.00 ? 2  NLE A CB  3 
HETATM 832  C CG  . NLE A 1 2  ? -6.236  0.130   -0.002  1.00 1.00 ? 2  NLE A CG  3 
HETATM 833  C CD  . NLE A 1 2  ? -7.320  0.753   0.887   1.00 1.00 ? 2  NLE A CD  3 
HETATM 834  C CE  . NLE A 1 2  ? -7.027  0.595   2.382   1.00 1.00 ? 2  NLE A CE  3 
HETATM 835  H H   . NLE A 1 2  ? -4.631  -0.506  -2.626  1.00 1.00 ? 2  NLE A H   3 
HETATM 836  H HA  . NLE A 1 2  ? -2.949  0.944   -0.779  1.00 1.00 ? 2  NLE A HA  3 
HETATM 837  H HB2 . NLE A 1 2  ? -4.531  0.865   1.110   1.00 1.00 ? 2  NLE A HB2 3 
HETATM 838  H HB3 . NLE A 1 2  ? -5.084  1.942   -0.171  1.00 1.00 ? 2  NLE A HB3 3 
HETATM 839  H HG2 . NLE A 1 2  ? -6.599  0.155   -1.030  1.00 1.00 ? 2  NLE A HG2 3 
HETATM 840  H HG3 . NLE A 1 2  ? -6.091  -0.913  0.282   1.00 1.00 ? 2  NLE A HG3 3 
HETATM 841  H HD2 . NLE A 1 2  ? -7.428  1.812   0.647   1.00 1.00 ? 2  NLE A HD2 3 
HETATM 842  H HD3 . NLE A 1 2  ? -8.265  0.254   0.676   1.00 1.00 ? 2  NLE A HD3 3 
HETATM 843  H HE1 . NLE A 1 2  ? -6.134  1.149   2.665   1.00 1.00 ? 2  NLE A HE1 3 
HETATM 844  H HE2 . NLE A 1 2  ? -7.870  0.985   2.954   1.00 1.00 ? 2  NLE A HE2 3 
HETATM 845  H HE3 . NLE A 1 2  ? -6.898  -0.459  2.627   1.00 1.00 ? 2  NLE A HE3 3 
HETATM 846  N N   . DNE A 1 3  ? -2.760  -1.138  0.745   1.00 1.00 ? 3  DNE A N   3 
HETATM 847  C CA  . DNE A 1 3  ? -2.295  -2.353  1.391   1.00 1.00 ? 3  DNE A CA  3 
HETATM 848  C C   . DNE A 1 3  ? -0.768  -2.346  1.353   1.00 1.00 ? 3  DNE A C   3 
HETATM 849  O O   . DNE A 1 3  ? -0.121  -1.831  2.265   1.00 1.00 ? 3  DNE A O   3 
HETATM 850  C CB  . DNE A 1 3  ? -2.809  -2.387  2.835   1.00 1.00 ? 3  DNE A CB  3 
HETATM 851  C CG  . DNE A 1 3  ? -4.339  -2.441  2.891   1.00 1.00 ? 3  DNE A CG  3 
HETATM 852  C CD  . DNE A 1 3  ? -4.870  -2.219  4.314   1.00 1.00 ? 3  DNE A CD  3 
HETATM 853  C CE  . DNE A 1 3  ? -4.369  -3.279  5.299   1.00 1.00 ? 3  DNE A CE  3 
HETATM 854  H H   . DNE A 1 3  ? -2.589  -0.266  1.240   1.00 1.00 ? 3  DNE A H   3 
HETATM 855  H HA  . DNE A 1 3  ? -2.666  -3.239  0.874   1.00 1.00 ? 3  DNE A HA  3 
HETATM 856  H HB2 . DNE A 1 3  ? -2.404  -3.279  3.311   1.00 1.00 ? 3  DNE A HB2 3 
HETATM 857  H HB3 . DNE A 1 3  ? -2.459  -1.505  3.369   1.00 1.00 ? 3  DNE A HB3 3 
HETATM 858  H HG2 . DNE A 1 3  ? -4.762  -1.668  2.249   1.00 1.00 ? 3  DNE A HG2 3 
HETATM 859  H HG3 . DNE A 1 3  ? -4.663  -3.413  2.525   1.00 1.00 ? 3  DNE A HG3 3 
HETATM 860  H HD2 . DNE A 1 3  ? -4.570  -1.231  4.665   1.00 1.00 ? 3  DNE A HD2 3 
HETATM 861  H HD3 . DNE A 1 3  ? -5.960  -2.259  4.286   1.00 1.00 ? 3  DNE A HD3 3 
HETATM 862  H HE1 . DNE A 1 3  ? -4.868  -3.141  6.258   1.00 1.00 ? 3  DNE A HE1 3 
HETATM 863  H HE2 . DNE A 1 3  ? -4.594  -4.278  4.924   1.00 1.00 ? 3  DNE A HE2 3 
HETATM 864  H HE3 . DNE A 1 3  ? -3.294  -3.182  5.451   1.00 1.00 ? 3  DNE A HE3 3 
HETATM 865  N N   . NLE A 1 4  ? -0.193  -2.894  0.287   1.00 1.00 ? 4  NLE A N   3 
HETATM 866  C CA  . NLE A 1 4  ? 1.246   -2.885  0.067   1.00 1.00 ? 4  NLE A CA  3 
HETATM 867  C C   . NLE A 1 4  ? 1.551   -1.687  -0.838  1.00 1.00 ? 4  NLE A C   3 
HETATM 868  O O   . NLE A 1 4  ? 0.657   -1.208  -1.529  1.00 1.00 ? 4  NLE A O   3 
HETATM 869  C CB  . NLE A 1 4  ? 1.718   -4.196  -0.581  1.00 1.00 ? 4  NLE A CB  3 
HETATM 870  C CG  . NLE A 1 4  ? 1.221   -5.427  0.187   1.00 1.00 ? 4  NLE A CG  3 
HETATM 871  C CD  . NLE A 1 4  ? 1.783   -6.705  -0.443  1.00 1.00 ? 4  NLE A CD  3 
HETATM 872  C CE  . NLE A 1 4  ? 1.253   -7.940  0.289   1.00 1.00 ? 4  NLE A CE  3 
HETATM 873  H H   . NLE A 1 4  ? -0.771  -3.288  -0.453  1.00 1.00 ? 4  NLE A H   3 
HETATM 874  H HA  . NLE A 1 4  ? 1.769   -2.810  1.017   1.00 1.00 ? 4  NLE A HA  3 
HETATM 875  H HB2 . NLE A 1 4  ? 1.378   -4.251  -1.614  1.00 1.00 ? 4  NLE A HB2 3 
HETATM 876  H HB3 . NLE A 1 4  ? 2.810   -4.197  -0.586  1.00 1.00 ? 4  NLE A HB3 3 
HETATM 877  H HG2 . NLE A 1 4  ? 1.544   -5.361  1.227   1.00 1.00 ? 4  NLE A HG2 3 
HETATM 878  H HG3 . NLE A 1 4  ? 0.132   -5.470  0.153   1.00 1.00 ? 4  NLE A HG3 3 
HETATM 879  H HD2 . NLE A 1 4  ? 1.484   -6.758  -1.491  1.00 1.00 ? 4  NLE A HD2 3 
HETATM 880  H HD3 . NLE A 1 4  ? 2.872   -6.694  -0.385  1.00 1.00 ? 4  NLE A HD3 3 
HETATM 881  H HE1 . NLE A 1 4  ? 1.667   -8.840  -0.169  1.00 1.00 ? 4  NLE A HE1 3 
HETATM 882  H HE2 . NLE A 1 4  ? 1.551   -7.907  1.338   1.00 1.00 ? 4  NLE A HE2 3 
HETATM 883  H HE3 . NLE A 1 4  ? 0.166   -7.975  0.223   1.00 1.00 ? 4  NLE A HE3 3 
HETATM 884  N N   . DNE A 1 5  ? 2.796   -1.215  -0.877  1.00 1.00 ? 5  DNE A N   3 
HETATM 885  C CA  . DNE A 1 5  ? 3.237   -0.240  -1.871  1.00 1.00 ? 5  DNE A CA  3 
HETATM 886  C C   . DNE A 1 5  ? 4.038   0.909   -1.257  1.00 1.00 ? 5  DNE A C   3 
HETATM 887  O O   . DNE A 1 5  ? 5.222   0.740   -0.990  1.00 1.00 ? 5  DNE A O   3 
HETATM 888  C CB  . DNE A 1 5  ? 4.061   -1.032  -2.882  1.00 1.00 ? 5  DNE A CB  3 
HETATM 889  C CG  . DNE A 1 5  ? 4.656   -0.181  -4.011  1.00 1.00 ? 5  DNE A CG  3 
HETATM 890  C CD  . DNE A 1 5  ? 5.328   -1.080  -5.052  1.00 1.00 ? 5  DNE A CD  3 
HETATM 891  C CE  . DNE A 1 5  ? 5.936   -0.233  -6.173  1.00 1.00 ? 5  DNE A CE  3 
HETATM 892  H H   . DNE A 1 5  ? 3.480   -1.583  -0.225  1.00 1.00 ? 5  DNE A H   3 
HETATM 893  H HA  . DNE A 1 5  ? 2.405   0.194   -2.412  1.00 1.00 ? 5  DNE A HA  3 
HETATM 894  H HB2 . DNE A 1 5  ? 4.840   -1.512  -2.296  1.00 1.00 ? 5  DNE A HB2 3 
HETATM 895  H HB3 . DNE A 1 5  ? 3.425   -1.803  -3.323  1.00 1.00 ? 5  DNE A HB3 3 
HETATM 896  H HG2 . DNE A 1 5  ? 3.863   0.395   -4.490  1.00 1.00 ? 5  DNE A HG2 3 
HETATM 897  H HG3 . DNE A 1 5  ? 5.405   0.502   -3.609  1.00 1.00 ? 5  DNE A HG3 3 
HETATM 898  H HD2 . DNE A 1 5  ? 6.117   -1.663  -4.576  1.00 1.00 ? 5  DNE A HD2 3 
HETATM 899  H HD3 . DNE A 1 5  ? 4.591   -1.761  -5.481  1.00 1.00 ? 5  DNE A HD3 3 
HETATM 900  H HE1 . DNE A 1 5  ? 6.410   -0.887  -6.906  1.00 1.00 ? 5  DNE A HE1 3 
HETATM 901  H HE2 . DNE A 1 5  ? 5.156   0.348   -6.667  1.00 1.00 ? 5  DNE A HE2 3 
HETATM 902  H HE3 . DNE A 1 5  ? 6.686   0.444   -5.764  1.00 1.00 ? 5  DNE A HE3 3 
HETATM 903  N N   . NLE A 1 6  ? 3.431   2.082   -1.058  1.00 1.00 ? 6  NLE A N   3 
HETATM 904  C CA  . NLE A 1 6  ? 4.104   3.273   -0.540  1.00 1.00 ? 6  NLE A CA  3 
HETATM 905  C C   . NLE A 1 6  ? 3.192   3.992   0.463   1.00 1.00 ? 6  NLE A C   3 
HETATM 906  O O   . NLE A 1 6  ? 1.982   3.909   0.302   1.00 1.00 ? 6  NLE A O   3 
HETATM 907  C CB  . NLE A 1 6  ? 4.432   4.218   -1.709  1.00 1.00 ? 6  NLE A CB  3 
HETATM 908  C CG  . NLE A 1 6  ? 5.373   3.570   -2.734  1.00 1.00 ? 6  NLE A CG  3 
HETATM 909  C CD  . NLE A 1 6  ? 5.905   4.582   -3.755  1.00 1.00 ? 6  NLE A CD  3 
HETATM 910  C CE  . NLE A 1 6  ? 4.789   5.179   -4.617  1.00 1.00 ? 6  NLE A CE  3 
HETATM 911  H H   . NLE A 1 6  ? 2.436   2.159   -1.272  1.00 1.00 ? 6  NLE A H   3 
HETATM 912  H HA  . NLE A 1 6  ? 5.020   2.967   -0.040  1.00 1.00 ? 6  NLE A HA  3 
HETATM 913  H HB2 . NLE A 1 6  ? 3.500   4.500   -2.199  1.00 1.00 ? 6  NLE A HB2 3 
HETATM 914  H HB3 . NLE A 1 6  ? 4.903   5.121   -1.321  1.00 1.00 ? 6  NLE A HB3 3 
HETATM 915  H HG2 . NLE A 1 6  ? 6.225   3.132   -2.211  1.00 1.00 ? 6  NLE A HG2 3 
HETATM 916  H HG3 . NLE A 1 6  ? 4.845   2.781   -3.267  1.00 1.00 ? 6  NLE A HG3 3 
HETATM 917  H HD2 . NLE A 1 6  ? 6.435   5.384   -3.239  1.00 1.00 ? 6  NLE A HD2 3 
HETATM 918  H HD3 . NLE A 1 6  ? 6.611   4.070   -4.411  1.00 1.00 ? 6  NLE A HD3 3 
HETATM 919  H HE1 . NLE A 1 6  ? 4.122   5.792   -4.012  1.00 1.00 ? 6  NLE A HE1 3 
HETATM 920  H HE2 . NLE A 1 6  ? 5.231   5.809   -5.391  1.00 1.00 ? 6  NLE A HE2 3 
HETATM 921  H HE3 . NLE A 1 6  ? 4.218   4.382   -5.094  1.00 1.00 ? 6  NLE A HE3 3 
HETATM 922  C C   . DNM A 1 7  ? 3.425   5.286   3.871   1.00 1.00 ? 7  DNM A C   3 
HETATM 923  N N   . DNM A 1 7  ? 3.713   4.704   1.480   1.00 1.00 ? 7  DNM A N   3 
HETATM 924  O O   . DNM A 1 7  ? 3.745   6.314   4.463   1.00 1.00 ? 7  DNM A O   3 
HETATM 925  C C1  . DNM A 1 7  ? 5.150   4.811   1.721   1.00 1.00 ? 7  DNM A C1  3 
HETATM 926  C CA  . DNM A 1 7  ? 2.821   5.347   2.462   1.00 1.00 ? 7  DNM A CA  3 
HETATM 927  C CB  . DNM A 1 7  ? 2.508   6.780   1.996   1.00 1.00 ? 7  DNM A CB  3 
HETATM 928  C CD  . DNM A 1 7  ? 1.064   8.823   2.259   1.00 1.00 ? 7  DNM A CD  3 
HETATM 929  C CE  . DNM A 1 7  ? -0.106  9.449   3.022   1.00 1.00 ? 7  DNM A CE  3 
HETATM 930  C CG  . DNM A 1 7  ? 1.337   7.403   2.768   1.00 1.00 ? 7  DNM A CG  3 
HETATM 931  H HA  . DNM A 1 7  ? 1.877   4.804   2.522   1.00 1.00 ? 7  DNM A HA  3 
HETATM 932  H HB  . DNM A 1 7  ? 3.396   7.404   2.104   1.00 1.00 ? 7  DNM A HB  3 
HETATM 933  H HBA . DNM A 1 7  ? 2.233   6.752   0.940   1.00 1.00 ? 7  DNM A HBA 3 
HETATM 934  H H1  . DNM A 1 7  ? 5.729   4.843   0.800   1.00 1.00 ? 7  DNM A H1  3 
HETATM 935  H H1A . DNM A 1 7  ? 5.437   3.942   2.312   1.00 1.00 ? 7  DNM A H1A 3 
HETATM 936  H H1B . DNM A 1 7  ? 5.393   5.721   2.267   1.00 1.00 ? 7  DNM A H1B 3 
HETATM 937  H HD  . DNM A 1 7  ? 0.822   8.794   1.196   1.00 1.00 ? 7  DNM A HD  3 
HETATM 938  H HDA . DNM A 1 7  ? 1.953   9.439   2.403   1.00 1.00 ? 7  DNM A HDA 3 
HETATM 939  H HE  . DNM A 1 7  ? -1.006  8.848   2.886   1.00 1.00 ? 7  DNM A HE  3 
HETATM 940  H HEA . DNM A 1 7  ? 0.131   9.507   4.084   1.00 1.00 ? 7  DNM A HEA 3 
HETATM 941  H HEB . DNM A 1 7  ? -0.290  10.455  2.643   1.00 1.00 ? 7  DNM A HEB 3 
HETATM 942  H HG  . DNM A 1 7  ? 1.567   7.452   3.832   1.00 1.00 ? 7  DNM A HG  3 
HETATM 943  H HGA . DNM A 1 7  ? 0.444   6.794   2.627   1.00 1.00 ? 7  DNM A HGA 3 
HETATM 944  N N   . NLE A 1 8  ? 3.616   4.072   4.388   1.00 1.00 ? 8  NLE A N   3 
HETATM 945  C CA  . NLE A 1 8  ? 4.338   3.812   5.626   1.00 1.00 ? 8  NLE A CA  3 
HETATM 946  C C   . NLE A 1 8  ? 5.513   2.868   5.360   1.00 1.00 ? 8  NLE A C   3 
HETATM 947  O O   . NLE A 1 8  ? 5.648   2.307   4.272   1.00 1.00 ? 8  NLE A O   3 
HETATM 948  C CB  . NLE A 1 8  ? 3.381   3.260   6.688   1.00 1.00 ? 8  NLE A CB  3 
HETATM 949  C CG  . NLE A 1 8  ? 2.214   4.230   6.887   1.00 1.00 ? 8  NLE A CG  3 
HETATM 950  C CD  . NLE A 1 8  ? 1.313   3.797   8.044   1.00 1.00 ? 8  NLE A CD  3 
HETATM 951  C CE  . NLE A 1 8  ? 1.857   4.251   9.401   1.00 1.00 ? 8  NLE A CE  3 
HETATM 952  H H   . NLE A 1 8  ? 3.270   3.268   3.877   1.00 1.00 ? 8  NLE A H   3 
HETATM 953  H HA  . NLE A 1 8  ? 4.764   4.740   6.010   1.00 1.00 ? 8  NLE A HA  3 
HETATM 954  H HB2 . NLE A 1 8  ? 3.001   2.289   6.373   1.00 1.00 ? 8  NLE A HB2 3 
HETATM 955  H HB3 . NLE A 1 8  ? 3.920   3.138   7.627   1.00 1.00 ? 8  NLE A HB3 3 
HETATM 956  H HG2 . NLE A 1 8  ? 2.585   5.240   7.069   1.00 1.00 ? 8  NLE A HG2 3 
HETATM 957  H HG3 . NLE A 1 8  ? 1.607   4.249   5.982   1.00 1.00 ? 8  NLE A HG3 3 
HETATM 958  H HD2 . NLE A 1 8  ? 0.343   4.258   7.868   1.00 1.00 ? 8  NLE A HD2 3 
HETATM 959  H HD3 . NLE A 1 8  ? 1.191   2.715   8.050   1.00 1.00 ? 8  NLE A HD3 3 
HETATM 960  H HE1 . NLE A 1 8  ? 2.826   3.791   9.597   1.00 1.00 ? 8  NLE A HE1 3 
HETATM 961  H HE2 . NLE A 1 8  ? 1.964   5.336   9.417   1.00 1.00 ? 8  NLE A HE2 3 
HETATM 962  H HE3 . NLE A 1 8  ? 1.161   3.953   10.185  1.00 1.00 ? 8  NLE A HE3 3 
HETATM 963  N N   . DNE A 1 9  ? 6.365   2.719   6.374   1.00 1.00 ? 9  DNE A N   3 
HETATM 964  C CA  . DNE A 1 9  ? 7.619   1.983   6.321   1.00 1.00 ? 9  DNE A CA  3 
HETATM 965  C C   . DNE A 1 9  ? 8.690   3.003   5.942   1.00 1.00 ? 9  DNE A C   3 
HETATM 966  O O   . DNE A 1 9  ? 9.190   3.730   6.796   1.00 1.00 ? 9  DNE A O   3 
HETATM 967  C CB  . DNE A 1 9  ? 7.904   1.335   7.683   1.00 1.00 ? 9  DNE A CB  3 
HETATM 968  C CG  . DNE A 1 9  ? 6.857   0.263   8.008   1.00 1.00 ? 9  DNE A CG  3 
HETATM 969  C CD  . DNE A 1 9  ? 7.161   -0.394  9.358   1.00 1.00 ? 9  DNE A CD  3 
HETATM 970  C CE  . DNE A 1 9  ? 6.118   -1.468  9.674   1.00 1.00 ? 9  DNE A CE  3 
HETATM 971  H H   . DNE A 1 9  ? 6.146   3.192   7.234   1.00 1.00 ? 9  DNE A H   3 
HETATM 972  H HA  . DNE A 1 9  ? 7.574   1.196   5.566   1.00 1.00 ? 9  DNE A HA  3 
HETATM 973  H HB2 . DNE A 1 9  ? 8.890   0.870   7.647   1.00 1.00 ? 9  DNE A HB2 3 
HETATM 974  H HB3 . DNE A 1 9  ? 7.906   2.098   8.464   1.00 1.00 ? 9  DNE A HB3 3 
HETATM 975  H HG2 . DNE A 1 9  ? 5.865   0.714   8.046   1.00 1.00 ? 9  DNE A HG2 3 
HETATM 976  H HG3 . DNE A 1 9  ? 6.876   -0.498  7.226   1.00 1.00 ? 9  DNE A HG3 3 
HETATM 977  H HD2 . DNE A 1 9  ? 8.150   -0.854  9.328   1.00 1.00 ? 9  DNE A HD2 3 
HETATM 978  H HD3 . DNE A 1 9  ? 7.145   0.363   10.144  1.00 1.00 ? 9  DNE A HD3 3 
HETATM 979  H HE1 . DNE A 1 9  ? 6.134   -2.242  8.905   1.00 1.00 ? 9  DNE A HE1 3 
HETATM 980  H HE2 . DNE A 1 9  ? 6.345   -1.923  10.639  1.00 1.00 ? 9  DNE A HE2 3 
HETATM 981  H HE3 . DNE A 1 9  ? 5.123   -1.022  9.716   1.00 1.00 ? 9  DNE A HE3 3 
HETATM 982  N N   . NLO A 1 10 ? 9.000   3.090   4.650   1.00 1.00 ? 10 NLO A N   3 
HETATM 983  C CA  . NLO A 1 10 ? 9.800   4.167   4.084   1.00 1.00 ? 10 NLO A CA  3 
HETATM 984  C C   . NLO A 1 10 ? 9.172   5.517   4.442   1.00 1.00 ? 10 NLO A C   3 
HETATM 985  O O   . NLO A 1 10 ? 9.906   6.474   4.683   1.00 1.00 ? 10 NLO A O   3 
HETATM 986  C CB  . NLO A 1 10 ? 9.867   3.974   2.563   1.00 1.00 ? 10 NLO A CB  3 
HETATM 987  C CG  . NLO A 1 10 ? 10.601  5.108   1.839   1.00 1.00 ? 10 NLO A CG  3 
HETATM 988  C CD  . NLO A 1 10 ? 10.740  4.849   0.333   1.00 1.00 ? 10 NLO A CD  3 
HETATM 989  C CE  . NLO A 1 10 ? 11.678  3.681   0.013   1.00 1.00 ? 10 NLO A CE  3 
HETATM 990  O OXT . NLO A 1 10 ? 7.799   5.547   4.446   1.00 1.00 ? 10 NLO A OXT 3 
HETATM 991  C C1  . NLO A 1 10 ? 7.286   6.855   4.272   1.00 1.00 ? 10 NLO A C1  3 
HETATM 992  H H   . NLO A 1 10 ? 8.624   2.379   4.033   1.00 1.00 ? 10 NLO A H   3 
HETATM 993  H HA  . NLO A 1 10 ? 10.809  4.124   4.498   1.00 1.00 ? 10 NLO A HA  3 
HETATM 994  H HB2 . NLO A 1 10 ? 10.351  3.019   2.363   1.00 1.00 ? 10 NLO A HB2 3 
HETATM 995  H HB3 . NLO A 1 10 ? 8.854   3.961   2.172   1.00 1.00 ? 10 NLO A HB3 3 
HETATM 996  H HG2 . NLO A 1 10 ? 10.007  6.017   1.956   1.00 1.00 ? 10 NLO A HG2 3 
HETATM 997  H HG3 . NLO A 1 10 ? 11.587  5.262   2.281   1.00 1.00 ? 10 NLO A HG3 3 
HETATM 998  H HD2 . NLO A 1 10 ? 9.758   4.657   -0.101  1.00 1.00 ? 10 NLO A HD2 3 
HETATM 999  H HD3 . NLO A 1 10 ? 11.150  5.749   -0.128  1.00 1.00 ? 10 NLO A HD3 3 
HETATM 1000 H HE1 . NLO A 1 10 ? 12.640  3.829   0.506   1.00 1.00 ? 10 NLO A HE1 3 
HETATM 1001 H HE2 . NLO A 1 10 ? 11.246  2.735   0.336   1.00 1.00 ? 10 NLO A HE2 3 
HETATM 1002 H HE3 . NLO A 1 10 ? 11.838  3.637   -1.065  1.00 1.00 ? 10 NLO A HE3 3 
HETATM 1003 H H11 . NLO A 1 10 ? 7.541   7.203   3.270   1.00 1.00 ? 10 NLO A H11 3 
HETATM 1004 H H12 . NLO A 1 10 ? 7.678   7.544   5.022   1.00 1.00 ? 10 NLO A H12 3 
HETATM 1005 H H13 . NLO A 1 10 ? 6.203   6.827   4.369   1.00 1.00 ? 10 NLO A H13 3 
HETATM 1006 C C   . DNG B 1 1  ? 5.212   -1.148  1.466   1.00 1.00 ? 1  DNG B C   3 
HETATM 1007 N N   . DNG B 1 1  ? 6.869   0.598   1.139   1.00 1.00 ? 1  DNG B N   3 
HETATM 1008 O O   . DNG B 1 1  ? 4.737   -2.194  1.023   1.00 1.00 ? 1  DNG B O   3 
HETATM 1009 C C1  . DNG B 1 1  ? 7.502   1.420   1.971   1.00 1.00 ? 1  DNG B C1  3 
HETATM 1010 O O1  . DNG B 1 1  ? 8.109   1.044   2.970   1.00 1.00 ? 1  DNG B O1  3 
HETATM 1011 C CA  . DNG B 1 1  ? 6.707   -0.835  1.331   1.00 1.00 ? 1  DNG B CA  3 
HETATM 1012 C CB  . DNG B 1 1  ? 7.347   -1.593  0.159   1.00 1.00 ? 1  DNG B CB  3 
HETATM 1013 C CD  . DNG B 1 1  ? 9.533   -2.139  -1.028  1.00 1.00 ? 1  DNG B CD  3 
HETATM 1014 C CE  . DNG B 1 1  ? 8.969   -1.945  -2.439  1.00 1.00 ? 1  DNG B CE  3 
HETATM 1015 C CG  . DNG B 1 1  ? 8.835   -1.249  0.009   1.00 1.00 ? 1  DNG B CG  3 
HETATM 1016 H H   . DNG B 1 1  ? 6.435   0.979   0.306   1.00 1.00 ? 1  DNG B H   3 
HETATM 1017 H HC1 . DNG B 1 1  ? 7.403   2.454   1.642   1.00 1.00 ? 1  DNG B HC1 3 
HETATM 1018 H HA  . DNG B 1 1  ? 7.191   -1.153  2.256   1.00 1.00 ? 1  DNG B HA  3 
HETATM 1019 H HB  . DNG B 1 1  ? 7.246   -2.665  0.339   1.00 1.00 ? 1  DNG B HB  3 
HETATM 1020 H HBA . DNG B 1 1  ? 6.816   -1.341  -0.758  1.00 1.00 ? 1  DNG B HBA 3 
HETATM 1021 H HD  . DNG B 1 1  ? 9.435   -3.187  -0.739  1.00 1.00 ? 1  DNG B HD  3 
HETATM 1022 H HDA . DNG B 1 1  ? 10.593  -1.882  -1.041  1.00 1.00 ? 1  DNG B HDA 3 
HETATM 1023 H HE  . DNG B 1 1  ? 9.577   -2.506  -3.149  1.00 1.00 ? 1  DNG B HE  3 
HETATM 1024 H HEA . DNG B 1 1  ? 8.993   -0.888  -2.709  1.00 1.00 ? 1  DNG B HEA 3 
HETATM 1025 H HEB . DNG B 1 1  ? 7.944   -2.311  -2.496  1.00 1.00 ? 1  DNG B HEB 3 
HETATM 1026 H HG  . DNG B 1 1  ? 9.328   -1.391  0.972   1.00 1.00 ? 1  DNG B HG  3 
HETATM 1027 H HGA . DNG B 1 1  ? 8.947   -0.205  -0.286  1.00 1.00 ? 1  DNG B HGA 3 
HETATM 1028 N N   . NLE B 1 2  ? 4.454   -0.238  2.081   1.00 1.00 ? 2  NLE B N   3 
HETATM 1029 C CA  . NLE B 1 2  ? 3.084   -0.473  2.501   1.00 1.00 ? 2  NLE B CA  3 
HETATM 1030 C C   . NLE B 1 2  ? 2.309   0.825   2.711   1.00 1.00 ? 2  NLE B C   3 
HETATM 1031 O O   . NLE B 1 2  ? 2.882   1.913   2.720   1.00 1.00 ? 2  NLE B O   3 
HETATM 1032 C CB  . NLE B 1 2  ? 3.075   -1.355  3.762   1.00 1.00 ? 2  NLE B CB  3 
HETATM 1033 C CG  . NLE B 1 2  ? 3.841   -0.711  4.930   1.00 1.00 ? 2  NLE B CG  3 
HETATM 1034 C CD  . NLE B 1 2  ? 3.938   -1.651  6.139   1.00 1.00 ? 2  NLE B CD  3 
HETATM 1035 C CE  . NLE B 1 2  ? 2.577   -1.937  6.781   1.00 1.00 ? 2  NLE B CE  3 
HETATM 1036 H H   . NLE B 1 2  ? 4.853   0.662   2.289   1.00 1.00 ? 2  NLE B H   3 
HETATM 1037 H HA  . NLE B 1 2  ? 2.562   -0.994  1.712   1.00 1.00 ? 2  NLE B HA  3 
HETATM 1038 H HB2 . NLE B 1 2  ? 2.042   -1.538  4.054   1.00 1.00 ? 2  NLE B HB2 3 
HETATM 1039 H HB3 . NLE B 1 2  ? 3.533   -2.316  3.524   1.00 1.00 ? 2  NLE B HB3 3 
HETATM 1040 H HG2 . NLE B 1 2  ? 4.857   -0.469  4.613   1.00 1.00 ? 2  NLE B HG2 3 
HETATM 1041 H HG3 . NLE B 1 2  ? 3.352   0.214   5.231   1.00 1.00 ? 2  NLE B HG3 3 
HETATM 1042 H HD2 . NLE B 1 2  ? 4.405   -2.589  5.839   1.00 1.00 ? 2  NLE B HD2 3 
HETATM 1043 H HD3 . NLE B 1 2  ? 4.568   -1.176  6.889   1.00 1.00 ? 2  NLE B HD3 3 
HETATM 1044 H HE1 . NLE B 1 2  ? 2.727   -2.533  7.683   1.00 1.00 ? 2  NLE B HE1 3 
HETATM 1045 H HE2 . NLE B 1 2  ? 2.090   -1.002  7.055   1.00 1.00 ? 2  NLE B HE2 3 
HETATM 1046 H HE3 . NLE B 1 2  ? 1.937   -2.497  6.100   1.00 1.00 ? 2  NLE B HE3 3 
HETATM 1047 N N   . DNE B 1 3  ? 0.999   0.679   2.896   1.00 1.00 ? 3  DNE B N   3 
HETATM 1048 C CA  . DNE B 1 3  ? 0.051   1.738   3.191   1.00 1.00 ? 3  DNE B CA  3 
HETATM 1049 C C   . DNE B 1 3  ? -0.821  1.931   1.956   1.00 1.00 ? 3  DNE B C   3 
HETATM 1050 O O   . DNE B 1 3  ? -1.883  1.318   1.839   1.00 1.00 ? 3  DNE B O   3 
HETATM 1051 C CB  . DNE B 1 3  ? -0.787  1.327   4.407   1.00 1.00 ? 3  DNE B CB  3 
HETATM 1052 C CG  . DNE B 1 3  ? 0.089   1.171   5.653   1.00 1.00 ? 3  DNE B CG  3 
HETATM 1053 C CD  . DNE B 1 3  ? -0.680  0.555   6.830   1.00 1.00 ? 3  DNE B CD  3 
HETATM 1054 C CE  . DNE B 1 3  ? -1.865  1.416   7.273   1.00 1.00 ? 3  DNE B CE  3 
HETATM 1055 H H   . DNE B 1 3  ? 0.618   -0.260  2.826   1.00 1.00 ? 3  DNE B H   3 
HETATM 1056 H HA  . DNE B 1 3  ? 0.563   2.674   3.422   1.00 1.00 ? 3  DNE B HA  3 
HETATM 1057 H HB2 . DNE B 1 3  ? -1.541  2.095   4.582   1.00 1.00 ? 3  DNE B HB2 3 
HETATM 1058 H HB3 . DNE B 1 3  ? -1.289  0.381   4.201   1.00 1.00 ? 3  DNE B HB3 3 
HETATM 1059 H HG2 . DNE B 1 3  ? 0.939   0.524   5.430   1.00 1.00 ? 3  DNE B HG2 3 
HETATM 1060 H HG3 . DNE B 1 3  ? 0.467   2.151   5.932   1.00 1.00 ? 3  DNE B HG3 3 
HETATM 1061 H HD2 . DNE B 1 3  ? -1.040  -0.437  6.552   1.00 1.00 ? 3  DNE B HD2 3 
HETATM 1062 H HD3 . DNE B 1 3  ? 0.004   0.449   7.673   1.00 1.00 ? 3  DNE B HD3 3 
HETATM 1063 H HE1 . DNE B 1 3  ? -2.635  1.438   6.501   1.00 1.00 ? 3  DNE B HE1 3 
HETATM 1064 H HE2 . DNE B 1 3  ? -2.299  0.990   8.180   1.00 1.00 ? 3  DNE B HE2 3 
HETATM 1065 H HE3 . DNE B 1 3  ? -1.534  2.433   7.485   1.00 1.00 ? 3  DNE B HE3 3 
HETATM 1066 N N   . NLE B 1 4  ? -0.362  2.759   1.022   1.00 1.00 ? 4  NLE B N   3 
HETATM 1067 C CA  . NLE B 1 4  ? -1.050  2.969   -0.248  1.00 1.00 ? 4  NLE B CA  3 
HETATM 1068 C C   . NLE B 1 4  ? -0.392  2.043   -1.275  1.00 1.00 ? 4  NLE B C   3 
HETATM 1069 O O   . NLE B 1 4  ? 0.741   1.619   -1.068  1.00 1.00 ? 4  NLE B O   3 
HETATM 1070 C CB  . NLE B 1 4  ? -0.977  4.436   -0.697  1.00 1.00 ? 4  NLE B CB  3 
HETATM 1071 C CG  . NLE B 1 4  ? -1.553  5.383   0.364   1.00 1.00 ? 4  NLE B CG  3 
HETATM 1072 C CD  . NLE B 1 4  ? -1.430  6.856   -0.047  1.00 1.00 ? 4  NLE B CD  3 
HETATM 1073 C CE  . NLE B 1 4  ? -2.280  7.199   -1.274  1.00 1.00 ? 4  NLE B CE  3 
HETATM 1074 H H   . NLE B 1 4  ? 0.537   3.225   1.154   1.00 1.00 ? 4  NLE B H   3 
HETATM 1075 H HA  . NLE B 1 4  ? -2.108  2.747   -0.141  1.00 1.00 ? 4  NLE B HA  3 
HETATM 1076 H HB2 . NLE B 1 4  ? 0.050   4.716   -0.922  1.00 1.00 ? 4  NLE B HB2 3 
HETATM 1077 H HB3 . NLE B 1 4  ? -1.561  4.526   -1.613  1.00 1.00 ? 4  NLE B HB3 3 
HETATM 1078 H HG2 . NLE B 1 4  ? -2.601  5.139   0.544   1.00 1.00 ? 4  NLE B HG2 3 
HETATM 1079 H HG3 . NLE B 1 4  ? -1.003  5.254   1.298   1.00 1.00 ? 4  NLE B HG3 3 
HETATM 1080 H HD2 . NLE B 1 4  ? -1.767  7.473   0.787   1.00 1.00 ? 4  NLE B HD2 3 
HETATM 1081 H HD3 . NLE B 1 4  ? -0.384  7.092   -0.252  1.00 1.00 ? 4  NLE B HD3 3 
HETATM 1082 H HE1 . NLE B 1 4  ? -2.248  8.277   -1.441  1.00 1.00 ? 4  NLE B HE1 3 
HETATM 1083 H HE2 . NLE B 1 4  ? -1.894  6.700   -2.161  1.00 1.00 ? 4  NLE B HE2 3 
HETATM 1084 H HE3 . NLE B 1 4  ? -3.315  6.899   -1.107  1.00 1.00 ? 4  NLE B HE3 3 
HETATM 1085 N N   . DNE B 1 5  ? -1.059  1.747   -2.389  1.00 1.00 ? 5  DNE B N   3 
HETATM 1086 C CA  . DNE B 1 5  ? -0.438  1.070   -3.524  1.00 1.00 ? 5  DNE B CA  3 
HETATM 1087 C C   . DNE B 1 5  ? -1.286  -0.085  -4.060  1.00 1.00 ? 5  DNE B C   3 
HETATM 1088 O O   . DNE B 1 5  ? -2.233  0.161   -4.801  1.00 1.00 ? 5  DNE B O   3 
HETATM 1089 C CB  . DNE B 1 5  ? -0.220  2.153   -4.577  1.00 1.00 ? 5  DNE B CB  3 
HETATM 1090 C CG  . DNE B 1 5  ? 0.421   1.641   -5.873  1.00 1.00 ? 5  DNE B CG  3 
HETATM 1091 C CD  . DNE B 1 5  ? 0.771   2.818   -6.789  1.00 1.00 ? 5  DNE B CD  3 
HETATM 1092 C CE  . DNE B 1 5  ? 1.397   2.313   -8.090  1.00 1.00 ? 5  DNE B CE  3 
HETATM 1093 H H   . DNE B 1 5  ? -2.025  2.045   -2.476  1.00 1.00 ? 5  DNE B H   3 
HETATM 1094 H HA  . DNE B 1 5  ? 0.537   0.671   -3.274  1.00 1.00 ? 5  DNE B HA  3 
HETATM 1095 H HB2 . DNE B 1 5  ? -1.208  2.570   -4.764  1.00 1.00 ? 5  DNE B HB2 3 
HETATM 1096 H HB3 . DNE B 1 5  ? 0.417   2.929   -4.153  1.00 1.00 ? 5  DNE B HB3 3 
HETATM 1097 H HG2 . DNE B 1 5  ? 1.332   1.089   -5.636  1.00 1.00 ? 5  DNE B HG2 3 
HETATM 1098 H HG3 . DNE B 1 5  ? -0.273  0.987   -6.400  1.00 1.00 ? 5  DNE B HG3 3 
HETATM 1099 H HD2 . DNE B 1 5  ? -0.135  3.380   -7.022  1.00 1.00 ? 5  DNE B HD2 3 
HETATM 1100 H HD3 . DNE B 1 5  ? 1.478   3.478   -6.286  1.00 1.00 ? 5  DNE B HD3 3 
HETATM 1101 H HE1 . DNE B 1 5  ? 2.308   1.753   -7.874  1.00 1.00 ? 5  DNE B HE1 3 
HETATM 1102 H HE2 . DNE B 1 5  ? 0.693   1.668   -8.617  1.00 1.00 ? 5  DNE B HE2 3 
HETATM 1103 H HE3 . DNE B 1 5  ? 1.646   3.162   -8.727  1.00 1.00 ? 5  DNE B HE3 3 
HETATM 1104 N N   . NLE B 1 6  ? -0.954  -1.336  -3.732  1.00 1.00 ? 6  NLE B N   3 
HETATM 1105 C CA  . NLE B 1 6  ? -1.659  -2.524  -4.215  1.00 1.00 ? 6  NLE B CA  3 
HETATM 1106 C C   . NLE B 1 6  ? -1.782  -3.547  -3.078  1.00 1.00 ? 6  NLE B C   3 
HETATM 1107 O O   . NLE B 1 6  ? -0.886  -3.590  -2.244  1.00 1.00 ? 6  NLE B O   3 
HETATM 1108 C CB  . NLE B 1 6  ? -0.881  -3.144  -5.388  1.00 1.00 ? 6  NLE B CB  3 
HETATM 1109 C CG  . NLE B 1 6  ? -0.734  -2.180  -6.569  1.00 1.00 ? 6  NLE B CG  3 
HETATM 1110 C CD  . NLE B 1 6  ? -0.115  -2.896  -7.773  1.00 1.00 ? 6  NLE B CD  3 
HETATM 1111 C CE  . NLE B 1 6  ? 0.068   -1.917  -8.936  1.00 1.00 ? 6  NLE B CE  3 
HETATM 1112 H H   . NLE B 1 6  ? -0.165  -1.482  -3.099  1.00 1.00 ? 6  NLE B H   3 
HETATM 1113 H HA  . NLE B 1 6  ? -2.654  -2.230  -4.546  1.00 1.00 ? 6  NLE B HA  3 
HETATM 1114 H HB2 . NLE B 1 6  ? 0.112   -3.439  -5.042  1.00 1.00 ? 6  NLE B HB2 3 
HETATM 1115 H HB3 . NLE B 1 6  ? -1.400  -4.041  -5.727  1.00 1.00 ? 6  NLE B HB3 3 
HETATM 1116 H HG2 . NLE B 1 6  ? -1.713  -1.786  -6.846  1.00 1.00 ? 6  NLE B HG2 3 
HETATM 1117 H HG3 . NLE B 1 6  ? -0.081  -1.357  -6.283  1.00 1.00 ? 6  NLE B HG3 3 
HETATM 1118 H HD2 . NLE B 1 6  ? 0.857   -3.305  -7.496  1.00 1.00 ? 6  NLE B HD2 3 
HETATM 1119 H HD3 . NLE B 1 6  ? -0.767  -3.711  -8.092  1.00 1.00 ? 6  NLE B HD3 3 
HETATM 1120 H HE1 . NLE B 1 6  ? 0.733   -1.105  -8.638  1.00 1.00 ? 6  NLE B HE1 3 
HETATM 1121 H HE2 . NLE B 1 6  ? 0.506   -2.440  -9.786  1.00 1.00 ? 6  NLE B HE2 3 
HETATM 1122 H HE3 . NLE B 1 6  ? -0.896  -1.503  -9.230  1.00 1.00 ? 6  NLE B HE3 3 
HETATM 1123 C C   . DNM B 1 7  ? -4.414  -5.523  -1.439  1.00 1.00 ? 7  DNM B C   3 
HETATM 1124 N N   . DNM B 1 7  ? -2.837  -4.381  -3.009  1.00 1.00 ? 7  DNM B N   3 
HETATM 1125 O O   . DNM B 1 7  ? -4.894  -6.654  -1.391  1.00 1.00 ? 7  DNM B O   3 
HETATM 1126 C C1  . DNM B 1 7  ? -3.927  -4.369  -3.987  1.00 1.00 ? 7  DNM B C1  3 
HETATM 1127 C CA  . DNM B 1 7  ? -2.958  -5.299  -1.859  1.00 1.00 ? 7  DNM B CA  3 
HETATM 1128 C CB  . DNM B 1 7  ? -2.170  -6.598  -2.115  1.00 1.00 ? 7  DNM B CB  3 
HETATM 1129 C CD  . DNM B 1 7  ? -1.717  -8.603  -3.560  1.00 1.00 ? 7  DNM B CD  3 
HETATM 1130 C CE  . DNM B 1 7  ? -2.059  -9.317  -4.869  1.00 1.00 ? 7  DNM B CE  3 
HETATM 1131 C CG  . DNM B 1 7  ? -2.529  -7.311  -3.427  1.00 1.00 ? 7  DNM B CG  3 
HETATM 1132 H HA  . DNM B 1 7  ? -2.504  -4.842  -0.979  1.00 1.00 ? 7  DNM B HA  3 
HETATM 1133 H HB  . DNM B 1 7  ? -1.108  -6.354  -2.141  1.00 1.00 ? 7  DNM B HB  3 
HETATM 1134 H HBA . DNM B 1 7  ? -2.337  -7.278  -1.279  1.00 1.00 ? 7  DNM B HBA 3 
HETATM 1135 H H1  . DNM B 1 7  ? -3.569  -4.186  -4.998  1.00 1.00 ? 7  DNM B H1  3 
HETATM 1136 H H1A . DNM B 1 7  ? -4.636  -3.593  -3.700  1.00 1.00 ? 7  DNM B H1A 3 
HETATM 1137 H H1B . DNM B 1 7  ? -4.446  -5.325  -4.013  1.00 1.00 ? 7  DNM B H1B 3 
HETATM 1138 H HD  . DNM B 1 7  ? -1.943  -9.266  -2.723  1.00 1.00 ? 7  DNM B HD  3 
HETATM 1139 H HDA . DNM B 1 7  ? -0.651  -8.369  -3.549  1.00 1.00 ? 7  DNM B HDA 3 
HETATM 1140 H HE  . DNM B 1 7  ? -1.824  -8.673  -5.718  1.00 1.00 ? 7  DNM B HE  3 
HETATM 1141 H HEA . DNM B 1 7  ? -1.473  -10.234 -4.947  1.00 1.00 ? 7  DNM B HEA 3 
HETATM 1142 H HEB . DNM B 1 7  ? -3.119  -9.570  -4.890  1.00 1.00 ? 7  DNM B HEB 3 
HETATM 1143 H HG  . DNM B 1 7  ? -2.298  -6.664  -4.275  1.00 1.00 ? 7  DNM B HG  3 
HETATM 1144 H HGA . DNM B 1 7  ? -3.590  -7.559  -3.439  1.00 1.00 ? 7  DNM B HGA 3 
HETATM 1145 N N   . NLE B 1 8  ? -5.122  -4.428  -1.165  1.00 1.00 ? 8  NLE B N   3 
HETATM 1146 C CA  . NLE B 1 8  ? -6.558  -4.405  -0.923  1.00 1.00 ? 8  NLE B CA  3 
HETATM 1147 C C   . NLE B 1 8  ? -7.190  -3.284  -1.751  1.00 1.00 ? 8  NLE B C   3 
HETATM 1148 O O   . NLE B 1 8  ? -6.492  -2.464  -2.346  1.00 1.00 ? 8  NLE B O   3 
HETATM 1149 C CB  . NLE B 1 8  ? -6.866  -4.263  0.573   1.00 1.00 ? 8  NLE B CB  3 
HETATM 1150 C CG  . NLE B 1 8  ? -6.344  -5.470  1.364   1.00 1.00 ? 8  NLE B CG  3 
HETATM 1151 C CD  . NLE B 1 8  ? -6.887  -5.453  2.796   1.00 1.00 ? 8  NLE B CD  3 
HETATM 1152 C CE  . NLE B 1 8  ? -6.302  -6.616  3.601   1.00 1.00 ? 8  NLE B CE  3 
HETATM 1153 H H   . NLE B 1 8  ? -4.638  -3.534  -1.173  1.00 1.00 ? 8  NLE B H   3 
HETATM 1154 H HA  . NLE B 1 8  ? -7.002  -5.338  -1.277  1.00 1.00 ? 8  NLE B HA  3 
HETATM 1155 H HB2 . NLE B 1 8  ? -6.427  -3.342  0.954   1.00 1.00 ? 8  NLE B HB2 3 
HETATM 1156 H HB3 . NLE B 1 8  ? -7.947  -4.209  0.707   1.00 1.00 ? 8  NLE B HB3 3 
HETATM 1157 H HG2 . NLE B 1 8  ? -6.671  -6.391  0.878   1.00 1.00 ? 8  NLE B HG2 3 
HETATM 1158 H HG3 . NLE B 1 8  ? -5.254  -5.453  1.383   1.00 1.00 ? 8  NLE B HG3 3 
HETATM 1159 H HD2 . NLE B 1 8  ? -6.626  -4.513  3.283   1.00 1.00 ? 8  NLE B HD2 3 
HETATM 1160 H HD3 . NLE B 1 8  ? -7.974  -5.547  2.776   1.00 1.00 ? 8  NLE B HD3 3 
HETATM 1161 H HE1 . NLE B 1 8  ? -5.215  -6.534  3.639   1.00 1.00 ? 8  NLE B HE1 3 
HETATM 1162 H HE2 . NLE B 1 8  ? -6.697  -6.589  4.618   1.00 1.00 ? 8  NLE B HE2 3 
HETATM 1163 H HE3 . NLE B 1 8  ? -6.575  -7.564  3.138   1.00 1.00 ? 8  NLE B HE3 3 
HETATM 1164 N N   . DNE B 1 9  ? -8.523  -3.282  -1.792  1.00 1.00 ? 9  DNE B N   3 
HETATM 1165 C CA  . DNE B 1 9  ? -9.335  -2.417  -2.634  1.00 1.00 ? 9  DNE B CA  3 
HETATM 1166 C C   . DNE B 1 9  ? -9.545  -3.192  -3.933  1.00 1.00 ? 9  DNE B C   3 
HETATM 1167 O O   . DNE B 1 9  ? -10.491 -3.965  -4.059  1.00 1.00 ? 9  DNE B O   3 
HETATM 1168 C CB  . DNE B 1 9  ? -10.665 -2.099  -1.936  1.00 1.00 ? 9  DNE B CB  3 
HETATM 1169 C CG  . DNE B 1 9  ? -10.438 -1.248  -0.679  1.00 1.00 ? 9  DNE B CG  3 
HETATM 1170 C CD  . DNE B 1 9  ? -11.735 -1.004  0.104   1.00 1.00 ? 9  DNE B CD  3 
HETATM 1171 C CE  . DNE B 1 9  ? -12.752 -0.176  -0.685  1.00 1.00 ? 9  DNE B CE  3 
HETATM 1172 H H   . DNE B 1 9  ? -9.003  -3.966  -1.233  1.00 1.00 ? 9  DNE B H   3 
HETATM 1173 H HA  . DNE B 1 9  ? -8.818  -1.478  -2.844  1.00 1.00 ? 9  DNE B HA  3 
HETATM 1174 H HB2 . DNE B 1 9  ? -11.290 -1.549  -2.639  1.00 1.00 ? 9  DNE B HB2 3 
HETATM 1175 H HB3 . DNE B 1 9  ? -11.174 -3.027  -1.667  1.00 1.00 ? 9  DNE B HB3 3 
HETATM 1176 H HG2 . DNE B 1 9  ? -9.741  -1.763  -0.016  1.00 1.00 ? 9  DNE B HG2 3 
HETATM 1177 H HG3 . DNE B 1 9  ? -10.003 -0.291  -0.968  1.00 1.00 ? 9  DNE B HG3 3 
HETATM 1178 H HD2 . DNE B 1 9  ? -12.183 -1.959  0.383   1.00 1.00 ? 9  DNE B HD2 3 
HETATM 1179 H HD3 . DNE B 1 9  ? -11.484 -0.462  1.018   1.00 1.00 ? 9  DNE B HD3 3 
HETATM 1180 H HE1 . DNE B 1 9  ? -13.598 0.064   -0.039  1.00 1.00 ? 9  DNE B HE1 3 
HETATM 1181 H HE2 . DNE B 1 9  ? -12.294 0.754   -1.026  1.00 1.00 ? 9  DNE B HE2 3 
HETATM 1182 H HE3 . DNE B 1 9  ? -13.120 -0.736  -1.543  1.00 1.00 ? 9  DNE B HE3 3 
HETATM 1183 N N   . NLO B 1 10 ? -8.620  -3.025  -4.875  1.00 1.00 ? 10 NLO B N   3 
HETATM 1184 C CA  . NLO B 1 10 ? -8.510  -3.876  -6.050  1.00 1.00 ? 10 NLO B CA  3 
HETATM 1185 C C   . NLO B 1 10 ? -8.321  -5.331  -5.607  1.00 1.00 ? 10 NLO B C   3 
HETATM 1186 O O   . NLO B 1 10 ? -8.830  -6.231  -6.273  1.00 1.00 ? 10 NLO B O   3 
HETATM 1187 C CB  . NLO B 1 10 ? -7.315  -3.399  -6.886  1.00 1.00 ? 10 NLO B CB  3 
HETATM 1188 C CG  . NLO B 1 10 ? -7.108  -4.212  -8.167  1.00 1.00 ? 10 NLO B CG  3 
HETATM 1189 C CD  . NLO B 1 10 ? -5.932  -3.693  -9.004  1.00 1.00 ? 10 NLO B CD  3 
HETATM 1190 C CE  . NLO B 1 10 ? -6.173  -2.290  -9.570  1.00 1.00 ? 10 NLO B CE  3 
HETATM 1191 O OXT . NLO B 1 10 ? -7.560  -5.510  -4.479  1.00 1.00 ? 10 NLO B OXT 3 
HETATM 1192 C C1  . NLO B 1 10 ? -6.888  -6.756  -4.472  1.00 1.00 ? 10 NLO B C1  3 
HETATM 1193 H H   . NLO B 1 10 ? -7.945  -2.281  -4.734  1.00 1.00 ? 10 NLO B H   3 
HETATM 1194 H HA  . NLO B 1 10 ? -9.423  -3.795  -6.642  1.00 1.00 ? 10 NLO B HA  3 
HETATM 1195 H HB2 . NLO B 1 10 ? -7.474  -2.351  -7.135  1.00 1.00 ? 10 NLO B HB2 3 
HETATM 1196 H HB3 . NLO B 1 10 ? -6.412  -3.508  -6.286  1.00 1.00 ? 10 NLO B HB3 3 
HETATM 1197 H HG2 . NLO B 1 10 ? -6.877  -5.240  -7.886  1.00 1.00 ? 10 NLO B HG2 3 
HETATM 1198 H HG3 . NLO B 1 10 ? -8.021  -4.203  -8.766  1.00 1.00 ? 10 NLO B HG3 3 
HETATM 1199 H HD2 . NLO B 1 10 ? -5.022  -3.690  -8.402  1.00 1.00 ? 10 NLO B HD2 3 
HETATM 1200 H HD3 . NLO B 1 10 ? -5.786  -4.376  -9.843  1.00 1.00 ? 10 NLO B HD3 3 
HETATM 1201 H HE1 . NLO B 1 10 ? -5.368  -2.041  -10.263 1.00 1.00 ? 10 NLO B HE1 3 
HETATM 1202 H HE2 . NLO B 1 10 ? -7.122  -2.261  -10.106 1.00 1.00 ? 10 NLO B HE2 3 
HETATM 1203 H HE3 . NLO B 1 10 ? -6.183  -1.546  -8.774  1.00 1.00 ? 10 NLO B HE3 3 
HETATM 1204 H H11 . NLO B 1 10 ? -6.154  -6.762  -5.280  1.00 1.00 ? 10 NLO B H11 3 
HETATM 1205 H H12 . NLO B 1 10 ? -7.582  -7.589  -4.588  1.00 1.00 ? 10 NLO B H12 3 
HETATM 1206 H H13 . NLO B 1 10 ? -6.370  -6.874  -3.522  1.00 1.00 ? 10 NLO B H13 3 
HETATM 1207 C C   . DNG A 1 1  ? -4.968  1.454   -1.987  1.00 1.00 ? 1  DNG A C   4 
HETATM 1208 N N   . DNG A 1 1  ? -5.791  0.585   -4.165  1.00 1.00 ? 1  DNG A N   4 
HETATM 1209 O O   . DNG A 1 1  ? -4.348  2.466   -1.660  1.00 1.00 ? 1  DNG A O   4 
HETATM 1210 C C1  . DNG A 1 1  ? -5.925  -0.739  -4.080  1.00 1.00 ? 1  DNG A C1  4 
HETATM 1211 O O1  . DNG A 1 1  ? -6.270  -1.298  -3.041  1.00 1.00 ? 1  DNG A O1  4 
HETATM 1212 C CA  . DNG A 1 1  ? -6.061  1.507   -3.070  1.00 1.00 ? 1  DNG A CA  4 
HETATM 1213 C CB  . DNG A 1 1  ? -6.239  2.926   -3.631  1.00 1.00 ? 1  DNG A CB  4 
HETATM 1214 C CD  . DNG A 1 1  ? -7.605  4.442   -5.104  1.00 1.00 ? 1  DNG A CD  4 
HETATM 1215 C CE  . DNG A 1 1  ? -8.765  4.517   -6.099  1.00 1.00 ? 1  DNG A CE  4 
HETATM 1216 C CG  . DNG A 1 1  ? -7.403  3.001   -4.627  1.00 1.00 ? 1  DNG A CG  4 
HETATM 1217 H H   . DNG A 1 1  ? -5.455  0.972   -5.033  1.00 1.00 ? 1  DNG A H   4 
HETATM 1218 H HC1 . DNG A 1 1  ? -5.685  -1.229  -5.023  1.00 1.00 ? 1  DNG A HC1 4 
HETATM 1219 H HA  . DNG A 1 1  ? -6.999  1.219   -2.592  1.00 1.00 ? 1  DNG A HA  4 
HETATM 1220 H HB  . DNG A 1 1  ? -6.444  3.605   -2.801  1.00 1.00 ? 1  DNG A HB  4 
HETATM 1221 H HBA . DNG A 1 1  ? -5.315  3.243   -4.119  1.00 1.00 ? 1  DNG A HBA 4 
HETATM 1222 H HD  . DNG A 1 1  ? -6.695  4.797   -5.590  1.00 1.00 ? 1  DNG A HD  4 
HETATM 1223 H HDA . DNG A 1 1  ? -7.825  5.084   -4.250  1.00 1.00 ? 1  DNG A HDA 4 
HETATM 1224 H HE  . DNG A 1 1  ? -9.686  4.174   -5.625  1.00 1.00 ? 1  DNG A HE  4 
HETATM 1225 H HEA . DNG A 1 1  ? -8.554  3.893   -6.968  1.00 1.00 ? 1  DNG A HEA 4 
HETATM 1226 H HEB . DNG A 1 1  ? -8.897  5.549   -6.427  1.00 1.00 ? 1  DNG A HEB 4 
HETATM 1227 H HG  . DNG A 1 1  ? -8.316  2.652   -4.141  1.00 1.00 ? 1  DNG A HG  4 
HETATM 1228 H HGA . DNG A 1 1  ? -7.199  2.368   -5.492  1.00 1.00 ? 1  DNG A HGA 4 
HETATM 1229 N N   . NLE A 1 2  ? -4.746  0.282   -1.397  1.00 1.00 ? 2  NLE A N   4 
HETATM 1230 C CA  . NLE A 1 2  ? -3.997  0.101   -0.165  1.00 1.00 ? 2  NLE A CA  4 
HETATM 1231 C C   . NLE A 1 2  ? -3.520  -1.335  0.032   1.00 1.00 ? 2  NLE A C   4 
HETATM 1232 O O   . NLE A 1 2  ? -3.882  -2.235  -0.724  1.00 1.00 ? 2  NLE A O   4 
HETATM 1233 C CB  . NLE A 1 2  ? -4.824  0.622   1.025   1.00 1.00 ? 2  NLE A CB  4 
HETATM 1234 C CG  . NLE A 1 2  ? -6.176  -0.095  1.156   1.00 1.00 ? 2  NLE A CG  4 
HETATM 1235 C CD  . NLE A 1 2  ? -7.064  0.531   2.240   1.00 1.00 ? 2  NLE A CD  4 
HETATM 1236 C CE  . NLE A 1 2  ? -6.496  0.333   3.649   1.00 1.00 ? 2  NLE A CE  4 
HETATM 1237 H H   . NLE A 1 2  ? -5.155  -0.538  -1.827  1.00 1.00 ? 2  NLE A H   4 
HETATM 1238 H HA  . NLE A 1 2  ? -3.089  0.676   -0.235  1.00 1.00 ? 2  NLE A HA  4 
HETATM 1239 H HB2 . NLE A 1 2  ? -4.252  0.493   1.943   1.00 1.00 ? 2  NLE A HB2 4 
HETATM 1240 H HB3 . NLE A 1 2  ? -5.003  1.689   0.889   1.00 1.00 ? 2  NLE A HB3 4 
HETATM 1241 H HG2 . NLE A 1 2  ? -6.716  -0.041  0.211   1.00 1.00 ? 2  NLE A HG2 4 
HETATM 1242 H HG3 . NLE A 1 2  ? -6.014  -1.143  1.397   1.00 1.00 ? 2  NLE A HG3 4 
HETATM 1243 H HD2 . NLE A 1 2  ? -7.191  1.597   2.043   1.00 1.00 ? 2  NLE A HD2 4 
HETATM 1244 H HD3 . NLE A 1 2  ? -8.044  0.054   2.197   1.00 1.00 ? 2  NLE A HD3 4 
HETATM 1245 H HE1 . NLE A 1 2  ? -7.209  0.718   4.379   1.00 1.00 ? 2  NLE A HE1 4 
HETATM 1246 H HE2 . NLE A 1 2  ? -6.335  -0.728  3.839   1.00 1.00 ? 2  NLE A HE2 4 
HETATM 1247 H HE3 . NLE A 1 2  ? -5.556  0.873   3.765   1.00 1.00 ? 2  NLE A HE3 4 
HETATM 1248 N N   . DNE A 1 3  ? -2.698  -1.525  1.066   1.00 1.00 ? 3  DNE A N   4 
HETATM 1249 C CA  . DNE A 1 3  ? -2.093  -2.784  1.461   1.00 1.00 ? 3  DNE A CA  4 
HETATM 1250 C C   . DNE A 1 3  ? -0.587  -2.653  1.230   1.00 1.00 ? 3  DNE A C   4 
HETATM 1251 O O   . DNE A 1 3  ? 0.141   -2.176  2.102   1.00 1.00 ? 3  DNE A O   4 
HETATM 1252 C CB  . DNE A 1 3  ? -2.405  -3.040  2.940   1.00 1.00 ? 3  DNE A CB  4 
HETATM 1253 C CG  . DNE A 1 3  ? -3.917  -3.128  3.181   1.00 1.00 ? 3  DNE A CG  4 
HETATM 1254 C CD  . DNE A 1 3  ? -4.267  -3.345  4.656   1.00 1.00 ? 3  DNE A CD  4 
HETATM 1255 C CE  . DNE A 1 3  ? -3.794  -2.203  5.560   1.00 1.00 ? 3  DNE A CE  4 
HETATM 1256 H H   . DNE A 1 3  ? -2.457  -0.720  1.636   1.00 1.00 ? 3  DNE A H   4 
HETATM 1257 H HA  . DNE A 1 3  ? -2.484  -3.613  0.873   1.00 1.00 ? 3  DNE A HA  4 
HETATM 1258 H HB2 . DNE A 1 3  ? -1.938  -3.977  3.244   1.00 1.00 ? 3  DNE A HB2 4 
HETATM 1259 H HB3 . DNE A 1 3  ? -1.986  -2.225  3.532   1.00 1.00 ? 3  DNE A HB3 4 
HETATM 1260 H HG2 . DNE A 1 3  ? -4.406  -2.215  2.838   1.00 1.00 ? 3  DNE A HG2 4 
HETATM 1261 H HG3 . DNE A 1 3  ? -4.306  -3.970  2.607   1.00 1.00 ? 3  DNE A HG3 4 
HETATM 1262 H HD2 . DNE A 1 3  ? -5.353  -3.407  4.727   1.00 1.00 ? 3  DNE A HD2 4 
HETATM 1263 H HD3 . DNE A 1 3  ? -3.839  -4.287  5.005   1.00 1.00 ? 3  DNE A HD3 4 
HETATM 1264 H HE1 . DNE A 1 3  ? -4.120  -1.243  5.155   1.00 1.00 ? 3  DNE A HE1 4 
HETATM 1265 H HE2 . DNE A 1 3  ? -4.223  -2.330  6.554   1.00 1.00 ? 3  DNE A HE2 4 
HETATM 1266 H HE3 . DNE A 1 3  ? -2.709  -2.207  5.652   1.00 1.00 ? 3  DNE A HE3 4 
HETATM 1267 N N   . NLE A 1 4  ? -0.123  -3.049  0.047   1.00 1.00 ? 4  NLE A N   4 
HETATM 1268 C CA  . NLE A 1 4  ? 1.267   -2.893  -0.352  1.00 1.00 ? 4  NLE A CA  4 
HETATM 1269 C C   . NLE A 1 4  ? 1.371   -1.599  -1.167  1.00 1.00 ? 4  NLE A C   4 
HETATM 1270 O O   . NLE A 1 4  ? 0.365   -1.098  -1.656  1.00 1.00 ? 4  NLE A O   4 
HETATM 1271 C CB  . NLE A 1 4  ? 1.751   -4.112  -1.148  1.00 1.00 ? 4  NLE A CB  4 
HETATM 1272 C CG  . NLE A 1 4  ? 1.654   -5.389  -0.301  1.00 1.00 ? 4  NLE A CG  4 
HETATM 1273 C CD  . NLE A 1 4  ? 2.376   -6.574  -0.952  1.00 1.00 ? 4  NLE A CD  4 
HETATM 1274 C CE  . NLE A 1 4  ? 1.685   -7.042  -2.236  1.00 1.00 ? 4  NLE A CE  4 
HETATM 1275 H H   . NLE A 1 4  ? -0.759  -3.421  -0.652  1.00 1.00 ? 4  NLE A H   4 
HETATM 1276 H HA  . NLE A 1 4  ? 1.901   -2.842  0.530   1.00 1.00 ? 4  NLE A HA  4 
HETATM 1277 H HB2 . NLE A 1 4  ? 1.170   -4.218  -2.062  1.00 1.00 ? 4  NLE A HB2 4 
HETATM 1278 H HB3 . NLE A 1 4  ? 2.795   -3.948  -1.420  1.00 1.00 ? 4  NLE A HB3 4 
HETATM 1279 H HG2 . NLE A 1 4  ? 2.124   -5.204  0.666   1.00 1.00 ? 4  NLE A HG2 4 
HETATM 1280 H HG3 . NLE A 1 4  ? 0.607   -5.646  -0.133  1.00 1.00 ? 4  NLE A HG3 4 
HETATM 1281 H HD2 . NLE A 1 4  ? 3.409   -6.301  -1.172  1.00 1.00 ? 4  NLE A HD2 4 
HETATM 1282 H HD3 . NLE A 1 4  ? 2.382   -7.405  -0.245  1.00 1.00 ? 4  NLE A HD3 4 
HETATM 1283 H HE1 . NLE A 1 4  ? 2.206   -7.916  -2.627  1.00 1.00 ? 4  NLE A HE1 4 
HETATM 1284 H HE2 . NLE A 1 4  ? 0.654   -7.315  -2.017  1.00 1.00 ? 4  NLE A HE2 4 
HETATM 1285 H HE3 . NLE A 1 4  ? 1.705   -6.256  -2.991  1.00 1.00 ? 4  NLE A HE3 4 
HETATM 1286 N N   . DNE A 1 5  ? 2.577   -1.064  -1.343  1.00 1.00 ? 5  DNE A N   4 
HETATM 1287 C CA  . DNE A 1 5  ? 2.846   0.056   -2.234  1.00 1.00 ? 5  DNE A CA  4 
HETATM 1288 C C   . DNE A 1 5  ? 3.681   1.133   -1.539  1.00 1.00 ? 5  DNE A C   4 
HETATM 1289 O O   . DNE A 1 5  ? 4.894   0.979   -1.450  1.00 1.00 ? 5  DNE A O   4 
HETATM 1290 C CB  . DNE A 1 5  ? 3.582   -0.553  -3.424  1.00 1.00 ? 5  DNE A CB  4 
HETATM 1291 C CG  . DNE A 1 5  ? 4.110   0.462   -4.447  1.00 1.00 ? 5  DNE A CG  4 
HETATM 1292 C CD  . DNE A 1 5  ? 4.662   -0.265  -5.677  1.00 1.00 ? 5  DNE A CD  4 
HETATM 1293 C CE  . DNE A 1 5  ? 5.253   0.737   -6.670  1.00 1.00 ? 5  DNE A CE  4 
HETATM 1294 H H   . DNE A 1 5  ? 3.369   -1.479  -0.861  1.00 1.00 ? 5  DNE A H   4 
HETATM 1295 H HA  . DNE A 1 5  ? 1.936   0.517   -2.605  1.00 1.00 ? 5  DNE A HA  4 
HETATM 1296 H HB2 . DNE A 1 5  ? 4.401   -1.111  -2.974  1.00 1.00 ? 5  DNE A HB2 4 
HETATM 1297 H HB3 . DNE A 1 5  ? 2.912   -1.251  -3.927  1.00 1.00 ? 5  DNE A HB3 4 
HETATM 1298 H HG2 . DNE A 1 5  ? 3.303   1.125   -4.755  1.00 1.00 ? 5  DNE A HG2 4 
HETATM 1299 H HG3 . DNE A 1 5  ? 4.914   1.052   -4.008  1.00 1.00 ? 5  DNE A HG3 4 
HETATM 1300 H HD2 . DNE A 1 5  ? 5.442   -0.964  -5.368  1.00 1.00 ? 5  DNE A HD2 4 
HETATM 1301 H HD3 . DNE A 1 5  ? 3.860   -0.822  -6.164  1.00 1.00 ? 5  DNE A HD3 4 
HETATM 1302 H HE1 . DNE A 1 5  ? 6.077   1.280   -6.205  1.00 1.00 ? 5  DNE A HE1 4 
HETATM 1303 H HE2 . DNE A 1 5  ? 5.626   0.206   -7.545  1.00 1.00 ? 5  DNE A HE2 4 
HETATM 1304 H HE3 . DNE A 1 5  ? 4.487   1.448   -6.984  1.00 1.00 ? 5  DNE A HE3 4 
HETATM 1305 N N   . NLE A 1 6  ? 3.070   2.225   -1.070  1.00 1.00 ? 6  NLE A N   4 
HETATM 1306 C CA  . NLE A 1 6  ? 3.787   3.322   -0.417  1.00 1.00 ? 6  NLE A CA  4 
HETATM 1307 C C   . NLE A 1 6  ? 2.950   3.906   0.727   1.00 1.00 ? 6  NLE A C   4 
HETATM 1308 O O   . NLE A 1 6  ? 1.728   3.839   0.637   1.00 1.00 ? 6  NLE A O   4 
HETATM 1309 C CB  . NLE A 1 6  ? 4.095   4.427   -1.442  1.00 1.00 ? 6  NLE A CB  4 
HETATM 1310 C CG  . NLE A 1 6  ? 4.980   3.943   -2.596  1.00 1.00 ? 6  NLE A CG  4 
HETATM 1311 C CD  . NLE A 1 6  ? 5.404   5.121   -3.478  1.00 1.00 ? 6  NLE A CD  4 
HETATM 1312 C CE  . NLE A 1 6  ? 6.249   4.624   -4.654  1.00 1.00 ? 6  NLE A CE  4 
HETATM 1313 H H   . NLE A 1 6  ? 2.055   2.300   -1.155  1.00 1.00 ? 6  NLE A H   4 
HETATM 1314 H HA  . NLE A 1 6  ? 4.710   2.925   -0.004  1.00 1.00 ? 6  NLE A HA  4 
HETATM 1315 H HB2 . NLE A 1 6  ? 3.156   4.807   -1.848  1.00 1.00 ? 6  NLE A HB2 4 
HETATM 1316 H HB3 . NLE A 1 6  ? 4.601   5.250   -0.936  1.00 1.00 ? 6  NLE A HB3 4 
HETATM 1317 H HG2 . NLE A 1 6  ? 5.867   3.452   -2.197  1.00 1.00 ? 6  NLE A HG2 4 
HETATM 1318 H HG3 . NLE A 1 6  ? 4.420   3.236   -3.207  1.00 1.00 ? 6  NLE A HG3 4 
HETATM 1319 H HD2 . NLE A 1 6  ? 4.518   5.627   -3.865  1.00 1.00 ? 6  NLE A HD2 4 
HETATM 1320 H HD3 . NLE A 1 6  ? 5.990   5.829   -2.890  1.00 1.00 ? 6  NLE A HD3 4 
HETATM 1321 H HE1 . NLE A 1 6  ? 6.547   5.473   -5.271  1.00 1.00 ? 6  NLE A HE1 4 
HETATM 1322 H HE2 . NLE A 1 6  ? 7.142   4.121   -4.285  1.00 1.00 ? 6  NLE A HE2 4 
HETATM 1323 H HE3 . NLE A 1 6  ? 5.669   3.929   -5.263  1.00 1.00 ? 6  NLE A HE3 4 
HETATM 1324 C C   . DNM A 1 7  ? 3.288   4.881   4.216   1.00 1.00 ? 7  DNM A C   4 
HETATM 1325 N N   . DNM A 1 7  ? 3.544   4.498   1.782   1.00 1.00 ? 7  DNM A N   4 
HETATM 1326 O O   . DNM A 1 7  ? 3.320   5.766   5.069   1.00 1.00 ? 7  DNM A O   4 
HETATM 1327 C C1  . DNM A 1 7  ? 4.999   4.547   1.986   1.00 1.00 ? 7  DNM A C1  4 
HETATM 1328 C CA  . DNM A 1 7  ? 2.711   5.135   2.820   1.00 1.00 ? 7  DNM A CA  4 
HETATM 1329 C CB  . DNM A 1 7  ? 2.569   6.633   2.492   1.00 1.00 ? 7  DNM A CB  4 
HETATM 1330 C CD  . DNM A 1 7  ? 1.293   8.783   2.987   1.00 1.00 ? 7  DNM A CD  4 
HETATM 1331 C CE  . DNM A 1 7  ? 1.216   9.219   1.521   1.00 1.00 ? 7  DNM A CE  4 
HETATM 1332 C CG  . DNM A 1 7  ? 1.331   7.258   3.152   1.00 1.00 ? 7  DNM A CG  4 
HETATM 1333 H HA  . DNM A 1 7  ? 1.713   4.697   2.836   1.00 1.00 ? 7  DNM A HA  4 
HETATM 1334 H HB  . DNM A 1 7  ? 3.469   7.164   2.806   1.00 1.00 ? 7  DNM A HB  4 
HETATM 1335 H HBA . DNM A 1 7  ? 2.459   6.740   1.412   1.00 1.00 ? 7  DNM A HBA 4 
HETATM 1336 H H1  . DNM A 1 7  ? 5.549   4.595   1.050   1.00 1.00 ? 7  DNM A H1  4 
HETATM 1337 H H1A . DNM A 1 7  ? 5.327   3.670   2.558   1.00 1.00 ? 7  DNM A H1A 4 
HETATM 1338 H H1B . DNM A 1 7  ? 5.267   5.439   2.552   1.00 1.00 ? 7  DNM A H1B 4 
HETATM 1339 H HD  . DNM A 1 7  ? 2.179   9.222   3.447   1.00 1.00 ? 7  DNM A HD  4 
HETATM 1340 H HDA . DNM A 1 7  ? 0.411   9.161   3.506   1.00 1.00 ? 7  DNM A HDA 4 
HETATM 1341 H HE  . DNM A 1 7  ? 1.076   10.300  1.476   1.00 1.00 ? 7  DNM A HE  4 
HETATM 1342 H HEA . DNM A 1 7  ? 2.137   8.969   0.995   1.00 1.00 ? 7  DNM A HEA 4 
HETATM 1343 H HEB . DNM A 1 7  ? 0.372   8.735   1.029   1.00 1.00 ? 7  DNM A HEB 4 
HETATM 1344 H HG  . DNM A 1 7  ? 1.329   7.042   4.220   1.00 1.00 ? 7  DNM A HG  4 
HETATM 1345 H HGA . DNM A 1 7  ? 0.434   6.823   2.712   1.00 1.00 ? 7  DNM A HGA 4 
HETATM 1346 N N   . NLE A 1 8  ? 3.793   3.666   4.427   1.00 1.00 ? 8  NLE A N   4 
HETATM 1347 C CA  . NLE A 1 8  ? 4.580   3.299   5.588   1.00 1.00 ? 8  NLE A CA  4 
HETATM 1348 C C   . NLE A 1 8  ? 5.939   4.016   5.564   1.00 1.00 ? 8  NLE A C   4 
HETATM 1349 O O   . NLE A 1 8  ? 6.987   3.407   5.374   1.00 1.00 ? 8  NLE A O   4 
HETATM 1350 C CB  . NLE A 1 8  ? 4.670   1.766   5.672   1.00 1.00 ? 8  NLE A CB  4 
HETATM 1351 C CG  . NLE A 1 8  ? 4.853   1.212   7.095   1.00 1.00 ? 8  NLE A CG  4 
HETATM 1352 C CD  . NLE A 1 8  ? 6.246   1.399   7.710   1.00 1.00 ? 8  NLE A CD  4 
HETATM 1353 C CE  . NLE A 1 8  ? 7.319   0.587   6.978   1.00 1.00 ? 8  NLE A CE  4 
HETATM 1354 H H   . NLE A 1 8  ? 3.655   2.966   3.703   1.00 1.00 ? 8  NLE A H   4 
HETATM 1355 H HA  . NLE A 1 8  ? 4.032   3.662   6.443   1.00 1.00 ? 8  NLE A HA  4 
HETATM 1356 H HB2 . NLE A 1 8  ? 3.708   1.382   5.335   1.00 1.00 ? 8  NLE A HB2 4 
HETATM 1357 H HB3 . NLE A 1 8  ? 5.430   1.385   4.989   1.00 1.00 ? 8  NLE A HB3 4 
HETATM 1358 H HG2 . NLE A 1 8  ? 4.116   1.680   7.750   1.00 1.00 ? 8  NLE A HG2 4 
HETATM 1359 H HG3 . NLE A 1 8  ? 4.640   0.142   7.073   1.00 1.00 ? 8  NLE A HG3 4 
HETATM 1360 H HD2 . NLE A 1 8  ? 6.522   2.452   7.731   1.00 1.00 ? 8  NLE A HD2 4 
HETATM 1361 H HD3 . NLE A 1 8  ? 6.207   1.044   8.741   1.00 1.00 ? 8  NLE A HD3 4 
HETATM 1362 H HE1 . NLE A 1 8  ? 8.272   0.700   7.497   1.00 1.00 ? 8  NLE A HE1 4 
HETATM 1363 H HE2 . NLE A 1 8  ? 7.046   -0.470  6.968   1.00 1.00 ? 8  NLE A HE2 4 
HETATM 1364 H HE3 . NLE A 1 8  ? 7.441   0.934   5.953   1.00 1.00 ? 8  NLE A HE3 4 
HETATM 1365 N N   . DNE A 1 9  ? 5.924   5.334   5.768   1.00 1.00 ? 9  DNE A N   4 
HETATM 1366 C CA  . DNE A 1 9  ? 7.104   6.166   5.967   1.00 1.00 ? 9  DNE A CA  4 
HETATM 1367 C C   . DNE A 1 9  ? 7.865   6.457   4.664   1.00 1.00 ? 9  DNE A C   4 
HETATM 1368 O O   . DNE A 1 9  ? 8.088   7.615   4.323   1.00 1.00 ? 9  DNE A O   4 
HETATM 1369 C CB  . DNE A 1 9  ? 6.689   7.461   6.683   1.00 1.00 ? 9  DNE A CB  4 
HETATM 1370 C CG  . DNE A 1 9  ? 6.004   7.180   8.027   1.00 1.00 ? 9  DNE A CG  4 
HETATM 1371 C CD  . DNE A 1 9  ? 5.686   8.496   8.744   1.00 1.00 ? 9  DNE A CD  4 
HETATM 1372 C CE  . DNE A 1 9  ? 4.988   8.221   10.078  1.00 1.00 ? 9  DNE A CE  4 
HETATM 1373 H H   . DNE A 1 9  ? 5.014   5.782   5.811   1.00 1.00 ? 9  DNE A H   4 
HETATM 1374 H HA  . DNE A 1 9  ? 7.794   5.635   6.626   1.00 1.00 ? 9  DNE A HA  4 
HETATM 1375 H HB2 . DNE A 1 9  ? 7.582   8.062   6.865   1.00 1.00 ? 9  DNE A HB2 4 
HETATM 1376 H HB3 . DNE A 1 9  ? 6.012   8.030   6.042   1.00 1.00 ? 9  DNE A HB3 4 
HETATM 1377 H HG2 . DNE A 1 9  ? 5.073   6.634   7.868   1.00 1.00 ? 9  DNE A HG2 4 
HETATM 1378 H HG3 . DNE A 1 9  ? 6.666   6.579   8.652   1.00 1.00 ? 9  DNE A HG3 4 
HETATM 1379 H HD2 . DNE A 1 9  ? 6.610   9.045   8.931   1.00 1.00 ? 9  DNE A HD2 4 
HETATM 1380 H HD3 . DNE A 1 9  ? 5.032   9.104   8.118   1.00 1.00 ? 9  DNE A HD3 4 
HETATM 1381 H HE1 . DNE A 1 9  ? 5.633   7.623   10.721  1.00 1.00 ? 9  DNE A HE1 4 
HETATM 1382 H HE2 . DNE A 1 9  ? 4.769   9.167   10.575  1.00 1.00 ? 9  DNE A HE2 4 
HETATM 1383 H HE3 . DNE A 1 9  ? 4.053   7.687   9.907   1.00 1.00 ? 9  DNE A HE3 4 
HETATM 1384 N N   . NLO A 1 10 ? 8.292   5.409   3.957   1.00 1.00 ? 10 NLO A N   4 
HETATM 1385 C CA  . NLO A 1 10 ? 9.209   5.504   2.822   1.00 1.00 ? 10 NLO A CA  4 
HETATM 1386 C C   . NLO A 1 10 ? 8.718   6.517   1.788   1.00 1.00 ? 10 NLO A C   4 
HETATM 1387 O O   . NLO A 1 10 ? 9.483   7.383   1.368   1.00 1.00 ? 10 NLO A O   4 
HETATM 1388 C CB  . NLO A 1 10 ? 9.415   4.130   2.168   1.00 1.00 ? 10 NLO A CB  4 
HETATM 1389 C CG  . NLO A 1 10 ? 9.553   2.991   3.185   1.00 1.00 ? 10 NLO A CG  4 
HETATM 1390 C CD  . NLO A 1 10 ? 10.267  1.785   2.567   1.00 1.00 ? 10 NLO A CD  4 
HETATM 1391 C CE  . NLO A 1 10 ? 10.323  0.637   3.578   1.00 1.00 ? 10 NLO A CE  4 
HETATM 1392 O OXT . NLO A 1 10 ? 7.416   6.350   1.406   1.00 1.00 ? 10 NLO A OXT 4 
HETATM 1393 C C1  . NLO A 1 10 ? 6.841   7.523   0.870   1.00 1.00 ? 10 NLO A C1  4 
HETATM 1394 H H   . NLO A 1 10 ? 7.977   4.493   4.252   1.00 1.00 ? 10 NLO A H   4 
HETATM 1395 H HA  . NLO A 1 10 ? 10.172  5.846   3.206   1.00 1.00 ? 10 NLO A HA  4 
HETATM 1396 H HB2 . NLO A 1 10 ? 8.570   3.909   1.517   1.00 1.00 ? 10 NLO A HB2 4 
HETATM 1397 H HB3 . NLO A 1 10 ? 10.315  4.188   1.555   1.00 1.00 ? 10 NLO A HB3 4 
HETATM 1398 H HG2 . NLO A 1 10 ? 10.112  3.338   4.052   1.00 1.00 ? 10 NLO A HG2 4 
HETATM 1399 H HG3 . NLO A 1 10 ? 8.562   2.674   3.509   1.00 1.00 ? 10 NLO A HG3 4 
HETATM 1400 H HD2 . NLO A 1 10 ? 9.728   1.455   1.679   1.00 1.00 ? 10 NLO A HD2 4 
HETATM 1401 H HD3 . NLO A 1 10 ? 11.284  2.063   2.286   1.00 1.00 ? 10 NLO A HD3 4 
HETATM 1402 H HE1 . NLO A 1 10 ? 10.831  0.964   4.486   1.00 1.00 ? 10 NLO A HE1 4 
HETATM 1403 H HE2 . NLO A 1 10 ? 9.311   0.315   3.827   1.00 1.00 ? 10 NLO A HE2 4 
HETATM 1404 H HE3 . NLO A 1 10 ? 10.869  -0.204  3.150   1.00 1.00 ? 10 NLO A HE3 4 
HETATM 1405 H H11 . NLO A 1 10 ? 5.786   7.310   0.710   1.00 1.00 ? 10 NLO A H11 4 
HETATM 1406 H H12 . NLO A 1 10 ? 7.308   7.784   -0.081  1.00 1.00 ? 10 NLO A H12 4 
HETATM 1407 H H13 . NLO A 1 10 ? 6.935   8.355   1.571   1.00 1.00 ? 10 NLO A H13 4 
HETATM 1408 C C   . DNG B 1 1  ? 5.406   -1.170  0.619   1.00 1.00 ? 1  DNG B C   4 
HETATM 1409 N N   . DNG B 1 1  ? 7.116   0.528   0.036   1.00 1.00 ? 1  DNG B N   4 
HETATM 1410 O O   . DNG B 1 1  ? 4.876   -2.100  0.009   1.00 1.00 ? 1  DNG B O   4 
HETATM 1411 C C1  . DNG B 1 1  ? 6.974   1.584   0.833   1.00 1.00 ? 1  DNG B C1  4 
HETATM 1412 O O1  . DNG B 1 1  ? 6.627   1.491   2.009   1.00 1.00 ? 1  DNG B O1  4 
HETATM 1413 C CA  . DNG B 1 1  ? 6.901   -0.855  0.443   1.00 1.00 ? 1  DNG B CA  4 
HETATM 1414 C CB  . DNG B 1 1  ? 7.556   -1.796  -0.581  1.00 1.00 ? 1  DNG B CB  4 
HETATM 1415 C CD  . DNG B 1 1  ? 9.886   -1.771  0.454   1.00 1.00 ? 1  DNG B CD  4 
HETATM 1416 C CE  . DNG B 1 1  ? 11.376  -1.602  0.151   1.00 1.00 ? 1  DNG B CE  4 
HETATM 1417 C CG  . DNG B 1 1  ? 9.053   -1.537  -0.811  1.00 1.00 ? 1  DNG B CG  4 
HETATM 1418 H H   . DNG B 1 1  ? 7.359   0.695   -0.927  1.00 1.00 ? 1  DNG B H   4 
HETATM 1419 H HC1 . DNG B 1 1  ? 7.186   2.515   0.306   1.00 1.00 ? 1  DNG B HC1 4 
HETATM 1420 H HA  . DNG B 1 1  ? 7.367   -1.016  1.416   1.00 1.00 ? 1  DNG B HA  4 
HETATM 1421 H HB  . DNG B 1 1  ? 7.427   -2.828  -0.245  1.00 1.00 ? 1  DNG B HB  4 
HETATM 1422 H HBA . DNG B 1 1  ? 7.039   -1.686  -1.536  1.00 1.00 ? 1  DNG B HBA 4 
HETATM 1423 H HD  . DNG B 1 1  ? 9.710   -2.781  0.828   1.00 1.00 ? 1  DNG B HD  4 
HETATM 1424 H HDA . DNG B 1 1  ? 9.606   -1.051  1.221   1.00 1.00 ? 1  DNG B HDA 4 
HETATM 1425 H HE  . DNG B 1 1  ? 11.569  -0.591  -0.211  1.00 1.00 ? 1  DNG B HE  4 
HETATM 1426 H HEA . DNG B 1 1  ? 11.688  -2.322  -0.607  1.00 1.00 ? 1  DNG B HEA 4 
HETATM 1427 H HEB . DNG B 1 1  ? 11.953  -1.771  1.060   1.00 1.00 ? 1  DNG B HEB 4 
HETATM 1428 H HG  . DNG B 1 1  ? 9.211   -0.521  -1.170  1.00 1.00 ? 1  DNG B HG  4 
HETATM 1429 H HGA . DNG B 1 1  ? 9.396   -2.227  -1.585  1.00 1.00 ? 1  DNG B HGA 4 
HETATM 1430 N N   . NLE B 1 2  ? 4.715   -0.419  1.475   1.00 1.00 ? 2  NLE B N   4 
HETATM 1431 C CA  . NLE B 1 2  ? 3.394   -0.753  1.983   1.00 1.00 ? 2  NLE B CA  4 
HETATM 1432 C C   . NLE B 1 2  ? 2.656   0.454   2.556   1.00 1.00 ? 2  NLE B C   4 
HETATM 1433 O O   . NLE B 1 2  ? 3.213   1.547   2.656   1.00 1.00 ? 2  NLE B O   4 
HETATM 1434 C CB  . NLE B 1 2  ? 3.507   -1.917  2.986   1.00 1.00 ? 2  NLE B CB  4 
HETATM 1435 C CG  . NLE B 1 2  ? 4.406   -1.573  4.182   1.00 1.00 ? 2  NLE B CG  4 
HETATM 1436 C CD  . NLE B 1 2  ? 4.692   -2.795  5.063   1.00 1.00 ? 2  NLE B CD  4 
HETATM 1437 C CE  . NLE B 1 2  ? 3.427   -3.343  5.729   1.00 1.00 ? 2  NLE B CE  4 
HETATM 1438 H H   . NLE B 1 2  ? 5.156   0.424   1.814   1.00 1.00 ? 2  NLE B H   4 
HETATM 1439 H HA  . NLE B 1 2  ? 2.782   -1.066  1.155   1.00 1.00 ? 2  NLE B HA  4 
HETATM 1440 H HB2 . NLE B 1 2  ? 2.512   -2.182  3.343   1.00 1.00 ? 2  NLE B HB2 4 
HETATM 1441 H HB3 . NLE B 1 2  ? 3.919   -2.785  2.471   1.00 1.00 ? 2  NLE B HB3 4 
HETATM 1442 H HG2 . NLE B 1 2  ? 5.361   -1.177  3.832   1.00 1.00 ? 2  NLE B HG2 4 
HETATM 1443 H HG3 . NLE B 1 2  ? 3.925   -0.812  4.789   1.00 1.00 ? 2  NLE B HG3 4 
HETATM 1444 H HD2 . NLE B 1 2  ? 5.160   -3.579  4.466   1.00 1.00 ? 2  NLE B HD2 4 
HETATM 1445 H HD3 . NLE B 1 2  ? 5.391   -2.496  5.846   1.00 1.00 ? 2  NLE B HD3 4 
HETATM 1446 H HE1 . NLE B 1 2  ? 2.920   -2.549  6.279   1.00 1.00 ? 2  NLE B HE1 4 
HETATM 1447 H HE2 . NLE B 1 2  ? 2.750   -3.758  4.984   1.00 1.00 ? 2  NLE B HE2 4 
HETATM 1448 H HE3 . NLE B 1 2  ? 3.703   -4.135  6.426   1.00 1.00 ? 2  NLE B HE3 4 
HETATM 1449 N N   . DNE B 1 3  ? 1.392   0.233   2.923   1.00 1.00 ? 3  DNE B N   4 
HETATM 1450 C CA  . DNE B 1 3  ? 0.479   1.213   3.486   1.00 1.00 ? 3  DNE B CA  4 
HETATM 1451 C C   . DNE B 1 3  ? -0.616  1.450   2.449   1.00 1.00 ? 3  DNE B C   4 
HETATM 1452 O O   . DNE B 1 3  ? -1.611  0.725   2.410   1.00 1.00 ? 3  DNE B O   4 
HETATM 1453 C CB  . DNE B 1 3  ? -0.107  0.677   4.800   1.00 1.00 ? 3  DNE B CB  4 
HETATM 1454 C CG  . DNE B 1 3  ? 0.978   0.519   5.873   1.00 1.00 ? 3  DNE B CG  4 
HETATM 1455 C CD  . DNE B 1 3  ? 0.448   -0.156  7.143   1.00 1.00 ? 3  DNE B CD  4 
HETATM 1456 C CE  . DNE B 1 3  ? -0.631  0.673   7.844   1.00 1.00 ? 3  DNE B CE  4 
HETATM 1457 H H   . DNE B 1 3  ? 1.016   -0.701  2.783   1.00 1.00 ? 3  DNE B H   4 
HETATM 1458 H HA  . DNE B 1 3  ? 0.990   2.155   3.693   1.00 1.00 ? 3  DNE B HA  4 
HETATM 1459 H HB2 . DNE B 1 3  ? -0.863  1.382   5.148   1.00 1.00 ? 3  DNE B HB2 4 
HETATM 1460 H HB3 . DNE B 1 3  ? -0.583  -0.288  4.620   1.00 1.00 ? 3  DNE B HB3 4 
HETATM 1461 H HG2 . DNE B 1 3  ? 1.782   -0.103  5.479   1.00 1.00 ? 3  DNE B HG2 4 
HETATM 1462 H HG3 . DNE B 1 3  ? 1.386   1.499   6.124   1.00 1.00 ? 3  DNE B HG3 4 
HETATM 1463 H HD2 . DNE B 1 3  ? 0.044   -1.139  6.895   1.00 1.00 ? 3  DNE B HD2 4 
HETATM 1464 H HD3 . DNE B 1 3  ? 1.283   -0.291  7.833   1.00 1.00 ? 3  DNE B HD3 4 
HETATM 1465 H HE1 . DNE B 1 3  ? -0.261  1.682   8.036   1.00 1.00 ? 3  DNE B HE1 4 
HETATM 1466 H HE2 . DNE B 1 3  ? -1.532  0.725   7.235   1.00 1.00 ? 3  DNE B HE2 4 
HETATM 1467 H HE3 . DNE B 1 3  ? -0.884  0.203   8.795   1.00 1.00 ? 3  DNE B HE3 4 
HETATM 1468 N N   . NLE B 1 4  ? -0.421  2.445   1.586   1.00 1.00 ? 4  NLE B N   4 
HETATM 1469 C CA  . NLE B 1 4  ? -1.318  2.727   0.478   1.00 1.00 ? 4  NLE B CA  4 
HETATM 1470 C C   . NLE B 1 4  ? -0.752  2.025   -0.762  1.00 1.00 ? 4  NLE B C   4 
HETATM 1471 O O   . NLE B 1 4  ? 0.417   1.651   -0.776  1.00 1.00 ? 4  NLE B O   4 
HETATM 1472 C CB  . NLE B 1 4  ? -1.460  4.238   0.251   1.00 1.00 ? 4  NLE B CB  4 
HETATM 1473 C CG  . NLE B 1 4  ? -1.987  4.945   1.505   1.00 1.00 ? 4  NLE B CG  4 
HETATM 1474 C CD  . NLE B 1 4  ? -2.247  6.424   1.206   1.00 1.00 ? 4  NLE B CD  4 
HETATM 1475 C CE  . NLE B 1 4  ? -2.757  7.145   2.456   1.00 1.00 ? 4  NLE B CE  4 
HETATM 1476 H H   . NLE B 1 4  ? 0.423   3.009   1.645   1.00 1.00 ? 4  NLE B H   4 
HETATM 1477 H HA  . NLE B 1 4  ? -2.316  2.365   0.711   1.00 1.00 ? 4  NLE B HA  4 
HETATM 1478 H HB2 . NLE B 1 4  ? -0.504  4.671   -0.042  1.00 1.00 ? 4  NLE B HB2 4 
HETATM 1479 H HB3 . NLE B 1 4  ? -2.168  4.395   -0.565  1.00 1.00 ? 4  NLE B HB3 4 
HETATM 1480 H HG2 . NLE B 1 4  ? -2.918  4.474   1.822   1.00 1.00 ? 4  NLE B HG2 4 
HETATM 1481 H HG3 . NLE B 1 4  ? -1.255  4.863   2.309   1.00 1.00 ? 4  NLE B HG3 4 
HETATM 1482 H HD2 . NLE B 1 4  ? -1.323  6.897   0.870   1.00 1.00 ? 4  NLE B HD2 4 
HETATM 1483 H HD3 . NLE B 1 4  ? -2.994  6.512   0.416   1.00 1.00 ? 4  NLE B HD3 4 
HETATM 1484 H HE1 . NLE B 1 4  ? -2.931  8.197   2.224   1.00 1.00 ? 4  NLE B HE1 4 
HETATM 1485 H HE2 . NLE B 1 4  ? -3.694  6.695   2.788   1.00 1.00 ? 4  NLE B HE2 4 
HETATM 1486 H HE3 . NLE B 1 4  ? -2.022  7.075   3.258   1.00 1.00 ? 4  NLE B HE3 4 
HETATM 1487 N N   . DNE B 1 5  ? -1.552  1.866   -1.813  1.00 1.00 ? 5  DNE B N   4 
HETATM 1488 C CA  . DNE B 1 5  ? -1.096  1.395   -3.114  1.00 1.00 ? 5  DNE B CA  4 
HETATM 1489 C C   . DNE B 1 5  ? -1.993  0.279   -3.652  1.00 1.00 ? 5  DNE B C   4 
HETATM 1490 O O   . DNE B 1 5  ? -3.065  0.575   -4.172  1.00 1.00 ? 5  DNE B O   4 
HETATM 1491 C CB  . DNE B 1 5  ? -1.131  2.626   -4.016  1.00 1.00 ? 5  DNE B CB  4 
HETATM 1492 C CG  . DNE B 1 5  ? -0.799  2.389   -5.496  1.00 1.00 ? 5  DNE B CG  4 
HETATM 1493 C CD  . DNE B 1 5  ? 0.595   1.778   -5.678  1.00 1.00 ? 5  DNE B CD  4 
HETATM 1494 C CE  . DNE B 1 5  ? 0.944   1.671   -7.163  1.00 1.00 ? 5  DNE B CE  4 
HETATM 1495 H H   . DNE B 1 5  ? -2.531  2.124   -1.726  1.00 1.00 ? 5  DNE B H   4 
HETATM 1496 H HA  . DNE B 1 5  ? -0.077  1.029   -3.071  1.00 1.00 ? 5  DNE B HA  4 
HETATM 1497 H HB2 . DNE B 1 5  ? -2.149  2.996   -3.912  1.00 1.00 ? 5  DNE B HB2 4 
HETATM 1498 H HB3 . DNE B 1 5  ? -0.446  3.377   -3.621  1.00 1.00 ? 5  DNE B HB3 4 
HETATM 1499 H HG2 . DNE B 1 5  ? -1.549  1.747   -5.957  1.00 1.00 ? 5  DNE B HG2 4 
HETATM 1500 H HG3 . DNE B 1 5  ? -0.829  3.355   -6.003  1.00 1.00 ? 5  DNE B HG3 4 
HETATM 1501 H HD2 . DNE B 1 5  ? 1.331   2.413   -5.183  1.00 1.00 ? 5  DNE B HD2 4 
HETATM 1502 H HD3 . DNE B 1 5  ? 0.630   0.779   -5.244  1.00 1.00 ? 5  DNE B HD3 4 
HETATM 1503 H HE1 . DNE B 1 5  ? 0.215   1.039   -7.672  1.00 1.00 ? 5  DNE B HE1 4 
HETATM 1504 H HE2 . DNE B 1 5  ? 0.943   2.661   -7.620  1.00 1.00 ? 5  DNE B HE2 4 
HETATM 1505 H HE3 . DNE B 1 5  ? 1.934   1.228   -7.274  1.00 1.00 ? 5  DNE B HE3 4 
HETATM 1506 N N   . NLE B 1 6  ? -1.579  -0.987  -3.556  1.00 1.00 ? 6  NLE B N   4 
HETATM 1507 C CA  . NLE B 1 6  ? -2.369  -2.125  -4.027  1.00 1.00 ? 6  NLE B CA  4 
HETATM 1508 C C   . NLE B 1 6  ? -2.207  -3.321  -3.081  1.00 1.00 ? 6  NLE B C   4 
HETATM 1509 O O   . NLE B 1 6  ? -1.155  -3.431  -2.461  1.00 1.00 ? 6  NLE B O   4 
HETATM 1510 C CB  . NLE B 1 6  ? -1.926  -2.524  -5.446  1.00 1.00 ? 6  NLE B CB  4 
HETATM 1511 C CG  . NLE B 1 6  ? -2.271  -1.458  -6.491  1.00 1.00 ? 6  NLE B CG  4 
HETATM 1512 C CD  . NLE B 1 6  ? -1.984  -1.978  -7.901  1.00 1.00 ? 6  NLE B CD  4 
HETATM 1513 C CE  . NLE B 1 6  ? -2.363  -0.927  -8.946  1.00 1.00 ? 6  NLE B CE  4 
HETATM 1514 H H   . NLE B 1 6  ? -0.676  -1.182  -3.117  1.00 1.00 ? 6  NLE B H   4 
HETATM 1515 H HA  . NLE B 1 6  ? -3.413  -1.829  -4.027  1.00 1.00 ? 6  NLE B HA  4 
HETATM 1516 H HB2 . NLE B 1 6  ? -0.850  -2.706  -5.450  1.00 1.00 ? 6  NLE B HB2 4 
HETATM 1517 H HB3 . NLE B 1 6  ? -2.426  -3.453  -5.724  1.00 1.00 ? 6  NLE B HB3 4 
HETATM 1518 H HG2 . NLE B 1 6  ? -3.328  -1.200  -6.411  1.00 1.00 ? 6  NLE B HG2 4 
HETATM 1519 H HG3 . NLE B 1 6  ? -1.670  -0.568  -6.314  1.00 1.00 ? 6  NLE B HG3 4 
HETATM 1520 H HD2 . NLE B 1 6  ? -0.922  -2.210  -7.995  1.00 1.00 ? 6  NLE B HD2 4 
HETATM 1521 H HD3 . NLE B 1 6  ? -2.562  -2.884  -8.086  1.00 1.00 ? 6  NLE B HD3 4 
HETATM 1522 H HE1 . NLE B 1 6  ? -1.791  -0.014  -8.783  1.00 1.00 ? 6  NLE B HE1 4 
HETATM 1523 H HE2 . NLE B 1 6  ? -2.147  -1.310  -9.943  1.00 1.00 ? 6  NLE B HE2 4 
HETATM 1524 H HE3 . NLE B 1 6  ? -3.428  -0.699  -8.875  1.00 1.00 ? 6  NLE B HE3 4 
HETATM 1525 C C   . DNM B 1 7  ? -4.294  -5.802  -1.373  1.00 1.00 ? 7  DNM B C   4 
HETATM 1526 N N   . DNM B 1 7  ? -3.193  -4.231  -2.953  1.00 1.00 ? 7  DNM B N   4 
HETATM 1527 O O   . DNM B 1 7  ? -4.626  -6.983  -1.294  1.00 1.00 ? 7  DNM B O   4 
HETATM 1528 C C1  . DNM B 1 7  ? -4.497  -4.125  -3.625  1.00 1.00 ? 7  DNM B C1  4 
HETATM 1529 C CA  . DNM B 1 7  ? -2.991  -5.379  -2.053  1.00 1.00 ? 7  DNM B CA  4 
HETATM 1530 C CB  . DNM B 1 7  ? -2.264  -6.521  -2.789  1.00 1.00 ? 7  DNM B CB  4 
HETATM 1531 C CD  . DNM B 1 7  ? -2.264  -8.200  -4.711  1.00 1.00 ? 7  DNM B CD  4 
HETATM 1532 C CE  . DNM B 1 7  ? -0.868  -7.863  -5.245  1.00 1.00 ? 7  DNM B CE  4 
HETATM 1533 C CG  . DNM B 1 7  ? -2.959  -6.989  -4.077  1.00 1.00 ? 7  DNM B CG  4 
HETATM 1534 H HA  . DNM B 1 7  ? -2.349  -5.091  -1.220  1.00 1.00 ? 7  DNM B HA  4 
HETATM 1535 H HB  . DNM B 1 7  ? -1.267  -6.163  -3.044  1.00 1.00 ? 7  DNM B HB  4 
HETATM 1536 H HBA . DNM B 1 7  ? -2.159  -7.368  -2.109  1.00 1.00 ? 7  DNM B HBA 4 
HETATM 1537 H H1  . DNM B 1 7  ? -4.412  -3.624  -4.585  1.00 1.00 ? 7  DNM B H1  4 
HETATM 1538 H H1A . DNM B 1 7  ? -5.211  -3.590  -2.986  1.00 1.00 ? 7  DNM B H1A 4 
HETATM 1539 H H1B . DNM B 1 7  ? -4.916  -5.107  -3.837  1.00 1.00 ? 7  DNM B H1B 4 
HETATM 1540 H HD  . DNM B 1 7  ? -2.874  -8.543  -5.547  1.00 1.00 ? 7  DNM B HD  4 
HETATM 1541 H HDA . DNM B 1 7  ? -2.191  -9.008  -3.982  1.00 1.00 ? 7  DNM B HDA 4 
HETATM 1542 H HE  . DNM B 1 7  ? -0.472  -8.727  -5.779  1.00 1.00 ? 7  DNM B HE  4 
HETATM 1543 H HEA . DNM B 1 7  ? -0.926  -7.017  -5.932  1.00 1.00 ? 7  DNM B HEA 4 
HETATM 1544 H HEB . DNM B 1 7  ? -0.192  -7.621  -4.428  1.00 1.00 ? 7  DNM B HEB 4 
HETATM 1545 H HG  . DNM B 1 7  ? -2.983  -6.178  -4.806  1.00 1.00 ? 7  DNM B HG  4 
HETATM 1546 H HGA . DNM B 1 7  ? -3.982  -7.282  -3.844  1.00 1.00 ? 7  DNM B HGA 4 
HETATM 1547 N N   . NLE B 1 8  ? -5.053  -4.809  -0.906  1.00 1.00 ? 8  NLE B N   4 
HETATM 1548 C CA  . NLE B 1 8  ? -6.389  -4.969  -0.369  1.00 1.00 ? 8  NLE B CA  4 
HETATM 1549 C C   . NLE B 1 8  ? -7.417  -5.352  -1.447  1.00 1.00 ? 8  NLE B C   4 
HETATM 1550 O O   . NLE B 1 8  ? -8.387  -4.632  -1.675  1.00 1.00 ? 8  NLE B O   4 
HETATM 1551 C CB  . NLE B 1 8  ? -6.764  -3.694  0.403   1.00 1.00 ? 8  NLE B CB  4 
HETATM 1552 C CG  . NLE B 1 8  ? -7.996  -3.816  1.313   1.00 1.00 ? 8  NLE B CG  4 
HETATM 1553 C CD  . NLE B 1 8  ? -7.794  -4.830  2.446   1.00 1.00 ? 8  NLE B CD  4 
HETATM 1554 C CE  . NLE B 1 8  ? -8.961  -4.760  3.434   1.00 1.00 ? 8  NLE B CE  4 
HETATM 1555 H H   . NLE B 1 8  ? -4.668  -3.869  -0.956  1.00 1.00 ? 8  NLE B H   4 
HETATM 1556 H HA  . NLE B 1 8  ? -6.312  -5.798  0.311   1.00 1.00 ? 8  NLE B HA  4 
HETATM 1557 H HB2 . NLE B 1 8  ? -5.919  -3.414  1.028   1.00 1.00 ? 8  NLE B HB2 4 
HETATM 1558 H HB3 . NLE B 1 8  ? -6.934  -2.889  -0.316  1.00 1.00 ? 8  NLE B HB3 4 
HETATM 1559 H HG2 . NLE B 1 8  ? -8.174  -2.834  1.755   1.00 1.00 ? 8  NLE B HG2 4 
HETATM 1560 H HG3 . NLE B 1 8  ? -8.878  -4.088  0.733   1.00 1.00 ? 8  NLE B HG3 4 
HETATM 1561 H HD2 . NLE B 1 8  ? -7.745  -5.841  2.043   1.00 1.00 ? 8  NLE B HD2 4 
HETATM 1562 H HD3 . NLE B 1 8  ? -6.868  -4.609  2.977   1.00 1.00 ? 8  NLE B HD3 4 
HETATM 1563 H HE1 . NLE B 1 8  ? -9.018  -3.764  3.876   1.00 1.00 ? 8  NLE B HE1 4 
HETATM 1564 H HE2 . NLE B 1 8  ? -9.897  -4.979  2.920   1.00 1.00 ? 8  NLE B HE2 4 
HETATM 1565 H HE3 . NLE B 1 8  ? -8.810  -5.492  4.227   1.00 1.00 ? 8  NLE B HE3 4 
HETATM 1566 N N   . DNE B 1 9  ? -7.221  -6.499  -2.107  1.00 1.00 ? 9  DNE B N   4 
HETATM 1567 C CA  . DNE B 1 9  ? -8.143  -7.054  -3.099  1.00 1.00 ? 9  DNE B CA  4 
HETATM 1568 C C   . DNE B 1 9  ? -8.123  -6.273  -4.424  1.00 1.00 ? 9  DNE B C   4 
HETATM 1569 O O   . DNE B 1 9  ? -7.737  -6.794  -5.467  1.00 1.00 ? 9  DNE B O   4 
HETATM 1570 C CB  . DNE B 1 9  ? -7.909  -8.566  -3.269  1.00 1.00 ? 9  DNE B CB  4 
HETATM 1571 C CG  . DNE B 1 9  ? -6.465  -8.969  -3.605  1.00 1.00 ? 9  DNE B CG  4 
HETATM 1572 C CD  . DNE B 1 9  ? -6.394  -10.474 -3.880  1.00 1.00 ? 9  DNE B CD  4 
HETATM 1573 C CE  . DNE B 1 9  ? -4.958  -10.893 -4.202  1.00 1.00 ? 9  DNE B CE  4 
HETATM 1574 H H   . DNE B 1 9  ? -6.379  -7.018  -1.887  1.00 1.00 ? 9  DNE B H   4 
HETATM 1575 H HA  . DNE B 1 9  ? -9.156  -6.954  -2.706  1.00 1.00 ? 9  DNE B HA  4 
HETATM 1576 H HB2 . DNE B 1 9  ? -8.193  -9.063  -2.340  1.00 1.00 ? 9  DNE B HB2 4 
HETATM 1577 H HB3 . DNE B 1 9  ? -8.572  -8.926  -4.058  1.00 1.00 ? 9  DNE B HB3 4 
HETATM 1578 H HG2 . DNE B 1 9  ? -6.117  -8.433  -4.488  1.00 1.00 ? 9  DNE B HG2 4 
HETATM 1579 H HG3 . DNE B 1 9  ? -5.809  -8.743  -2.767  1.00 1.00 ? 9  DNE B HG3 4 
HETATM 1580 H HD2 . DNE B 1 9  ? -6.737  -11.023 -3.001  1.00 1.00 ? 9  DNE B HD2 4 
HETATM 1581 H HD3 . DNE B 1 9  ? -7.035  -10.724 -4.727  1.00 1.00 ? 9  DNE B HD3 4 
HETATM 1582 H HE1 . DNE B 1 9  ? -4.925  -11.968 -4.383  1.00 1.00 ? 9  DNE B HE1 4 
HETATM 1583 H HE2 . DNE B 1 9  ? -4.611  -10.372 -5.094  1.00 1.00 ? 9  DNE B HE2 4 
HETATM 1584 H HE3 . DNE B 1 9  ? -4.303  -10.653 -3.364  1.00 1.00 ? 9  DNE B HE3 4 
HETATM 1585 N N   . NLO B 1 10 ? -8.563  -5.016  -4.363  1.00 1.00 ? 10 NLO B N   4 
HETATM 1586 C CA  . NLO B 1 10 ? -8.703  -4.082  -5.471  1.00 1.00 ? 10 NLO B CA  4 
HETATM 1587 C C   . NLO B 1 10 ? -7.435  -4.061  -6.330  1.00 1.00 ? 10 NLO B C   4 
HETATM 1588 O O   . NLO B 1 10 ? -6.438  -3.476  -5.910  1.00 1.00 ? 10 NLO B O   4 
HETATM 1589 C CB  . NLO B 1 10 ? -9.023  -2.712  -4.859  1.00 1.00 ? 10 NLO B CB  4 
HETATM 1590 C CG  . NLO B 1 10 ? -9.116  -1.572  -5.881  1.00 1.00 ? 10 NLO B CG  4 
HETATM 1591 C CD  . NLO B 1 10 ? -9.317  -0.226  -5.177  1.00 1.00 ? 10 NLO B CD  4 
HETATM 1592 C CE  . NLO B 1 10 ? -10.711 -0.081  -4.560  1.00 1.00 ? 10 NLO B CE  4 
HETATM 1593 O OXT . NLO B 1 10 ? -7.519  -4.707  -7.533  1.00 1.00 ? 10 NLO B OXT 4 
HETATM 1594 C C1  . NLO B 1 10 ? -6.247  -5.109  -8.011  1.00 1.00 ? 10 NLO B C1  4 
HETATM 1595 H H   . NLO B 1 10 ? -8.819  -4.680  -3.443  1.00 1.00 ? 10 NLO B H   4 
HETATM 1596 H HA  . NLO B 1 10 ? -9.541  -4.394  -6.096  1.00 1.00 ? 10 NLO B HA  4 
HETATM 1597 H HB2 . NLO B 1 10 ? -9.969  -2.795  -4.326  1.00 1.00 ? 10 NLO B HB2 4 
HETATM 1598 H HB3 . NLO B 1 10 ? -8.247  -2.471  -4.133  1.00 1.00 ? 10 NLO B HB3 4 
HETATM 1599 H HG2 . NLO B 1 10 ? -8.180  -1.508  -6.439  1.00 1.00 ? 10 NLO B HG2 4 
HETATM 1600 H HG3 . NLO B 1 10 ? -9.932  -1.758  -6.581  1.00 1.00 ? 10 NLO B HG3 4 
HETATM 1601 H HD2 . NLO B 1 10 ? -8.565  -0.118  -4.391  1.00 1.00 ? 10 NLO B HD2 4 
HETATM 1602 H HD3 . NLO B 1 10 ? -9.180  0.573   -5.907  1.00 1.00 ? 10 NLO B HD3 4 
HETATM 1603 H HE1 . NLO B 1 10 ? -11.476 -0.247  -5.320  1.00 1.00 ? 10 NLO B HE1 4 
HETATM 1604 H HE2 . NLO B 1 10 ? -10.848 -0.792  -3.746  1.00 1.00 ? 10 NLO B HE2 4 
HETATM 1605 H HE3 . NLO B 1 10 ? -10.823 0.928   -4.161  1.00 1.00 ? 10 NLO B HE3 4 
HETATM 1606 H H11 . NLO B 1 10 ? -5.736  -5.707  -7.255  1.00 1.00 ? 10 NLO B H11 4 
HETATM 1607 H H12 . NLO B 1 10 ? -5.638  -4.237  -8.263  1.00 1.00 ? 10 NLO B H12 4 
HETATM 1608 H H13 . NLO B 1 10 ? -6.382  -5.714  -8.907  1.00 1.00 ? 10 NLO B H13 4 
HETATM 1609 C C   . DNG A 1 1  ? -4.930  1.363   -2.015  1.00 1.00 ? 1  DNG A C   5 
HETATM 1610 N N   . DNG A 1 1  ? -5.747  0.497   -4.199  1.00 1.00 ? 1  DNG A N   5 
HETATM 1611 O O   . DNG A 1 1  ? -4.340  2.386   -1.666  1.00 1.00 ? 1  DNG A O   5 
HETATM 1612 C C1  . DNG A 1 1  ? -5.871  -0.827  -4.129  1.00 1.00 ? 1  DNG A C1  5 
HETATM 1613 O O1  . DNG A 1 1  ? -6.189  -1.405  -3.093  1.00 1.00 ? 1  DNG A O1  5 
HETATM 1614 C CA  . DNG A 1 1  ? -6.024  1.407   -3.096  1.00 1.00 ? 1  DNG A CA  5 
HETATM 1615 C CB  . DNG A 1 1  ? -6.225  2.827   -3.646  1.00 1.00 ? 1  DNG A CB  5 
HETATM 1616 C CD  . DNG A 1 1  ? -7.618  4.332   -5.106  1.00 1.00 ? 1  DNG A CD  5 
HETATM 1617 C CE  . DNG A 1 1  ? -8.791  4.403   -6.084  1.00 1.00 ? 1  DNG A CE  5 
HETATM 1618 C CG  . DNG A 1 1  ? -7.402  2.892   -4.630  1.00 1.00 ? 1  DNG A CG  5 
HETATM 1619 H H   . DNG A 1 1  ? -5.419  0.895   -5.065  1.00 1.00 ? 1  DNG A H   5 
HETATM 1620 H HC1 . DNG A 1 1  ? -5.647  -1.307  -5.081  1.00 1.00 ? 1  DNG A HC1 5 
HETATM 1621 H HA  . DNG A 1 1  ? -6.955  1.102   -2.617  1.00 1.00 ? 1  DNG A HA  5 
HETATM 1622 H HB  . DNG A 1 1  ? -6.432  3.498   -2.812  1.00 1.00 ? 1  DNG A HB  5 
HETATM 1623 H HBA . DNG A 1 1  ? -5.310  3.160   -4.141  1.00 1.00 ? 1  DNG A HBA 5 
HETATM 1624 H HD  . DNG A 1 1  ? -6.716  4.693   -5.603  1.00 1.00 ? 1  DNG A HD  5 
HETATM 1625 H HDA . DNG A 1 1  ? -7.829  4.974   -4.248  1.00 1.00 ? 1  DNG A HDA 5 
HETATM 1626 H HE  . DNG A 1 1  ? -8.591  3.777   -6.954  1.00 1.00 ? 1  DNG A HE  5 
HETATM 1627 H HEA . DNG A 1 1  ? -8.931  5.433   -6.411  1.00 1.00 ? 1  DNG A HEA 5 
HETATM 1628 H HEB . DNG A 1 1  ? -9.704  4.058   -5.595  1.00 1.00 ? 1  DNG A HEB 5 
HETATM 1629 H HG  . DNG A 1 1  ? -8.306  2.539   -4.132  1.00 1.00 ? 1  DNG A HG  5 
HETATM 1630 H HGA . DNG A 1 1  ? -7.204  2.260   -5.496  1.00 1.00 ? 1  DNG A HGA 5 
HETATM 1631 N N   . NLE A 1 2  ? -4.674  0.186   -1.449  1.00 1.00 ? 2  NLE A N   5 
HETATM 1632 C CA  . NLE A 1 2  ? -3.932  0.000   -0.211  1.00 1.00 ? 2  NLE A CA  5 
HETATM 1633 C C   . NLE A 1 2  ? -3.451  -1.436  -0.027  1.00 1.00 ? 2  NLE A C   5 
HETATM 1634 O O   . NLE A 1 2  ? -3.803  -2.329  -0.798  1.00 1.00 ? 2  NLE A O   5 
HETATM 1635 C CB  . NLE A 1 2  ? -4.777  0.498   0.977   1.00 1.00 ? 2  NLE A CB  5 
HETATM 1636 C CG  . NLE A 1 2  ? -6.123  -0.233  1.089   1.00 1.00 ? 2  NLE A CG  5 
HETATM 1637 C CD  . NLE A 1 2  ? -7.038  0.390   2.149   1.00 1.00 ? 2  NLE A CD  5 
HETATM 1638 C CE  . NLE A 1 2  ? -6.489  0.222   3.569   1.00 1.00 ? 2  NLE A CE  5 
HETATM 1639 H H   . NLE A 1 2  ? -5.053  -0.637  -1.898  1.00 1.00 ? 2  NLE A H   5 
HETATM 1640 H HA  . NLE A 1 2  ? -3.030  0.586   -0.259  1.00 1.00 ? 2  NLE A HA  5 
HETATM 1641 H HB2 . NLE A 1 2  ? -4.213  0.366   1.898   1.00 1.00 ? 2  NLE A HB2 5 
HETATM 1642 H HB3 . NLE A 1 2  ? -4.966  1.565   0.851   1.00 1.00 ? 2  NLE A HB3 5 
HETATM 1643 H HG2 . NLE A 1 2  ? -6.646  -0.199  0.132   1.00 1.00 ? 2  NLE A HG2 5 
HETATM 1644 H HG3 . NLE A 1 2  ? -5.949  -1.275  1.344   1.00 1.00 ? 2  NLE A HG3 5 
HETATM 1645 H HD2 . NLE A 1 2  ? -7.181  1.450   1.935   1.00 1.00 ? 2  NLE A HD2 5 
HETATM 1646 H HD3 . NLE A 1 2  ? -8.009  -0.105  2.097   1.00 1.00 ? 2  NLE A HD3 5 
HETATM 1647 H HE1 . NLE A 1 2  ? -6.309  -0.834  3.775   1.00 1.00 ? 2  NLE A HE1 5 
HETATM 1648 H HE2 . NLE A 1 2  ? -5.560  0.780   3.691   1.00 1.00 ? 2  NLE A HE2 5 
HETATM 1649 H HE3 . NLE A 1 2  ? -7.219  0.601   4.283   1.00 1.00 ? 2  NLE A HE3 5 
HETATM 1650 N N   . DNE A 1 3  ? -2.637  -1.637  1.011   1.00 1.00 ? 3  DNE A N   5 
HETATM 1651 C CA  . DNE A 1 3  ? -2.031  -2.898  1.399   1.00 1.00 ? 3  DNE A CA  5 
HETATM 1652 C C   . DNE A 1 3  ? -0.526  -2.765  1.171   1.00 1.00 ? 3  DNE A C   5 
HETATM 1653 O O   . DNE A 1 3  ? 0.198   -2.279  2.042   1.00 1.00 ? 3  DNE A O   5 
HETATM 1654 C CB  . DNE A 1 3  ? -2.348  -3.166  2.875   1.00 1.00 ? 3  DNE A CB  5 
HETATM 1655 C CG  . DNE A 1 3  ? -3.859  -3.257  3.110   1.00 1.00 ? 3  DNE A CG  5 
HETATM 1656 C CD  . DNE A 1 3  ? -4.215  -3.479  4.584   1.00 1.00 ? 3  DNE A CD  5 
HETATM 1657 C CE  . DNE A 1 3  ? -3.757  -2.329  5.488   1.00 1.00 ? 3  DNE A CE  5 
HETATM 1658 H H   . DNE A 1 3  ? -2.401  -0.835  1.589   1.00 1.00 ? 3  DNE A H   5 
HETATM 1659 H HA  . DNE A 1 3  ? -2.421  -3.723  0.802   1.00 1.00 ? 3  DNE A HA  5 
HETATM 1660 H HB2 . DNE A 1 3  ? -1.882  -4.106  3.169   1.00 1.00 ? 3  DNE A HB2 5 
HETATM 1661 H HB3 . DNE A 1 3  ? -1.930  -2.357  3.473   1.00 1.00 ? 3  DNE A HB3 5 
HETATM 1662 H HG2 . DNE A 1 3  ? -4.351  -2.347  2.766   1.00 1.00 ? 3  DNE A HG2 5 
HETATM 1663 H HG3 . DNE A 1 3  ? -4.245  -4.100  2.535   1.00 1.00 ? 3  DNE A HG3 5 
HETATM 1664 H HD2 . DNE A 1 3  ? -5.300  -3.550  4.651   1.00 1.00 ? 3  DNE A HD2 5 
HETATM 1665 H HD3 . DNE A 1 3  ? -3.779  -4.414  4.935   1.00 1.00 ? 3  DNE A HD3 5 
HETATM 1666 H HE1 . DNE A 1 3  ? -4.189  -2.461  6.481   1.00 1.00 ? 3  DNE A HE1 5 
HETATM 1667 H HE2 . DNE A 1 3  ? -2.672  -2.323  5.586   1.00 1.00 ? 3  DNE A HE2 5 
HETATM 1668 H HE3 . DNE A 1 3  ? -4.091  -1.374  5.082   1.00 1.00 ? 3  DNE A HE3 5 
HETATM 1669 N N   . NLE A 1 4  ? -0.057  -3.164  -0.007  1.00 1.00 ? 4  NLE A N   5 
HETATM 1670 C CA  . NLE A 1 4  ? 1.329   -2.983  -0.411  1.00 1.00 ? 4  NLE A CA  5 
HETATM 1671 C C   . NLE A 1 4  ? 1.409   -1.645  -1.154  1.00 1.00 ? 4  NLE A C   5 
HETATM 1672 O O   . NLE A 1 4  ? 0.385   -1.116  -1.573  1.00 1.00 ? 4  NLE A O   5 
HETATM 1673 C CB  . NLE A 1 4  ? 1.803   -4.143  -1.300  1.00 1.00 ? 4  NLE A CB  5 
HETATM 1674 C CG  . NLE A 1 4  ? 1.529   -5.530  -0.699  1.00 1.00 ? 4  NLE A CG  5 
HETATM 1675 C CD  . NLE A 1 4  ? 2.207   -5.720  0.664   1.00 1.00 ? 4  NLE A CD  5 
HETATM 1676 C CE  . NLE A 1 4  ? 2.038   -7.161  1.147   1.00 1.00 ? 4  NLE A CE  5 
HETATM 1677 H H   . NLE A 1 4  ? -0.688  -3.551  -0.702  1.00 1.00 ? 4  NLE A H   5 
HETATM 1678 H HA  . NLE A 1 4  ? 1.973   -2.978  0.463   1.00 1.00 ? 4  NLE A HA  5 
HETATM 1679 H HB2 . NLE A 1 4  ? 1.316   -4.085  -2.273  1.00 1.00 ? 4  NLE A HB2 5 
HETATM 1680 H HB3 . NLE A 1 4  ? 2.877   -4.037  -1.461  1.00 1.00 ? 4  NLE A HB3 5 
HETATM 1681 H HG2 . NLE A 1 4  ? 0.454   -5.687  -0.598  1.00 1.00 ? 4  NLE A HG2 5 
HETATM 1682 H HG3 . NLE A 1 4  ? 1.919   -6.277  -1.392  1.00 1.00 ? 4  NLE A HG3 5 
HETATM 1683 H HD2 . NLE A 1 4  ? 3.271   -5.493  0.579   1.00 1.00 ? 4  NLE A HD2 5 
HETATM 1684 H HD3 . NLE A 1 4  ? 1.757   -5.055  1.402   1.00 1.00 ? 4  NLE A HD3 5 
HETATM 1685 H HE1 . NLE A 1 4  ? 0.978   -7.400  1.242   1.00 1.00 ? 4  NLE A HE1 5 
HETATM 1686 H HE2 . NLE A 1 4  ? 2.502   -7.849  0.439   1.00 1.00 ? 4  NLE A HE2 5 
HETATM 1687 H HE3 . NLE A 1 4  ? 2.517   -7.276  2.119   1.00 1.00 ? 4  NLE A HE3 5 
HETATM 1688 N N   . DNE A 1 5  ? 2.609   -1.103  -1.348  1.00 1.00 ? 5  DNE A N   5 
HETATM 1689 C CA  . DNE A 1 5  ? 2.841   0.051   -2.207  1.00 1.00 ? 5  DNE A CA  5 
HETATM 1690 C C   . DNE A 1 5  ? 3.680   1.126   -1.515  1.00 1.00 ? 5  DNE A C   5 
HETATM 1691 O O   . DNE A 1 5  ? 4.893   0.970   -1.418  1.00 1.00 ? 5  DNE A O   5 
HETATM 1692 C CB  . DNE A 1 5  ? 3.536   -0.506  -3.444  1.00 1.00 ? 5  DNE A CB  5 
HETATM 1693 C CG  . DNE A 1 5  ? 3.940   0.559   -4.471  1.00 1.00 ? 5  DNE A CG  5 
HETATM 1694 C CD  . DNE A 1 5  ? 4.380   -0.070  -5.798  1.00 1.00 ? 5  DNE A CD  5 
HETATM 1695 C CE  . DNE A 1 5  ? 5.624   -0.951  -5.635  1.00 1.00 ? 5  DNE A CE  5 
HETATM 1696 H H   . DNE A 1 5  ? 3.416   -1.536  -0.910  1.00 1.00 ? 5  DNE A H   5 
HETATM 1697 H HA  . DNE A 1 5  ? 1.916   0.508   -2.535  1.00 1.00 ? 5  DNE A HA  5 
HETATM 1698 H HB2 . DNE A 1 5  ? 4.401   -1.031  -3.046  1.00 1.00 ? 5  DNE A HB2 5 
HETATM 1699 H HB3 . DNE A 1 5  ? 2.872   -1.227  -3.924  1.00 1.00 ? 5  DNE A HB3 5 
HETATM 1700 H HG2 . DNE A 1 5  ? 3.086   1.208   -4.668  1.00 1.00 ? 5  DNE A HG2 5 
HETATM 1701 H HG3 . DNE A 1 5  ? 4.762   1.162   -4.082  1.00 1.00 ? 5  DNE A HG3 5 
HETATM 1702 H HD2 . DNE A 1 5  ? 3.566   -0.666  -6.213  1.00 1.00 ? 5  DNE A HD2 5 
HETATM 1703 H HD3 . DNE A 1 5  ? 4.614   0.732   -6.500  1.00 1.00 ? 5  DNE A HD3 5 
HETATM 1704 H HE1 . DNE A 1 5  ? 6.428   -0.378  -5.174  1.00 1.00 ? 5  DNE A HE1 5 
HETATM 1705 H HE2 . DNE A 1 5  ? 5.397   -1.819  -5.017  1.00 1.00 ? 5  DNE A HE2 5 
HETATM 1706 H HE3 . DNE A 1 5  ? 5.950   -1.297  -6.616  1.00 1.00 ? 5  DNE A HE3 5 
HETATM 1707 N N   . NLE A 1 6  ? 3.068   2.224   -1.058  1.00 1.00 ? 6  NLE A N   5 
HETATM 1708 C CA  . NLE A 1 6  ? 3.767   3.330   -0.402  1.00 1.00 ? 6  NLE A CA  5 
HETATM 1709 C C   . NLE A 1 6  ? 2.927   3.875   0.760   1.00 1.00 ? 6  NLE A C   5 
HETATM 1710 O O   . NLE A 1 6  ? 1.706   3.814   0.668   1.00 1.00 ? 6  NLE A O   5 
HETATM 1711 C CB  . NLE A 1 6  ? 4.026   4.455   -1.417  1.00 1.00 ? 6  NLE A CB  5 
HETATM 1712 C CG  . NLE A 1 6  ? 4.918   4.005   -2.580  1.00 1.00 ? 6  NLE A CG  5 
HETATM 1713 C CD  . NLE A 1 6  ? 5.395   5.182   -3.440  1.00 1.00 ? 6  NLE A CD  5 
HETATM 1714 C CE  . NLE A 1 6  ? 4.232   5.923   -4.107  1.00 1.00 ? 6  NLE A CE  5 
HETATM 1715 H H   . NLE A 1 6  ? 2.053   2.296   -1.157  1.00 1.00 ? 6  NLE A H   5 
HETATM 1716 H HA  . NLE A 1 6  ? 4.710   2.954   -0.011  1.00 1.00 ? 6  NLE A HA  5 
HETATM 1717 H HB2 . NLE A 1 6  ? 3.066   4.797   -1.806  1.00 1.00 ? 6  NLE A HB2 5 
HETATM 1718 H HB3 . NLE A 1 6  ? 4.505   5.291   -0.907  1.00 1.00 ? 6  NLE A HB3 5 
HETATM 1719 H HG2 . NLE A 1 6  ? 5.797   3.495   -2.181  1.00 1.00 ? 6  NLE A HG2 5 
HETATM 1720 H HG3 . NLE A 1 6  ? 4.366   3.311   -3.213  1.00 1.00 ? 6  NLE A HG3 5 
HETATM 1721 H HD2 . NLE A 1 6  ? 5.966   5.881   -2.828  1.00 1.00 ? 6  NLE A HD2 5 
HETATM 1722 H HD3 . NLE A 1 6  ? 6.049   4.792   -4.221  1.00 1.00 ? 6  NLE A HD3 5 
HETATM 1723 H HE1 . NLE A 1 6  ? 3.618   5.221   -4.672  1.00 1.00 ? 6  NLE A HE1 5 
HETATM 1724 H HE2 . NLE A 1 6  ? 3.617   6.423   -3.359  1.00 1.00 ? 6  NLE A HE2 5 
HETATM 1725 H HE3 . NLE A 1 6  ? 4.629   6.675   -4.789  1.00 1.00 ? 6  NLE A HE3 5 
HETATM 1726 C C   . DNM A 1 7  ? 3.334   4.671   4.310   1.00 1.00 ? 7  DNM A C   5 
HETATM 1727 N N   . DNM A 1 7  ? 3.517   4.419   1.840   1.00 1.00 ? 7  DNM A N   5 
HETATM 1728 O O   . DNM A 1 7  ? 3.353   5.536   5.183   1.00 1.00 ? 7  DNM A O   5 
HETATM 1729 C C1  . DNM A 1 7  ? 4.975   4.477   2.023   1.00 1.00 ? 7  DNM A C1  5 
HETATM 1730 C CA  . DNM A 1 7  ? 2.673   4.906   2.951   1.00 1.00 ? 7  DNM A CA  5 
HETATM 1731 C CB  . DNM A 1 7  ? 2.235   6.364   2.716   1.00 1.00 ? 7  DNM A CB  5 
HETATM 1732 C CD  . DNM A 1 7  ? 2.923   8.785   2.288   1.00 1.00 ? 7  DNM A CD  5 
HETATM 1733 C CE  . DNM A 1 7  ? 2.291   9.387   3.546   1.00 1.00 ? 7  DNM A CE  5 
HETATM 1734 C CG  . DNM A 1 7  ? 3.400   7.342   2.499   1.00 1.00 ? 7  DNM A CG  5 
HETATM 1735 H HA  . DNM A 1 7  ? 1.756   4.318   3.005   1.00 1.00 ? 7  DNM A HA  5 
HETATM 1736 H HB  . DNM A 1 7  ? 1.590   6.395   1.836   1.00 1.00 ? 7  DNM A HB  5 
HETATM 1737 H HBA . DNM A 1 7  ? 1.644   6.678   3.576   1.00 1.00 ? 7  DNM A HBA 5 
HETATM 1738 H H1  . DNM A 1 7  ? 5.503   4.650   1.088   1.00 1.00 ? 7  DNM A H1  5 
HETATM 1739 H H1A . DNM A 1 7  ? 5.325   3.548   2.487   1.00 1.00 ? 7  DNM A H1A 5 
HETATM 1740 H H1B . DNM A 1 7  ? 5.248   5.299   2.682   1.00 1.00 ? 7  DNM A H1B 5 
HETATM 1741 H HD  . DNM A 1 7  ? 2.209   8.824   1.464   1.00 1.00 ? 7  DNM A HD  5 
HETATM 1742 H HDA . DNM A 1 7  ? 3.792   9.389   2.022   1.00 1.00 ? 7  DNM A HDA 5 
HETATM 1743 H HE  . DNM A 1 7  ? 1.345   8.897   3.776   1.00 1.00 ? 7  DNM A HE  5 
HETATM 1744 H HEA . DNM A 1 7  ? 2.970   9.279   4.393   1.00 1.00 ? 7  DNM A HEA 5 
HETATM 1745 H HEB . DNM A 1 7  ? 2.099   10.447  3.380   1.00 1.00 ? 7  DNM A HEB 5 
HETATM 1746 H HG  . DNM A 1 7  ? 3.947   7.047   1.604   1.00 1.00 ? 7  DNM A HG  5 
HETATM 1747 H HGA . DNM A 1 7  ? 4.080   7.317   3.351   1.00 1.00 ? 7  DNM A HGA 5 
HETATM 1748 N N   . NLE A 1 8  ? 3.918   3.484   4.459   1.00 1.00 ? 8  NLE A N   5 
HETATM 1749 C CA  . NLE A 1 8  ? 4.796   3.131   5.553   1.00 1.00 ? 8  NLE A CA  5 
HETATM 1750 C C   . NLE A 1 8  ? 6.093   3.947   5.491   1.00 1.00 ? 8  NLE A C   5 
HETATM 1751 O O   . NLE A 1 8  ? 7.158   3.435   5.158   1.00 1.00 ? 8  NLE A O   5 
HETATM 1752 C CB  . NLE A 1 8  ? 5.021   1.612   5.538   1.00 1.00 ? 8  NLE A CB  5 
HETATM 1753 C CG  . NLE A 1 8  ? 5.770   1.059   6.759   1.00 1.00 ? 8  NLE A CG  5 
HETATM 1754 C CD  . NLE A 1 8  ? 4.992   1.261   8.065   1.00 1.00 ? 8  NLE A CD  5 
HETATM 1755 C CE  . NLE A 1 8  ? 5.689   0.530   9.214   1.00 1.00 ? 8  NLE A CE  5 
HETATM 1756 H H   . NLE A 1 8  ? 3.770   2.795   3.728   1.00 1.00 ? 8  NLE A H   5 
HETATM 1757 H HA  . NLE A 1 8  ? 4.268   3.408   6.449   1.00 1.00 ? 8  NLE A HA  5 
HETATM 1758 H HB2 . NLE A 1 8  ? 4.044   1.133   5.496   1.00 1.00 ? 8  NLE A HB2 5 
HETATM 1759 H HB3 . NLE A 1 8  ? 5.575   1.346   4.636   1.00 1.00 ? 8  NLE A HB3 5 
HETATM 1760 H HG2 . NLE A 1 8  ? 5.910   -0.012  6.600   1.00 1.00 ? 8  NLE A HG2 5 
HETATM 1761 H HG3 . NLE A 1 8  ? 6.754   1.520   6.842   1.00 1.00 ? 8  NLE A HG3 5 
HETATM 1762 H HD2 . NLE A 1 8  ? 4.939   2.321   8.313   1.00 1.00 ? 8  NLE A HD2 5 
HETATM 1763 H HD3 . NLE A 1 8  ? 3.981   0.865   7.956   1.00 1.00 ? 8  NLE A HD3 5 
HETATM 1764 H HE1 . NLE A 1 8  ? 6.703   0.915   9.339   1.00 1.00 ? 8  NLE A HE1 5 
HETATM 1765 H HE2 . NLE A 1 8  ? 5.132   0.690   10.138  1.00 1.00 ? 8  NLE A HE2 5 
HETATM 1766 H HE3 . NLE A 1 8  ? 5.734   -0.539  9.007   1.00 1.00 ? 8  NLE A HE3 5 
HETATM 1767 N N   . DNE A 1 9  ? 6.007   5.238   5.817   1.00 1.00 ? 9  DNE A N   5 
HETATM 1768 C CA  . DNE A 1 9  ? 7.149   6.127   6.015   1.00 1.00 ? 9  DNE A CA  5 
HETATM 1769 C C   . DNE A 1 9  ? 7.819   6.587   4.709   1.00 1.00 ? 9  DNE A C   5 
HETATM 1770 O O   . DNE A 1 9  ? 8.234   7.740   4.599   1.00 1.00 ? 9  DNE A O   5 
HETATM 1771 C CB  . DNE A 1 9  ? 6.719   7.306   6.907   1.00 1.00 ? 9  DNE A CB  5 
HETATM 1772 C CG  . DNE A 1 9  ? 5.563   8.131   6.316   1.00 1.00 ? 9  DNE A CG  5 
HETATM 1773 C CD  . DNE A 1 9  ? 5.350   9.446   7.075   1.00 1.00 ? 9  DNE A CD  5 
HETATM 1774 C CE  . DNE A 1 9  ? 4.931   9.219   8.531   1.00 1.00 ? 9  DNE A CE  5 
HETATM 1775 H H   . DNE A 1 9  ? 5.073   5.610   5.954   1.00 1.00 ? 9  DNE A H   5 
HETATM 1776 H HA  . DNE A 1 9  ? 7.912   5.577   6.568   1.00 1.00 ? 9  DNE A HA  5 
HETATM 1777 H HB2 . DNE A 1 9  ? 6.414   6.907   7.875   1.00 1.00 ? 9  DNE A HB2 5 
HETATM 1778 H HB3 . DNE A 1 9  ? 7.582   7.956   7.066   1.00 1.00 ? 9  DNE A HB3 5 
HETATM 1779 H HG2 . DNE A 1 9  ? 5.782   8.380   5.277   1.00 1.00 ? 9  DNE A HG2 5 
HETATM 1780 H HG3 . DNE A 1 9  ? 4.636   7.558   6.343   1.00 1.00 ? 9  DNE A HG3 5 
HETATM 1781 H HD2 . DNE A 1 9  ? 6.265   10.038  7.048   1.00 1.00 ? 9  DNE A HD2 5 
HETATM 1782 H HD3 . DNE A 1 9  ? 4.561   10.007  6.573   1.00 1.00 ? 9  DNE A HD3 5 
HETATM 1783 H HE1 . DNE A 1 9  ? 4.691   10.180  8.989   1.00 1.00 ? 9  DNE A HE1 5 
HETATM 1784 H HE2 . DNE A 1 9  ? 4.050   8.577   8.571   1.00 1.00 ? 9  DNE A HE2 5 
HETATM 1785 H HE3 . DNE A 1 9  ? 5.743   8.759   9.095   1.00 1.00 ? 9  DNE A HE3 5 
HETATM 1786 N N   . NLO A 1 10 ? 7.951   5.700   3.720   1.00 1.00 ? 10 NLO A N   5 
HETATM 1787 C CA  . NLO A 1 10 ? 8.584   6.041   2.453   1.00 1.00 ? 10 NLO A CA  5 
HETATM 1788 C C   . NLO A 1 10 ? 7.695   6.982   1.634   1.00 1.00 ? 10 NLO A C   5 
HETATM 1789 O O   . NLO A 1 10 ? 6.610   7.352   2.085   1.00 1.00 ? 10 NLO A O   5 
HETATM 1790 C CB  . NLO A 1 10 ? 8.913   4.768   1.660   1.00 1.00 ? 10 NLO A CB  5 
HETATM 1791 C CG  . NLO A 1 10 ? 9.566   3.685   2.527   1.00 1.00 ? 10 NLO A CG  5 
HETATM 1792 C CD  . NLO A 1 10 ? 10.351  2.691   1.666   1.00 1.00 ? 10 NLO A CD  5 
HETATM 1793 C CE  . NLO A 1 10 ? 10.887  1.549   2.534   1.00 1.00 ? 10 NLO A CE  5 
HETATM 1794 O OXT . NLO A 1 10 ? 8.185   7.321   0.403   1.00 1.00 ? 10 NLO A OXT 5 
HETATM 1795 C C1  . NLO A 1 10 ? 7.153   7.754   -0.464  1.00 1.00 ? 10 NLO A C1  5 
HETATM 1796 H H   . NLO A 1 10 ? 7.604   4.762   3.855   1.00 1.00 ? 10 NLO A H   5 
HETATM 1797 H HA  . NLO A 1 10 ? 9.522   6.561   2.661   1.00 1.00 ? 10 NLO A HA  5 
HETATM 1798 H HB2 . NLO A 1 10 ? 8.000   4.368   1.220   1.00 1.00 ? 10 NLO A HB2 5 
HETATM 1799 H HB3 . NLO A 1 10 ? 9.593   5.043   0.851   1.00 1.00 ? 10 NLO A HB3 5 
HETATM 1800 H HG2 . NLO A 1 10 ? 10.246  4.151   3.239   1.00 1.00 ? 10 NLO A HG2 5 
HETATM 1801 H HG3 . NLO A 1 10 ? 8.793   3.149   3.081   1.00 1.00 ? 10 NLO A HG3 5 
HETATM 1802 H HD2 . NLO A 1 10 ? 9.709   2.275   0.890   1.00 1.00 ? 10 NLO A HD2 5 
HETATM 1803 H HD3 . NLO A 1 10 ? 11.191  3.202   1.192   1.00 1.00 ? 10 NLO A HD3 5 
HETATM 1804 H HE1 . NLO A 1 10 ? 10.056  1.009   2.991   1.00 1.00 ? 10 NLO A HE1 5 
HETATM 1805 H HE2 . NLO A 1 10 ? 11.462  0.861   1.916   1.00 1.00 ? 10 NLO A HE2 5 
HETATM 1806 H HE3 . NLO A 1 10 ? 11.531  1.948   3.317   1.00 1.00 ? 10 NLO A HE3 5 
HETATM 1807 H H11 . NLO A 1 10 ? 6.355   7.009   -0.474  1.00 1.00 ? 10 NLO A H11 5 
HETATM 1808 H H12 . NLO A 1 10 ? 7.554   7.866   -1.471  1.00 1.00 ? 10 NLO A H12 5 
HETATM 1809 H H13 . NLO A 1 10 ? 6.753   8.715   -0.133  1.00 1.00 ? 10 NLO A H13 5 
HETATM 1810 C C   . DNG B 1 1  ? 5.415   -1.300  0.607   1.00 1.00 ? 1  DNG B C   5 
HETATM 1811 N N   . DNG B 1 1  ? 7.139   0.375   0.014   1.00 1.00 ? 1  DNG B N   5 
HETATM 1812 O O   . DNG B 1 1  ? 4.881   -2.223  -0.010  1.00 1.00 ? 1  DNG B O   5 
HETATM 1813 C C1  . DNG B 1 1  ? 7.003   1.442   0.799   1.00 1.00 ? 1  DNG B C1  5 
HETATM 1814 O O1  . DNG B 1 1  ? 6.650   1.369   1.973   1.00 1.00 ? 1  DNG B O1  5 
HETATM 1815 C CA  . DNG B 1 1  ? 6.913   -0.998  0.442   1.00 1.00 ? 1  DNG B CA  5 
HETATM 1816 C CB  . DNG B 1 1  ? 7.578   -1.962  -0.556  1.00 1.00 ? 1  DNG B CB  5 
HETATM 1817 C CD  . DNG B 1 1  ? 9.897   -1.803  0.500   1.00 1.00 ? 1  DNG B CD  5 
HETATM 1818 C CE  . DNG B 1 1  ? 11.390  -1.695  0.188   1.00 1.00 ? 1  DNG B CE  5 
HETATM 1819 C CG  . DNG B 1 1  ? 9.073   -1.694  -0.788  1.00 1.00 ? 1  DNG B CG  5 
HETATM 1820 H H   . DNG B 1 1  ? 7.386   0.531   -0.949  1.00 1.00 ? 1  DNG B H   5 
HETATM 1821 H HC1 . DNG B 1 1  ? 7.233   2.361   0.260   1.00 1.00 ? 1  DNG B HC1 5 
HETATM 1822 H HA  . DNG B 1 1  ? 7.368   -1.145  1.421   1.00 1.00 ? 1  DNG B HA  5 
HETATM 1823 H HB  . DNG B 1 1  ? 7.458   -2.982  -0.188  1.00 1.00 ? 1  DNG B HB  5 
HETATM 1824 H HBA . DNG B 1 1  ? 7.064   -1.885  -1.516  1.00 1.00 ? 1  DNG B HBA 5 
HETATM 1825 H HD  . DNG B 1 1  ? 9.703   -2.763  0.981   1.00 1.00 ? 1  DNG B HD  5 
HETATM 1826 H HDA . DNG B 1 1  ? 9.628   -0.998  1.184   1.00 1.00 ? 1  DNG B HDA 5 
HETATM 1827 H HE  . DNG B 1 1  ? 11.962  -1.763  1.113   1.00 1.00 ? 1  DNG B HE  5 
HETATM 1828 H HEA . DNG B 1 1  ? 11.602  -0.739  -0.293  1.00 1.00 ? 1  DNG B HEA 5 
HETATM 1829 H HEB . DNG B 1 1  ? 11.693  -2.506  -0.476  1.00 1.00 ? 1  DNG B HEB 5 
HETATM 1830 H HG  . DNG B 1 1  ? 9.218   -0.707  -1.228  1.00 1.00 ? 1  DNG B HG  5 
HETATM 1831 H HGA . DNG B 1 1  ? 9.437   -2.438  -1.499  1.00 1.00 ? 1  DNG B HGA 5 
HETATM 1832 N N   . NLE B 1 2  ? 4.728   -0.544  1.461   1.00 1.00 ? 2  NLE B N   5 
HETATM 1833 C CA  . NLE B 1 2  ? 3.406   -0.871  1.972   1.00 1.00 ? 2  NLE B CA  5 
HETATM 1834 C C   . NLE B 1 2  ? 2.680   0.340   2.546   1.00 1.00 ? 2  NLE B C   5 
HETATM 1835 O O   . NLE B 1 2  ? 3.251   1.424   2.661   1.00 1.00 ? 2  NLE B O   5 
HETATM 1836 C CB  . NLE B 1 2  ? 3.510   -2.040  2.967   1.00 1.00 ? 2  NLE B CB  5 
HETATM 1837 C CG  . NLE B 1 2  ? 4.407   -1.712  4.170   1.00 1.00 ? 2  NLE B CG  5 
HETATM 1838 C CD  . NLE B 1 2  ? 4.722   -2.955  5.011   1.00 1.00 ? 2  NLE B CD  5 
HETATM 1839 C CE  . NLE B 1 2  ? 3.466   -3.565  5.643   1.00 1.00 ? 2  NLE B CE  5 
HETATM 1840 H H   . NLE B 1 2  ? 5.177   0.299   1.795   1.00 1.00 ? 2  NLE B H   5 
HETATM 1841 H HA  . NLE B 1 2  ? 2.789   -1.180  1.145   1.00 1.00 ? 2  NLE B HA  5 
HETATM 1842 H HB2 . NLE B 1 2  ? 2.514   -2.304  3.321   1.00 1.00 ? 2  NLE B HB2 5 
HETATM 1843 H HB3 . NLE B 1 2  ? 3.921   -2.907  2.448   1.00 1.00 ? 2  NLE B HB3 5 
HETATM 1844 H HG2 . NLE B 1 2  ? 5.350   -1.281  3.831   1.00 1.00 ? 2  NLE B HG2 5 
HETATM 1845 H HG3 . NLE B 1 2  ? 3.906   -0.983  4.802   1.00 1.00 ? 2  NLE B HG3 5 
HETATM 1846 H HD2 . NLE B 1 2  ? 5.217   -3.704  4.392   1.00 1.00 ? 2  NLE B HD2 5 
HETATM 1847 H HD3 . NLE B 1 2  ? 5.403   -2.663  5.812   1.00 1.00 ? 2  NLE B HD3 5 
HETATM 1848 H HE1 . NLE B 1 2  ? 3.759   -4.373  6.314   1.00 1.00 ? 2  NLE B HE1 5 
HETATM 1849 H HE2 . NLE B 1 2  ? 2.930   -2.806  6.215   1.00 1.00 ? 2  NLE B HE2 5 
HETATM 1850 H HE3 . NLE B 1 2  ? 2.809   -3.972  4.875   1.00 1.00 ? 2  NLE B HE3 5 
HETATM 1851 N N   . DNE B 1 3  ? 1.408   0.136   2.898   1.00 1.00 ? 3  DNE B N   5 
HETATM 1852 C CA  . DNE B 1 3  ? 0.504   1.131   3.451   1.00 1.00 ? 3  DNE B CA  5 
HETATM 1853 C C   . DNE B 1 3  ? -0.600  1.365   2.422   1.00 1.00 ? 3  DNE B C   5 
HETATM 1854 O O   . DNE B 1 3  ? -1.577  0.618   2.368   1.00 1.00 ? 3  DNE B O   5 
HETATM 1855 C CB  . DNE B 1 3  ? -0.066  0.630   4.785   1.00 1.00 ? 3  DNE B CB  5 
HETATM 1856 C CG  . DNE B 1 3  ? 1.037   0.487   5.842   1.00 1.00 ? 3  DNE B CG  5 
HETATM 1857 C CD  . DNE B 1 3  ? 0.513   -0.102  7.158   1.00 1.00 ? 3  DNE B CD  5 
HETATM 1858 C CE  . DNE B 1 3  ? -0.495  0.816   7.855   1.00 1.00 ? 3  DNE B CE  5 
HETATM 1859 H H   . DNE B 1 3  ? 1.020   -0.791  2.750   1.00 1.00 ? 3  DNE B H   5 
HETATM 1860 H HA  . DNE B 1 3  ? 1.025   2.071   3.639   1.00 1.00 ? 3  DNE B HA  5 
HETATM 1861 H HB2 . DNE B 1 3  ? -0.808  1.352   5.127   1.00 1.00 ? 3  DNE B HB2 5 
HETATM 1862 H HB3 . DNE B 1 3  ? -0.557  -0.334  4.636   1.00 1.00 ? 3  DNE B HB3 5 
HETATM 1863 H HG2 . DNE B 1 3  ? 1.805   -0.186  5.464   1.00 1.00 ? 3  DNE B HG2 5 
HETATM 1864 H HG3 . DNE B 1 3  ? 1.491   1.460   6.032   1.00 1.00 ? 3  DNE B HG3 5 
HETATM 1865 H HD2 . DNE B 1 3  ? 0.051   -1.072  6.968   1.00 1.00 ? 3  DNE B HD2 5 
HETATM 1866 H HD3 . DNE B 1 3  ? 1.362   -0.250  7.827   1.00 1.00 ? 3  DNE B HD3 5 
HETATM 1867 H HE1 . DNE B 1 3  ? -0.738  0.403   8.834   1.00 1.00 ? 3  DNE B HE1 5 
HETATM 1868 H HE2 . DNE B 1 3  ? -0.068  1.810   7.987   1.00 1.00 ? 3  DNE B HE2 5 
HETATM 1869 H HE3 . DNE B 1 3  ? -1.413  0.888   7.273   1.00 1.00 ? 3  DNE B HE3 5 
HETATM 1870 N N   . NLE B 1 4  ? -0.429  2.386   1.586   1.00 1.00 ? 4  NLE B N   5 
HETATM 1871 C CA  . NLE B 1 4  ? -1.326  2.687   0.482   1.00 1.00 ? 4  NLE B CA  5 
HETATM 1872 C C   . NLE B 1 4  ? -0.752  2.001   -0.761  1.00 1.00 ? 4  NLE B C   5 
HETATM 1873 O O   . NLE B 1 4  ? 0.420   1.637   -0.772  1.00 1.00 ? 4  NLE B O   5 
HETATM 1874 C CB  . NLE B 1 4  ? -1.443  4.204   0.270   1.00 1.00 ? 4  NLE B CB  5 
HETATM 1875 C CG  . NLE B 1 4  ? -1.826  4.936   1.562   1.00 1.00 ? 4  NLE B CG  5 
HETATM 1876 C CD  . NLE B 1 4  ? -2.003  6.433   1.289   1.00 1.00 ? 4  NLE B CD  5 
HETATM 1877 C CE  . NLE B 1 4  ? -2.349  7.174   2.582   1.00 1.00 ? 4  NLE B CE  5 
HETATM 1878 H H   . NLE B 1 4  ? 0.404   2.964   1.658   1.00 1.00 ? 4  NLE B H   5 
HETATM 1879 H HA  . NLE B 1 4  ? -2.327  2.326   0.711   1.00 1.00 ? 4  NLE B HA  5 
HETATM 1880 H HB2 . NLE B 1 4  ? -0.501  4.604   -0.106  1.00 1.00 ? 4  NLE B HB2 5 
HETATM 1881 H HB3 . NLE B 1 4  ? -2.212  4.385   -0.483  1.00 1.00 ? 4  NLE B HB3 5 
HETATM 1882 H HG2 . NLE B 1 4  ? -2.758  4.523   1.950   1.00 1.00 ? 4  NLE B HG2 5 
HETATM 1883 H HG3 . NLE B 1 4  ? -1.041  4.807   2.308   1.00 1.00 ? 4  NLE B HG3 5 
HETATM 1884 H HD2 . NLE B 1 4  ? -1.077  6.842   0.881   1.00 1.00 ? 4  NLE B HD2 5 
HETATM 1885 H HD3 . NLE B 1 4  ? -2.805  6.581   0.565   1.00 1.00 ? 4  NLE B HD3 5 
HETATM 1886 H HE1 . NLE B 1 4  ? -3.277  6.782   2.999   1.00 1.00 ? 4  NLE B HE1 5 
HETATM 1887 H HE2 . NLE B 1 4  ? -1.546  7.051   3.309   1.00 1.00 ? 4  NLE B HE2 5 
HETATM 1888 H HE3 . NLE B 1 4  ? -2.476  8.236   2.370   1.00 1.00 ? 4  NLE B HE3 5 
HETATM 1889 N N   . DNE B 1 5  ? -1.543  1.842   -1.820  1.00 1.00 ? 5  DNE B N   5 
HETATM 1890 C CA  . DNE B 1 5  ? -1.068  1.356   -3.108  1.00 1.00 ? 5  DNE B CA  5 
HETATM 1891 C C   . DNE B 1 5  ? -1.952  0.237   -3.658  1.00 1.00 ? 5  DNE B C   5 
HETATM 1892 O O   . DNE B 1 5  ? -2.993  0.522   -4.242  1.00 1.00 ? 5  DNE B O   5 
HETATM 1893 C CB  . DNE B 1 5  ? -1.060  2.567   -4.032  1.00 1.00 ? 5  DNE B CB  5 
HETATM 1894 C CG  . DNE B 1 5  ? -0.559  2.255   -5.448  1.00 1.00 ? 5  DNE B CG  5 
HETATM 1895 C CD  . DNE B 1 5  ? -0.516  3.537   -6.283  1.00 1.00 ? 5  DNE B CD  5 
HETATM 1896 C CE  . DNE B 1 5  ? -0.012  3.238   -7.697  1.00 1.00 ? 5  DNE B CE  5 
HETATM 1897 H H   . DNE B 1 5  ? -2.522  2.101   -1.744  1.00 1.00 ? 5  DNE B H   5 
HETATM 1898 H HA  . DNE B 1 5  ? -0.053  0.982   -3.053  1.00 1.00 ? 5  DNE B HA  5 
HETATM 1899 H HB2 . DNE B 1 5  ? -2.090  2.910   -4.029  1.00 1.00 ? 5  DNE B HB2 5 
HETATM 1900 H HB3 . DNE B 1 5  ? -0.426  3.342   -3.596  1.00 1.00 ? 5  DNE B HB3 5 
HETATM 1901 H HG2 . DNE B 1 5  ? 0.445   1.830   -5.389  1.00 1.00 ? 5  DNE B HG2 5 
HETATM 1902 H HG3 . DNE B 1 5  ? -1.220  1.539   -5.936  1.00 1.00 ? 5  DNE B HG3 5 
HETATM 1903 H HD2 . DNE B 1 5  ? -1.517  3.966   -6.343  1.00 1.00 ? 5  DNE B HD2 5 
HETATM 1904 H HD3 . DNE B 1 5  ? 0.153   4.261   -5.813  1.00 1.00 ? 5  DNE B HD3 5 
HETATM 1905 H HE1 . DNE B 1 5  ? 0.993   2.817   -7.652  1.00 1.00 ? 5  DNE B HE1 5 
HETATM 1906 H HE2 . DNE B 1 5  ? -0.678  2.529   -8.188  1.00 1.00 ? 5  DNE B HE2 5 
HETATM 1907 H HE3 . DNE B 1 5  ? 0.015   4.161   -8.277  1.00 1.00 ? 5  DNE B HE3 5 
HETATM 1908 N N   . NLE B 1 6  ? -1.546  -1.025  -3.509  1.00 1.00 ? 6  NLE B N   5 
HETATM 1909 C CA  . NLE B 1 6  ? -2.299  -2.162  -4.029  1.00 1.00 ? 6  NLE B CA  5 
HETATM 1910 C C   . NLE B 1 6  ? -2.122  -3.394  -3.132  1.00 1.00 ? 6  NLE B C   5 
HETATM 1911 O O   . NLE B 1 6  ? -1.073  -3.511  -2.506  1.00 1.00 ? 6  NLE B O   5 
HETATM 1912 C CB  . NLE B 1 6  ? -1.864  -2.442  -5.479  1.00 1.00 ? 6  NLE B CB  5 
HETATM 1913 C CG  . NLE B 1 6  ? -0.353  -2.691  -5.611  1.00 1.00 ? 6  NLE B CG  5 
HETATM 1914 C CD  . NLE B 1 6  ? 0.076   -2.900  -7.068  1.00 1.00 ? 6  NLE B CD  5 
HETATM 1915 C CE  . NLE B 1 6  ? -0.504  -4.181  -7.677  1.00 1.00 ? 6  NLE B CE  5 
HETATM 1916 H H   . NLE B 1 6  ? -0.675  -1.216  -3.011  1.00 1.00 ? 6  NLE B H   5 
HETATM 1917 H HA  . NLE B 1 6  ? -3.349  -1.886  -4.011  1.00 1.00 ? 6  NLE B HA  5 
HETATM 1918 H HB2 . NLE B 1 6  ? -2.403  -3.314  -5.845  1.00 1.00 ? 6  NLE B HB2 5 
HETATM 1919 H HB3 . NLE B 1 6  ? -2.136  -1.585  -6.097  1.00 1.00 ? 6  NLE B HB3 5 
HETATM 1920 H HG2 . NLE B 1 6  ? 0.193   -1.828  -5.230  1.00 1.00 ? 6  NLE B HG2 5 
HETATM 1921 H HG3 . NLE B 1 6  ? -0.064  -3.567  -5.028  1.00 1.00 ? 6  NLE B HG3 5 
HETATM 1922 H HD2 . NLE B 1 6  ? -0.227  -2.041  -7.670  1.00 1.00 ? 6  NLE B HD2 5 
HETATM 1923 H HD3 . NLE B 1 6  ? 1.165   -2.972  -7.095  1.00 1.00 ? 6  NLE B HD3 5 
HETATM 1924 H HE1 . NLE B 1 6  ? -0.062  -4.342  -8.661  1.00 1.00 ? 6  NLE B HE1 5 
HETATM 1925 H HE2 . NLE B 1 6  ? -0.271  -5.036  -7.041  1.00 1.00 ? 6  NLE B HE2 5 
HETATM 1926 H HE3 . NLE B 1 6  ? -1.584  -4.098  -7.795  1.00 1.00 ? 6  NLE B HE3 5 
HETATM 1927 C C   . DNM B 1 7  ? -4.249  -5.886  -1.499  1.00 1.00 ? 7  DNM B C   5 
HETATM 1928 N N   . DNM B 1 7  ? -3.095  -4.322  -3.044  1.00 1.00 ? 7  DNM B N   5 
HETATM 1929 O O   . DNM B 1 7  ? -4.601  -7.063  -1.469  1.00 1.00 ? 7  DNM B O   5 
HETATM 1930 C C1  . DNM B 1 7  ? -4.381  -4.215  -3.742  1.00 1.00 ? 7  DNM B C1  5 
HETATM 1931 C CA  . DNM B 1 7  ? -2.920  -5.465  -2.132  1.00 1.00 ? 7  DNM B CA  5 
HETATM 1932 C CB  . DNM B 1 7  ? -2.163  -6.612  -2.829  1.00 1.00 ? 7  DNM B CB  5 
HETATM 1933 C CD  . DNM B 1 7  ? -1.969  -8.216  -4.757  1.00 1.00 ? 7  DNM B CD  5 
HETATM 1934 C CE  . DNM B 1 7  ? -2.521  -8.606  -6.131  1.00 1.00 ? 7  DNM B CE  5 
HETATM 1935 C CG  . DNM B 1 7  ? -2.775  -7.056  -4.166  1.00 1.00 ? 7  DNM B CG  5 
HETATM 1936 H HA  . DNM B 1 7  ? -2.310  -5.169  -1.279  1.00 1.00 ? 7  DNM B HA  5 
HETATM 1937 H HB  . DNM B 1 7  ? -1.141  -6.278  -3.017  1.00 1.00 ? 7  DNM B HB  5 
HETATM 1938 H HBA . DNM B 1 7  ? -2.117  -7.466  -2.152  1.00 1.00 ? 7  DNM B HBA 5 
HETATM 1939 H H1  . DNM B 1 7  ? -4.288  -3.684  -4.683  1.00 1.00 ? 7  DNM B H1  5 
HETATM 1940 H H1A . DNM B 1 7  ? -5.106  -3.705  -3.100  1.00 1.00 ? 7  DNM B H1A 5 
HETATM 1941 H H1B . DNM B 1 7  ? -4.778  -5.200  -3.984  1.00 1.00 ? 7  DNM B H1B 5 
HETATM 1942 H HD  . DNM B 1 7  ? -2.024  -9.078  -4.090  1.00 1.00 ? 7  DNM B HD  5 
HETATM 1943 H HDA . DNM B 1 7  ? -0.925  -7.919  -4.868  1.00 1.00 ? 7  DNM B HDA 5 
HETATM 1944 H HE  . DNM B 1 7  ? -2.443  -7.760  -6.816  1.00 1.00 ? 7  DNM B HE  5 
HETATM 1945 H HEA . DNM B 1 7  ? -1.945  -9.441  -6.530  1.00 1.00 ? 7  DNM B HEA 5 
HETATM 1946 H HEB . DNM B 1 7  ? -3.566  -8.903  -6.045  1.00 1.00 ? 7  DNM B HEB 5 
HETATM 1947 H HG  . DNM B 1 7  ? -2.757  -6.226  -4.872  1.00 1.00 ? 7  DNM B HG  5 
HETATM 1948 H HGA . DNM B 1 7  ? -3.804  -7.383  -4.014  1.00 1.00 ? 7  DNM B HGA 5 
HETATM 1949 N N   . NLE B 1 8  ? -4.999  -4.895  -1.013  1.00 1.00 ? 8  NLE B N   5 
HETATM 1950 C CA  . NLE B 1 8  ? -6.340  -5.046  -0.476  1.00 1.00 ? 8  NLE B CA  5 
HETATM 1951 C C   . NLE B 1 8  ? -7.391  -5.394  -1.545  1.00 1.00 ? 8  NLE B C   5 
HETATM 1952 O O   . NLE B 1 8  ? -8.358  -4.662  -1.731  1.00 1.00 ? 8  NLE B O   5 
HETATM 1953 C CB  . NLE B 1 8  ? -6.689  -3.784  0.329   1.00 1.00 ? 8  NLE B CB  5 
HETATM 1954 C CG  . NLE B 1 8  ? -7.909  -3.911  1.256   1.00 1.00 ? 8  NLE B CG  5 
HETATM 1955 C CD  . NLE B 1 8  ? -7.708  -4.957  2.358   1.00 1.00 ? 8  NLE B CD  5 
HETATM 1956 C CE  . NLE B 1 8  ? -8.856  -4.891  3.368   1.00 1.00 ? 8  NLE B CE  5 
HETATM 1957 H H   . NLE B 1 8  ? -4.602  -3.960  -1.039  1.00 1.00 ? 8  NLE B H   5 
HETATM 1958 H HA  . NLE B 1 8  ? -6.269  -5.890  0.186   1.00 1.00 ? 8  NLE B HA  5 
HETATM 1959 H HB2 . NLE B 1 8  ? -5.832  -3.527  0.947   1.00 1.00 ? 8  NLE B HB2 5 
HETATM 1960 H HB3 . NLE B 1 8  ? -6.861  -2.963  -0.370  1.00 1.00 ? 8  NLE B HB3 5 
HETATM 1961 H HG2 . NLE B 1 8  ? -8.065  -2.939  1.726   1.00 1.00 ? 8  NLE B HG2 5 
HETATM 1962 H HG3 . NLE B 1 8  ? -8.804  -4.155  0.683   1.00 1.00 ? 8  NLE B HG3 5 
HETATM 1963 H HD2 . NLE B 1 8  ? -7.686  -5.959  1.928   1.00 1.00 ? 8  NLE B HD2 5 
HETATM 1964 H HD3 . NLE B 1 8  ? -6.768  -4.769  2.879   1.00 1.00 ? 8  NLE B HD3 5 
HETATM 1965 H HE1 . NLE B 1 8  ? -8.886  -3.906  3.836   1.00 1.00 ? 8  NLE B HE1 5 
HETATM 1966 H HE2 . NLE B 1 8  ? -9.805  -5.080  2.865   1.00 1.00 ? 8  NLE B HE2 5 
HETATM 1967 H HE3 . NLE B 1 8  ? -8.706  -5.646  4.140   1.00 1.00 ? 8  NLE B HE3 5 
HETATM 1968 N N   . DNE B 1 9  ? -7.204  -6.532  -2.225  1.00 1.00 ? 9  DNE B N   5 
HETATM 1969 C CA  . DNE B 1 9  ? -8.132  -7.130  -3.186  1.00 1.00 ? 9  DNE B CA  5 
HETATM 1970 C C   . DNE B 1 9  ? -8.831  -6.091  -4.070  1.00 1.00 ? 9  DNE B C   5 
HETATM 1971 O O   . DNE B 1 9  ? -10.055 -6.085  -4.176  1.00 1.00 ? 9  DNE B O   5 
HETATM 1972 C CB  . DNE B 1 9  ? -7.388  -8.164  -4.045  1.00 1.00 ? 9  DNE B CB  5 
HETATM 1973 C CG  . DNE B 1 9  ? -6.932  -9.373  -3.214  1.00 1.00 ? 9  DNE B CG  5 
HETATM 1974 C CD  . DNE B 1 9  ? -6.065  -10.343 -4.026  1.00 1.00 ? 9  DNE B CD  5 
HETATM 1975 C CE  . DNE B 1 9  ? -6.814  -10.961 -5.211  1.00 1.00 ? 9  DNE B CE  5 
HETATM 1976 H H   . DNE B 1 9  ? -6.346  -7.034  -2.028  1.00 1.00 ? 9  DNE B H   5 
HETATM 1977 H HA  . DNE B 1 9  ? -8.911  -7.648  -2.625  1.00 1.00 ? 9  DNE B HA  5 
HETATM 1978 H HB2 . DNE B 1 9  ? -8.071  -8.508  -4.822  1.00 1.00 ? 9  DNE B HB2 5 
HETATM 1979 H HB3 . DNE B 1 9  ? -6.526  -7.694  -4.519  1.00 1.00 ? 9  DNE B HB3 5 
HETATM 1980 H HG2 . DNE B 1 9  ? -6.337  -9.041  -2.364  1.00 1.00 ? 9  DNE B HG2 5 
HETATM 1981 H HG3 . DNE B 1 9  ? -7.807  -9.902  -2.834  1.00 1.00 ? 9  DNE B HG3 5 
HETATM 1982 H HD2 . DNE B 1 9  ? -5.176  -9.825  -4.388  1.00 1.00 ? 9  DNE B HD2 5 
HETATM 1983 H HD3 . DNE B 1 9  ? -5.744  -11.150 -3.363  1.00 1.00 ? 9  DNE B HD3 5 
HETATM 1984 H HE1 . DNE B 1 9  ? -7.038  -10.202 -5.960  1.00 1.00 ? 9  DNE B HE1 5 
HETATM 1985 H HE2 . DNE B 1 9  ? -6.187  -11.726 -5.671  1.00 1.00 ? 9  DNE B HE2 5 
HETATM 1986 H HE3 . DNE B 1 9  ? -7.741  -11.422 -4.868  1.00 1.00 ? 9  DNE B HE3 5 
HETATM 1987 N N   . NLO B 1 10 ? -8.046  -5.219  -4.702  1.00 1.00 ? 10 NLO B N   5 
HETATM 1988 C CA  . NLO B 1 10 ? -8.526  -4.106  -5.505  1.00 1.00 ? 10 NLO B CA  5 
HETATM 1989 C C   . NLO B 1 10 ? -7.385  -3.695  -6.434  1.00 1.00 ? 10 NLO B C   5 
HETATM 1990 O O   . NLO B 1 10 ? -6.235  -3.992  -6.114  1.00 1.00 ? 10 NLO B O   5 
HETATM 1991 C CB  . NLO B 1 10 ? -8.954  -2.979  -4.550  1.00 1.00 ? 10 NLO B CB  5 
HETATM 1992 C CG  . NLO B 1 10 ? -9.361  -1.674  -5.247  1.00 1.00 ? 10 NLO B CG  5 
HETATM 1993 C CD  . NLO B 1 10 ? -9.702  -0.572  -4.235  1.00 1.00 ? 10 NLO B CD  5 
HETATM 1994 C CE  . NLO B 1 10 ? -10.953 -0.887  -3.411  1.00 1.00 ? 10 NLO B CE  5 
HETATM 1995 O OXT . NLO B 1 10 ? -7.738  -3.021  -7.573  1.00 1.00 ? 10 NLO B OXT 5 
HETATM 1996 C C1  . NLO B 1 10 ? -6.615  -2.638  -8.350  1.00 1.00 ? 10 NLO B C1  5 
HETATM 1997 H H   . NLO B 1 10 ? -7.042  -5.304  -4.619  1.00 1.00 ? 10 NLO B H   5 
HETATM 1998 H HA  . NLO B 1 10 ? -9.379  -4.419  -6.110  1.00 1.00 ? 10 NLO B HA  5 
HETATM 1999 H HB2 . NLO B 1 10 ? -9.799  -3.346  -3.968  1.00 1.00 ? 10 NLO B HB2 5 
HETATM 2000 H HB3 . NLO B 1 10 ? -8.136  -2.775  -3.860  1.00 1.00 ? 10 NLO B HB3 5 
HETATM 2001 H HG2 . NLO B 1 10 ? -8.530  -1.304  -5.846  1.00 1.00 ? 10 NLO B HG2 5 
HETATM 2002 H HG3 . NLO B 1 10 ? -10.215 -1.854  -5.900  1.00 1.00 ? 10 NLO B HG3 5 
HETATM 2003 H HD2 . NLO B 1 10 ? -8.857  -0.422  -3.562  1.00 1.00 ? 10 NLO B HD2 5 
HETATM 2004 H HD3 . NLO B 1 10 ? -9.877  0.355   -4.783  1.00 1.00 ? 10 NLO B HD3 5 
HETATM 2005 H HE1 . NLO B 1 10 ? -11.214 -0.018  -2.807  1.00 1.00 ? 10 NLO B HE1 5 
HETATM 2006 H HE2 . NLO B 1 10 ? -11.787 -1.124  -4.072  1.00 1.00 ? 10 NLO B HE2 5 
HETATM 2007 H HE3 . NLO B 1 10 ? -10.770 -1.728  -2.741  1.00 1.00 ? 10 NLO B HE3 5 
HETATM 2008 H H11 . NLO B 1 10 ? -5.927  -2.032  -7.755  1.00 1.00 ? 10 NLO B H11 5 
HETATM 2009 H H12 . NLO B 1 10 ? -6.959  -2.048  -9.200  1.00 1.00 ? 10 NLO B H12 5 
HETATM 2010 H H13 . NLO B 1 10 ? -6.092  -3.520  -8.722  1.00 1.00 ? 10 NLO B H13 5 
# 
loop_
_pdbx_poly_seq_scheme.asym_id 
_pdbx_poly_seq_scheme.entity_id 
_pdbx_poly_seq_scheme.seq_id 
_pdbx_poly_seq_scheme.mon_id 
_pdbx_poly_seq_scheme.ndb_seq_num 
_pdbx_poly_seq_scheme.pdb_seq_num 
_pdbx_poly_seq_scheme.auth_seq_num 
_pdbx_poly_seq_scheme.pdb_mon_id 
_pdbx_poly_seq_scheme.auth_mon_id 
_pdbx_poly_seq_scheme.pdb_strand_id 
_pdbx_poly_seq_scheme.pdb_ins_code 
_pdbx_poly_seq_scheme.hetero 
A 1 1  DNG 1  1  2  DNG DNE A . n 
A 1 2  NLE 2  2  3  NLE NLE A . n 
A 1 3  DNE 3  3  4  DNE DNE A . n 
A 1 4  NLE 4  4  5  NLE NLE A . n 
A 1 5  DNE 5  5  6  DNE DNE A . n 
A 1 6  NLE 6  6  7  NLE NLE A . n 
A 1 7  DNM 7  7  8  DNM DNM A . n 
A 1 8  NLE 8  8  9  NLE NLE A . n 
A 1 9  DNE 9  9  10 DNE DNE A . n 
A 1 10 NLO 10 10 11 NLO NLE A . n 
B 1 1  DNG 1  1  2  DNG DNE B . n 
B 1 2  NLE 2  2  3  NLE NLE B . n 
B 1 3  DNE 3  3  4  DNE DNE B . n 
B 1 4  NLE 4  4  5  NLE NLE B . n 
B 1 5  DNE 5  5  6  DNE DNE B . n 
B 1 6  NLE 6  6  7  NLE NLE B . n 
B 1 7  DNM 7  7  8  DNM DNM B . n 
B 1 8  NLE 8  8  9  NLE NLE B . n 
B 1 9  DNE 9  9  10 DNE DNE B . n 
B 1 10 NLO 10 10 11 NLO NLE B . n 
# 
_pdbx_molecule_features.prd_id    PRD_000108 
_pdbx_molecule_features.name      'HCO-(D-NLE-L-NLE)3-D-MENLE-L-NLE-D-NLE-L-NLE-OME' 
_pdbx_molecule_features.type      Polypeptide 
_pdbx_molecule_features.class     Antibiotic 
_pdbx_molecule_features.details   ? 
# 
_pdbx_molecule.instance_id   1 
_pdbx_molecule.prd_id        PRD_000108 
_pdbx_molecule.asym_id       A 
# 
loop_
_pdbx_struct_mod_residue.id 
_pdbx_struct_mod_residue.label_asym_id 
_pdbx_struct_mod_residue.label_comp_id 
_pdbx_struct_mod_residue.label_seq_id 
_pdbx_struct_mod_residue.auth_asym_id 
_pdbx_struct_mod_residue.auth_comp_id 
_pdbx_struct_mod_residue.auth_seq_id 
_pdbx_struct_mod_residue.PDB_ins_code 
_pdbx_struct_mod_residue.parent_comp_id 
_pdbx_struct_mod_residue.details 
1  A NLE 2  A NLE 2  ? LEU NORLEUCINE            
2  A NLE 4  A NLE 4  ? LEU NORLEUCINE            
3  A NLE 6  A NLE 6  ? LEU NORLEUCINE            
4  A NLE 8  A NLE 8  ? LEU NORLEUCINE            
5  A NLO 10 A NLO 10 ? LEU O-METHYL-L-NORLEUCINE 
6  B NLE 2  B NLE 2  ? LEU NORLEUCINE            
7  B NLE 4  B NLE 4  ? LEU NORLEUCINE            
8  B NLE 6  B NLE 6  ? LEU NORLEUCINE            
9  B NLE 8  B NLE 8  ? LEU NORLEUCINE            
10 B NLO 10 B NLO 10 ? LEU O-METHYL-L-NORLEUCINE 
# 
_pdbx_struct_assembly.id                   1 
_pdbx_struct_assembly.details              author_defined_assembly 
_pdbx_struct_assembly.method_details       ? 
_pdbx_struct_assembly.oligomeric_details   dimeric 
_pdbx_struct_assembly.oligomeric_count     2 
# 
_pdbx_struct_assembly_gen.assembly_id       1 
_pdbx_struct_assembly_gen.oper_expression   1 
_pdbx_struct_assembly_gen.asym_id_list      A,B 
# 
_pdbx_struct_oper_list.id                   1 
_pdbx_struct_oper_list.type                 'identity operation' 
_pdbx_struct_oper_list.name                 1_555 
_pdbx_struct_oper_list.symmetry_operation   x,y,z 
_pdbx_struct_oper_list.matrix[1][1]         1.0000000000 
_pdbx_struct_oper_list.matrix[1][2]         0.0000000000 
_pdbx_struct_oper_list.matrix[1][3]         0.0000000000 
_pdbx_struct_oper_list.vector[1]            0.0000000000 
_pdbx_struct_oper_list.matrix[2][1]         0.0000000000 
_pdbx_struct_oper_list.matrix[2][2]         1.0000000000 
_pdbx_struct_oper_list.matrix[2][3]         0.0000000000 
_pdbx_struct_oper_list.vector[2]            0.0000000000 
_pdbx_struct_oper_list.matrix[3][1]         0.0000000000 
_pdbx_struct_oper_list.matrix[3][2]         0.0000000000 
_pdbx_struct_oper_list.matrix[3][3]         1.0000000000 
_pdbx_struct_oper_list.vector[3]            0.0000000000 
# 
loop_
_pdbx_audit_revision_history.ordinal 
_pdbx_audit_revision_history.data_content_type 
_pdbx_audit_revision_history.major_revision 
_pdbx_audit_revision_history.minor_revision 
_pdbx_audit_revision_history.revision_date 
1 'Structure model' 1 0 2004-02-24 
2 'Structure model' 1 1 2008-04-29 
3 'Structure model' 1 2 2011-07-13 
4 'Structure model' 1 3 2012-09-19 
5 'Structure model' 1 4 2012-12-12 
6 'Structure model' 1 5 2022-02-09 
7 'Structure model' 2 0 2023-11-15 
# 
_pdbx_audit_revision_details.ordinal             1 
_pdbx_audit_revision_details.revision_ordinal    1 
_pdbx_audit_revision_details.data_content_type   'Structure model' 
_pdbx_audit_revision_details.provider            repository 
_pdbx_audit_revision_details.type                'Initial release' 
_pdbx_audit_revision_details.description         ? 
_pdbx_audit_revision_details.details             ? 
# 
loop_
_pdbx_audit_revision_group.ordinal 
_pdbx_audit_revision_group.revision_ordinal 
_pdbx_audit_revision_group.data_content_type 
_pdbx_audit_revision_group.group 
1  2 'Structure model' 'Version format compliance' 
2  3 'Structure model' 'Version format compliance' 
3  4 'Structure model' 'Structure summary'         
4  5 'Structure model' Other                       
5  6 'Structure model' 'Data collection'           
6  6 'Structure model' 'Database references'       
7  6 'Structure model' 'Derived calculations'      
8  7 'Structure model' 'Atomic model'              
9  7 'Structure model' 'Data collection'           
10 7 'Structure model' 'Derived calculations'      
# 
loop_
_pdbx_audit_revision_category.ordinal 
_pdbx_audit_revision_category.revision_ordinal 
_pdbx_audit_revision_category.data_content_type 
_pdbx_audit_revision_category.category 
1 6 'Structure model' database_2            
2 6 'Structure model' pdbx_nmr_software     
3 6 'Structure model' pdbx_nmr_spectrometer 
4 6 'Structure model' struct_conn           
5 7 'Structure model' atom_site             
6 7 'Structure model' chem_comp_atom        
7 7 'Structure model' chem_comp_bond        
8 7 'Structure model' struct_conn           
# 
loop_
_pdbx_audit_revision_item.ordinal 
_pdbx_audit_revision_item.revision_ordinal 
_pdbx_audit_revision_item.data_content_type 
_pdbx_audit_revision_item.item 
1  6 'Structure model' '_database_2.pdbx_DOI'                
2  6 'Structure model' '_database_2.pdbx_database_accession' 
3  6 'Structure model' '_pdbx_nmr_software.name'             
4  6 'Structure model' '_pdbx_nmr_spectrometer.model'        
5  6 'Structure model' '_struct_conn.pdbx_dist_value'        
6  6 'Structure model' '_struct_conn.pdbx_leaving_atom_flag' 
7  6 'Structure model' '_struct_conn.ptnr1_auth_asym_id'     
8  6 'Structure model' '_struct_conn.ptnr1_auth_comp_id'     
9  6 'Structure model' '_struct_conn.ptnr1_auth_seq_id'      
10 6 'Structure model' '_struct_conn.ptnr1_label_asym_id'    
11 6 'Structure model' '_struct_conn.ptnr1_label_comp_id'    
12 6 'Structure model' '_struct_conn.ptnr1_label_seq_id'     
13 6 'Structure model' '_struct_conn.ptnr2_auth_asym_id'     
14 6 'Structure model' '_struct_conn.ptnr2_auth_comp_id'     
15 6 'Structure model' '_struct_conn.ptnr2_auth_seq_id'      
16 6 'Structure model' '_struct_conn.ptnr2_label_asym_id'    
17 6 'Structure model' '_struct_conn.ptnr2_label_comp_id'    
18 6 'Structure model' '_struct_conn.ptnr2_label_seq_id'     
19 7 'Structure model' '_atom_site.auth_atom_id'             
20 7 'Structure model' '_atom_site.label_atom_id'            
21 7 'Structure model' '_struct_conn.pdbx_leaving_atom_flag' 
# 
loop_
_pdbx_validate_torsion.id 
_pdbx_validate_torsion.PDB_model_num 
_pdbx_validate_torsion.auth_comp_id 
_pdbx_validate_torsion.auth_asym_id 
_pdbx_validate_torsion.auth_seq_id 
_pdbx_validate_torsion.PDB_ins_code 
_pdbx_validate_torsion.label_alt_id 
_pdbx_validate_torsion.phi 
_pdbx_validate_torsion.psi 
1  1 NLE A 8 ? ? -66.24 74.31  
2  2 DNE A 3 ? ? 114.20 -72.09 
3  2 DNE A 5 ? ? 159.82 -61.42 
4  2 DNE B 3 ? ? 109.79 -75.93 
5  3 DNM B 7 ? ? 145.30 -55.01 
6  4 DNM A 7 ? ? 140.93 -38.95 
7  4 NLE A 8 ? ? -68.02 69.67  
8  4 DNM B 7 ? ? 145.82 -43.71 
9  4 NLE B 8 ? ? -69.09 60.76  
10 5 DNM A 7 ? ? 144.44 -42.66 
11 5 NLE A 8 ? ? -66.38 72.66  
12 5 DNE A 9 ? ? 76.21  -39.57 
13 5 DNM B 7 ? ? 144.86 -46.47 
14 5 NLE B 8 ? ? -69.25 60.30  
# 
loop_
_chem_comp_atom.comp_id 
_chem_comp_atom.atom_id 
_chem_comp_atom.type_symbol 
_chem_comp_atom.pdbx_aromatic_flag 
_chem_comp_atom.pdbx_stereo_config 
_chem_comp_atom.pdbx_ordinal 
DNE N   N N N 1   
DNE CA  C N R 2   
DNE C   C N N 3   
DNE O   O N N 4   
DNE CB  C N N 5   
DNE CG  C N N 6   
DNE CD  C N N 7   
DNE CE  C N N 8   
DNE OXT O N N 9   
DNE H   H N N 10  
DNE H2  H N N 11  
DNE HA  H N N 12  
DNE HB2 H N N 13  
DNE HB3 H N N 14  
DNE HG2 H N N 15  
DNE HG3 H N N 16  
DNE HD2 H N N 17  
DNE HD3 H N N 18  
DNE HE1 H N N 19  
DNE HE2 H N N 20  
DNE HE3 H N N 21  
DNE HXT H N N 22  
DNG C   C N N 23  
DNG N   N N N 24  
DNG O   O N N 25  
DNG C1  C N N 26  
DNG O1  O N N 27  
DNG CA  C N R 28  
DNG CB  C N N 29  
DNG CD  C N N 30  
DNG CE  C N N 31  
DNG CG  C N N 32  
DNG OXT O N N 33  
DNG H   H N N 34  
DNG HC1 H N N 35  
DNG HA  H N N 36  
DNG HB  H N N 37  
DNG HBA H N N 38  
DNG HD  H N N 39  
DNG HDA H N N 40  
DNG HE  H N N 41  
DNG HEA H N N 42  
DNG HEB H N N 43  
DNG HG  H N N 44  
DNG HGA H N N 45  
DNG HXT H N N 46  
DNM C   C N N 47  
DNM N   N N N 48  
DNM O   O N N 49  
DNM C1  C N N 50  
DNM CA  C N R 51  
DNM CB  C N N 52  
DNM CD  C N N 53  
DNM CE  C N N 54  
DNM CG  C N N 55  
DNM OXT O N N 56  
DNM HA  H N N 57  
DNM HB  H N N 58  
DNM HBA H N N 59  
DNM H1  H N N 60  
DNM H1A H N N 61  
DNM H1B H N N 62  
DNM HD  H N N 63  
DNM HDA H N N 64  
DNM HE  H N N 65  
DNM HEA H N N 66  
DNM HEB H N N 67  
DNM HG  H N N 68  
DNM HGA H N N 69  
DNM H   H N N 70  
DNM HXT H N N 71  
NLE N   N N N 72  
NLE CA  C N S 73  
NLE C   C N N 74  
NLE O   O N N 75  
NLE OXT O N N 76  
NLE CB  C N N 77  
NLE CG  C N N 78  
NLE CD  C N N 79  
NLE CE  C N N 80  
NLE H   H N N 81  
NLE H2  H N N 82  
NLE HA  H N N 83  
NLE HXT H N N 84  
NLE HB2 H N N 85  
NLE HB3 H N N 86  
NLE HG2 H N N 87  
NLE HG3 H N N 88  
NLE HD2 H N N 89  
NLE HD3 H N N 90  
NLE HE1 H N N 91  
NLE HE2 H N N 92  
NLE HE3 H N N 93  
NLO N   N N N 94  
NLO CA  C N S 95  
NLO C   C N N 96  
NLO O   O N N 97  
NLO CB  C N N 98  
NLO CG  C N N 99  
NLO CD  C N N 100 
NLO CE  C N N 101 
NLO OXT O N N 102 
NLO C1  C N N 103 
NLO H   H N N 104 
NLO H2  H N N 105 
NLO HA  H N N 106 
NLO HB2 H N N 107 
NLO HB3 H N N 108 
NLO HG2 H N N 109 
NLO HG3 H N N 110 
NLO HD2 H N N 111 
NLO HD3 H N N 112 
NLO HE1 H N N 113 
NLO HE2 H N N 114 
NLO HE3 H N N 115 
NLO H11 H N N 116 
NLO H12 H N N 117 
NLO H13 H N N 118 
# 
loop_
_chem_comp_bond.comp_id 
_chem_comp_bond.atom_id_1 
_chem_comp_bond.atom_id_2 
_chem_comp_bond.value_order 
_chem_comp_bond.pdbx_aromatic_flag 
_chem_comp_bond.pdbx_stereo_config 
_chem_comp_bond.pdbx_ordinal 
DNE N   CA  sing N N 1   
DNE N   H   sing N N 2   
DNE N   H2  sing N N 3   
DNE CA  C   sing N N 4   
DNE CA  CB  sing N N 5   
DNE CA  HA  sing N N 6   
DNE C   O   doub N N 7   
DNE C   OXT sing N N 8   
DNE CB  CG  sing N N 9   
DNE CB  HB2 sing N N 10  
DNE CB  HB3 sing N N 11  
DNE CG  CD  sing N N 12  
DNE CG  HG2 sing N N 13  
DNE CG  HG3 sing N N 14  
DNE CD  CE  sing N N 15  
DNE CD  HD2 sing N N 16  
DNE CD  HD3 sing N N 17  
DNE CE  HE1 sing N N 18  
DNE CE  HE2 sing N N 19  
DNE CE  HE3 sing N N 20  
DNE OXT HXT sing N N 21  
DNG O   C   doub N N 22  
DNG C   CA  sing N N 23  
DNG C   OXT sing N N 24  
DNG CA  N   sing N N 25  
DNG N   H   sing N N 26  
DNG N   C1  sing N N 27  
DNG O1  C1  doub N N 28  
DNG C1  HC1 sing N N 29  
DNG CB  CA  sing N N 30  
DNG HA  CA  sing N N 31  
DNG HB  CB  sing N N 32  
DNG HBA CB  sing N N 33  
DNG CB  CG  sing N N 34  
DNG HDA CD  sing N N 35  
DNG CE  CD  sing N N 36  
DNG CD  HD  sing N N 37  
DNG CD  CG  sing N N 38  
DNG HEB CE  sing N N 39  
DNG HEA CE  sing N N 40  
DNG CE  HE  sing N N 41  
DNG CG  HGA sing N N 42  
DNG CG  HG  sing N N 43  
DNG OXT HXT sing N N 44  
DNM OXT C   sing N N 45  
DNM O   C   doub N N 46  
DNM C   CA  sing N N 47  
DNM CA  N   sing N N 48  
DNM C1  N   sing N N 49  
DNM N   H   sing N N 50  
DNM OXT HXT sing N N 51  
DNM H1  C1  sing N N 52  
DNM C1  H1B sing N N 53  
DNM C1  H1A sing N N 54  
DNM CB  CA  sing N N 55  
DNM CA  HA  sing N N 56  
DNM HB  CB  sing N N 57  
DNM HBA CB  sing N N 58  
DNM CB  CG  sing N N 59  
DNM CE  CD  sing N N 60  
DNM HDA CD  sing N N 61  
DNM CD  HD  sing N N 62  
DNM CD  CG  sing N N 63  
DNM HEA CE  sing N N 64  
DNM HEB CE  sing N N 65  
DNM CE  HE  sing N N 66  
DNM CG  HGA sing N N 67  
DNM CG  HG  sing N N 68  
NLE N   CA  sing N N 69  
NLE N   H   sing N N 70  
NLE N   H2  sing N N 71  
NLE CA  C   sing N N 72  
NLE CA  CB  sing N N 73  
NLE CA  HA  sing N N 74  
NLE C   O   doub N N 75  
NLE C   OXT sing N N 76  
NLE OXT HXT sing N N 77  
NLE CB  CG  sing N N 78  
NLE CB  HB2 sing N N 79  
NLE CB  HB3 sing N N 80  
NLE CG  CD  sing N N 81  
NLE CG  HG2 sing N N 82  
NLE CG  HG3 sing N N 83  
NLE CD  CE  sing N N 84  
NLE CD  HD2 sing N N 85  
NLE CD  HD3 sing N N 86  
NLE CE  HE1 sing N N 87  
NLE CE  HE2 sing N N 88  
NLE CE  HE3 sing N N 89  
NLO N   CA  sing N N 90  
NLO N   H   sing N N 91  
NLO N   H2  sing N N 92  
NLO CA  C   sing N N 93  
NLO CA  CB  sing N N 94  
NLO CA  HA  sing N N 95  
NLO C   O   doub N N 96  
NLO C   OXT sing N N 97  
NLO CB  CG  sing N N 98  
NLO CB  HB2 sing N N 99  
NLO CB  HB3 sing N N 100 
NLO CG  CD  sing N N 101 
NLO CG  HG2 sing N N 102 
NLO CG  HG3 sing N N 103 
NLO CD  CE  sing N N 104 
NLO CD  HD2 sing N N 105 
NLO CD  HD3 sing N N 106 
NLO CE  HE1 sing N N 107 
NLO CE  HE2 sing N N 108 
NLO CE  HE3 sing N N 109 
NLO OXT C1  sing N N 110 
NLO C1  H11 sing N N 111 
NLO C1  H12 sing N N 112 
NLO C1  H13 sing N N 113 
# 
